data_7OP6
#
_entry.id   7OP6
#
_cell.length_a   91.920
_cell.length_b   116.858
_cell.length_c   100.844
_cell.angle_alpha   90.000
_cell.angle_beta   114.150
_cell.angle_gamma   90.000
#
_symmetry.space_group_name_H-M   'P 1 21 1'
#
loop_
_entity.id
_entity.type
_entity.pdbx_description
1 polymer Beta-mannosidase
2 non-polymer 'BROMIDE ION'
3 non-polymer 1,2-ETHANEDIOL
4 non-polymer 'CHLORIDE ION'
5 non-polymer 'SODIUM ION'
6 non-polymer 'beta-D-manno-configured cyclophellitol aziridine, reacted form'
7 non-polymer 'beta-D-manno-configured cyclophellitol aziridine'
8 non-polymer (1~{R},2~{R},3~{S},4~{R},5~{R},6~{R})-5-(hydroxymethyl)-7-azabicyclo[4.1.0]heptane-2,3,4-triol
9 water water
#
_entity_poly.entity_id   1
_entity_poly.type   'polypeptide(L)'
_entity_poly.pdbx_seq_one_letter_code
;MGQGNDTSEVMLLDTGWEFSQSGTEKWMPATVPGTVHQDLISHELLPNPFYGMNEKKIQWVENEDWEYRTSFIVSEEQLN
RDGIQLIFEGLDTYADVYLNGSLLLKADNMFVGYTLPVKSVLRKGENHLYIYFHSPIRQTLPQYASNGFNYPADNDHHEK
HLSVFSRKAPYSYGWDWGIRMVTSGVWRPVTLRFYDIATISDYYVRQLSLTDENARLSNELIVNQIVPQKIPAEVRVNVS
LNGTTVTEVKQQVTLQPGINHITLPAEVTNPVRWMPNGWGTPTLYDFSAQIACGDRIVAEQSHRIGLRTIRVVNEKDKDG
ESFYFEVNGIPMFAKGANYIPQDALLPNVTTERYQTLFRDMKEANMNMVRIWGGGTYENNLFYDLADENGILVWQDFMFA
CTPYPSDPTFLKRVEAEAVYNIRRLRNHASLAMWCGNNEILEALKYWGFEKKFTPEVYQGLMHGYDKLFRELLPSTVKEF
DSDRFYVHSSPYLANWGRPESWGTGDSHNWGVWYGKKPFESLDTDLPRFMSEFGFQSFPEMKTIAAFAAPEDYQIESEVM
NAHQKSSIGNSLIRTYMERDYIIPESFEDFVYVGLVLQGQGMRHGLEAHRRNRPYCMGTLYWQLNDSWPVVSWSSIDYYG
NWKALHYQAKRAFAPVLINPIQQNDSLSVYLISDRLDTMEQMTLEMKVVDFDGKTLGKKIQVHSLEVPANTSKCVYRAKL
DGWLTPEDCRRSFLKLILKDKSGHQVAESVHFFRKTKDLQLPPTSVSYQMKQTDGKCELTLFSSMLAKDIFIETPLQGAR
YSDNFFDLLPGERKKVIITSPRIKKGEELPVNIKHIRETYKLEHHHHHH
;
_entity_poly.pdbx_strand_id   A,B
#
loop_
_chem_comp.id
_chem_comp.type
_chem_comp.name
_chem_comp.formula
BR non-polymer 'BROMIDE ION' 'Br -1'
CL non-polymer 'CHLORIDE ION' 'Cl -1'
EDO non-polymer 1,2-ETHANEDIOL 'C2 H6 O2'
JIT non-polymer 'beta-D-manno-configured cyclophellitol aziridine' 'C7 H13 N O4'
JIW non-polymer 'beta-D-manno-configured cyclophellitol aziridine, reacted form' 'C7 H15 N O5'
NA non-polymer 'SODIUM ION' 'Na 1'
VKH non-polymer (1~{R},2~{R},3~{S},4~{R},5~{R},6~{R})-5-(hydroxymethyl)-7-azabicyclo[4.1.0]heptane-2,3,4-triol 'C7 H16 N O4 1'
#
# COMPACT_ATOMS: atom_id res chain seq x y z
N GLY A 4 -22.63 0.37 -8.27
CA GLY A 4 -21.51 1.26 -7.96
C GLY A 4 -21.57 2.52 -8.81
N ASN A 5 -20.90 2.50 -9.97
CA ASN A 5 -20.93 3.56 -11.01
C ASN A 5 -22.29 3.49 -11.71
N ASP A 6 -23.32 4.12 -11.12
CA ASP A 6 -24.70 4.24 -11.68
C ASP A 6 -25.32 5.55 -11.16
N THR A 7 -26.59 5.82 -11.45
CA THR A 7 -27.22 7.13 -11.10
C THR A 7 -27.78 7.12 -9.67
N SER A 8 -27.57 6.07 -8.89
CA SER A 8 -28.09 6.01 -7.49
C SER A 8 -27.31 7.00 -6.61
N GLU A 9 -27.90 7.52 -5.54
CA GLU A 9 -27.19 8.28 -4.48
C GLU A 9 -27.28 7.49 -3.19
N VAL A 10 -26.16 7.37 -2.49
CA VAL A 10 -26.08 6.65 -1.19
C VAL A 10 -25.68 7.66 -0.11
N MET A 11 -26.45 7.69 0.97
CA MET A 11 -26.24 8.45 2.22
C MET A 11 -25.88 7.44 3.32
N LEU A 12 -24.71 7.59 3.95
CA LEU A 12 -24.30 6.75 5.11
C LEU A 12 -24.90 7.38 6.38
N LEU A 13 -25.66 6.63 7.18
CA LEU A 13 -26.14 7.12 8.51
C LEU A 13 -25.14 6.70 9.60
N ASP A 14 -23.97 7.35 9.60
CA ASP A 14 -22.82 6.98 10.46
C ASP A 14 -22.52 8.12 11.45
N THR A 15 -23.37 9.15 11.55
CA THR A 15 -23.16 10.32 12.44
C THR A 15 -24.47 10.75 13.09
N GLY A 16 -24.38 11.37 14.27
CA GLY A 16 -25.52 12.04 14.93
C GLY A 16 -26.29 11.08 15.80
N TRP A 17 -25.75 9.91 16.11
CA TRP A 17 -26.47 8.87 16.92
C TRP A 17 -26.33 9.18 18.40
N GLU A 18 -27.41 8.92 19.17
CA GLU A 18 -27.44 8.95 20.66
C GLU A 18 -27.93 7.60 21.21
N PHE A 19 -27.55 7.25 22.44
CA PHE A 19 -28.03 6.03 23.14
C PHE A 19 -28.54 6.36 24.54
N SER A 20 -29.36 5.47 25.09
CA SER A 20 -29.94 5.59 26.46
C SER A 20 -30.16 4.20 27.07
N GLN A 21 -29.79 4.02 28.33
CA GLN A 21 -30.28 2.88 29.14
C GLN A 21 -31.79 3.03 29.30
N SER A 22 -32.60 2.10 28.80
CA SER A 22 -34.08 2.20 28.72
C SER A 22 -34.65 2.48 30.11
N GLY A 23 -35.59 3.41 30.20
CA GLY A 23 -36.31 3.75 31.45
C GLY A 23 -35.65 4.87 32.24
N THR A 24 -34.52 5.41 31.78
CA THR A 24 -33.76 6.50 32.45
C THR A 24 -34.06 7.85 31.80
N GLU A 25 -34.39 7.85 30.51
CA GLU A 25 -34.56 9.06 29.66
C GLU A 25 -33.29 9.95 29.60
N LYS A 26 -32.13 9.47 30.06
N LYS A 26 -32.13 9.46 30.05
CA LYS A 26 -30.83 10.16 29.87
CA LYS A 26 -30.81 10.13 29.88
C LYS A 26 -30.22 9.71 28.53
C LYS A 26 -30.20 9.70 28.53
N TRP A 27 -29.91 10.65 27.64
CA TRP A 27 -29.28 10.38 26.32
C TRP A 27 -27.85 10.93 26.28
N MET A 28 -26.95 10.25 25.54
CA MET A 28 -25.54 10.66 25.32
C MET A 28 -25.10 10.26 23.91
N PRO A 29 -24.05 10.93 23.35
CA PRO A 29 -23.55 10.61 22.01
C PRO A 29 -23.03 9.17 21.91
N ALA A 30 -23.30 8.54 20.77
CA ALA A 30 -22.82 7.17 20.45
C ALA A 30 -22.07 7.18 19.12
N THR A 31 -21.29 6.12 18.90
CA THR A 31 -20.59 5.85 17.62
C THR A 31 -21.24 4.65 16.95
N VAL A 32 -21.58 4.77 15.67
CA VAL A 32 -22.24 3.69 14.87
C VAL A 32 -21.56 3.57 13.52
N PRO A 33 -21.14 2.34 13.09
CA PRO A 33 -21.35 1.11 13.86
C PRO A 33 -20.60 1.08 15.20
N GLY A 34 -21.11 0.27 16.14
CA GLY A 34 -20.54 0.12 17.49
C GLY A 34 -21.35 -0.79 18.39
N THR A 35 -21.06 -0.72 19.69
CA THR A 35 -21.62 -1.60 20.74
C THR A 35 -22.06 -0.76 21.93
N VAL A 36 -23.09 -1.22 22.65
CA VAL A 36 -23.49 -0.65 23.97
C VAL A 36 -22.23 -0.50 24.86
N HIS A 37 -21.46 -1.56 25.02
CA HIS A 37 -20.24 -1.56 25.89
C HIS A 37 -19.26 -0.45 25.49
N GLN A 38 -18.89 -0.33 24.20
CA GLN A 38 -17.91 0.70 23.76
C GLN A 38 -18.48 2.10 24.04
N ASP A 39 -19.79 2.32 23.82
CA ASP A 39 -20.47 3.62 24.08
C ASP A 39 -20.37 3.97 25.58
N LEU A 40 -20.61 3.01 26.48
CA LEU A 40 -20.44 3.20 27.94
C LEU A 40 -18.98 3.55 28.27
N ILE A 41 -18.01 2.74 27.81
CA ILE A 41 -16.54 2.95 28.04
C ILE A 41 -16.16 4.39 27.65
N SER A 42 -16.68 4.89 26.52
CA SER A 42 -16.28 6.21 25.97
C SER A 42 -16.69 7.34 26.93
N HIS A 43 -17.66 7.12 27.82
CA HIS A 43 -18.15 8.12 28.80
C HIS A 43 -17.77 7.71 30.24
N GLU A 44 -16.79 6.80 30.39
CA GLU A 44 -16.29 6.26 31.69
C GLU A 44 -17.49 5.78 32.54
N LEU A 45 -18.46 5.11 31.92
CA LEU A 45 -19.58 4.43 32.63
C LEU A 45 -19.30 2.94 32.79
N LEU A 46 -18.17 2.44 32.26
CA LEU A 46 -17.63 1.10 32.59
C LEU A 46 -16.14 1.27 32.77
N PRO A 47 -15.49 0.45 33.63
CA PRO A 47 -14.03 0.44 33.69
C PRO A 47 -13.55 -0.32 32.46
N ASN A 48 -12.24 -0.44 32.31
CA ASN A 48 -11.58 -1.24 31.24
C ASN A 48 -11.96 -2.69 31.46
N PRO A 49 -12.77 -3.28 30.53
CA PRO A 49 -13.32 -4.62 30.74
C PRO A 49 -12.23 -5.70 30.87
N PHE A 50 -11.05 -5.43 30.32
CA PHE A 50 -9.92 -6.37 30.14
C PHE A 50 -8.94 -6.35 31.32
N TYR A 51 -9.02 -5.40 32.26
CA TYR A 51 -7.97 -5.25 33.32
C TYR A 51 -8.32 -6.08 34.55
N GLY A 52 -7.33 -6.78 35.10
CA GLY A 52 -7.39 -7.42 36.43
C GLY A 52 -8.63 -8.28 36.62
N MET A 53 -9.51 -7.89 37.55
CA MET A 53 -10.73 -8.64 37.94
C MET A 53 -12.00 -7.96 37.44
N ASN A 54 -11.92 -7.06 36.46
CA ASN A 54 -13.07 -6.20 36.01
C ASN A 54 -14.14 -7.02 35.27
N GLU A 55 -13.90 -8.30 34.94
CA GLU A 55 -14.92 -9.08 34.18
C GLU A 55 -16.25 -9.06 34.94
N LYS A 56 -16.21 -9.31 36.25
CA LYS A 56 -17.43 -9.38 37.12
C LYS A 56 -18.15 -8.02 37.11
N LYS A 57 -17.38 -6.94 37.06
CA LYS A 57 -17.87 -5.54 37.24
C LYS A 57 -18.68 -5.03 36.02
N ILE A 58 -18.71 -5.75 34.90
CA ILE A 58 -19.40 -5.26 33.66
C ILE A 58 -20.56 -6.18 33.28
N GLN A 59 -20.81 -7.26 34.03
CA GLN A 59 -21.89 -8.22 33.69
C GLN A 59 -23.27 -7.53 33.70
N TRP A 60 -23.50 -6.46 34.49
CA TRP A 60 -24.86 -5.84 34.65
C TRP A 60 -25.42 -5.37 33.30
N VAL A 61 -24.58 -5.02 32.34
CA VAL A 61 -25.06 -4.40 31.06
C VAL A 61 -26.04 -5.36 30.34
N GLU A 62 -25.83 -6.68 30.43
CA GLU A 62 -26.60 -7.72 29.66
C GLU A 62 -28.04 -7.81 30.17
N ASN A 63 -28.36 -7.28 31.36
CA ASN A 63 -29.72 -7.33 31.96
C ASN A 63 -30.53 -6.08 31.58
N GLU A 64 -29.92 -5.02 31.07
CA GLU A 64 -30.68 -3.78 30.70
C GLU A 64 -31.07 -3.84 29.22
N ASP A 65 -32.13 -3.11 28.85
CA ASP A 65 -32.51 -2.81 27.44
C ASP A 65 -31.83 -1.49 27.04
N TRP A 66 -31.63 -1.27 25.72
CA TRP A 66 -30.88 -0.10 25.19
C TRP A 66 -31.54 0.47 23.93
N GLU A 67 -31.58 1.81 23.86
CA GLU A 67 -32.26 2.57 22.79
C GLU A 67 -31.22 3.42 22.06
N TYR A 68 -31.34 3.50 20.72
CA TYR A 68 -30.49 4.27 19.81
C TYR A 68 -31.39 5.19 18.99
N ARG A 69 -30.96 6.42 18.69
CA ARG A 69 -31.73 7.31 17.79
C ARG A 69 -30.76 8.18 16.98
N THR A 70 -31.19 8.58 15.79
CA THR A 70 -30.56 9.59 14.91
C THR A 70 -31.65 10.31 14.11
N SER A 71 -31.30 11.44 13.51
CA SER A 71 -32.18 12.19 12.57
C SER A 71 -31.40 12.52 11.31
N PHE A 72 -32.09 12.73 10.19
CA PHE A 72 -31.44 13.07 8.90
C PHE A 72 -32.43 13.82 8.02
N ILE A 73 -31.88 14.56 7.05
CA ILE A 73 -32.62 15.47 6.14
C ILE A 73 -32.81 14.74 4.81
N VAL A 74 -34.02 14.81 4.27
CA VAL A 74 -34.34 14.37 2.87
C VAL A 74 -34.90 15.56 2.08
N SER A 75 -34.36 15.79 0.89
CA SER A 75 -34.77 16.93 0.02
C SER A 75 -35.98 16.52 -0.80
N GLU A 76 -36.62 17.48 -1.46
CA GLU A 76 -37.78 17.27 -2.36
C GLU A 76 -37.32 16.40 -3.55
N GLU A 77 -36.09 16.63 -4.03
CA GLU A 77 -35.50 15.99 -5.23
C GLU A 77 -35.29 14.48 -4.96
N GLN A 78 -34.72 14.16 -3.81
CA GLN A 78 -34.50 12.78 -3.29
C GLN A 78 -35.82 12.03 -3.17
N LEU A 79 -36.86 12.70 -2.71
CA LEU A 79 -38.21 12.14 -2.44
C LEU A 79 -38.91 11.83 -3.76
N ASN A 80 -38.54 12.47 -4.87
CA ASN A 80 -39.09 12.17 -6.21
C ASN A 80 -38.27 11.10 -6.95
N ARG A 81 -37.25 10.49 -6.34
CA ARG A 81 -36.59 9.31 -7.01
C ARG A 81 -37.65 8.20 -7.01
N ASP A 82 -37.54 7.24 -7.91
CA ASP A 82 -38.52 6.12 -8.06
C ASP A 82 -38.54 5.25 -6.79
N GLY A 83 -37.39 5.03 -6.16
CA GLY A 83 -37.25 4.10 -5.03
C GLY A 83 -36.29 4.60 -4.00
N ILE A 84 -36.52 4.25 -2.73
CA ILE A 84 -35.58 4.54 -1.61
C ILE A 84 -35.55 3.33 -0.67
N GLN A 85 -34.35 2.72 -0.49
CA GLN A 85 -34.06 1.58 0.42
C GLN A 85 -33.26 2.06 1.62
N LEU A 86 -33.59 1.53 2.81
CA LEU A 86 -32.79 1.58 4.04
C LEU A 86 -32.19 0.19 4.27
N ILE A 87 -30.86 0.08 4.33
CA ILE A 87 -30.14 -1.22 4.48
C ILE A 87 -29.45 -1.27 5.85
N PHE A 88 -29.77 -2.31 6.63
CA PHE A 88 -29.02 -2.68 7.86
C PHE A 88 -28.16 -3.90 7.55
N GLU A 89 -26.84 -3.74 7.55
CA GLU A 89 -25.90 -4.88 7.29
C GLU A 89 -25.77 -5.79 8.53
N GLY A 90 -26.15 -5.30 9.74
CA GLY A 90 -26.15 -6.10 10.97
C GLY A 90 -26.80 -5.41 12.17
N LEU A 91 -27.69 -6.13 12.88
CA LEU A 91 -28.27 -5.70 14.17
C LEU A 91 -28.12 -6.84 15.18
N ASP A 92 -27.48 -6.57 16.32
CA ASP A 92 -27.24 -7.53 17.43
C ASP A 92 -28.15 -7.15 18.61
N THR A 93 -29.27 -7.86 18.86
CA THR A 93 -29.85 -8.92 18.04
C THR A 93 -31.36 -8.74 17.95
N TYR A 94 -32.06 -8.62 19.07
CA TYR A 94 -33.54 -8.45 19.13
C TYR A 94 -33.82 -6.95 19.07
N ALA A 95 -34.06 -6.41 17.87
CA ALA A 95 -34.14 -4.94 17.63
C ALA A 95 -35.47 -4.55 16.96
N ASP A 96 -36.22 -3.62 17.58
CA ASP A 96 -37.44 -3.03 16.99
C ASP A 96 -36.99 -1.74 16.31
N VAL A 97 -37.18 -1.64 14.99
CA VAL A 97 -36.73 -0.50 14.14
C VAL A 97 -37.93 0.38 13.78
N TYR A 98 -37.95 1.66 14.21
CA TYR A 98 -39.07 2.61 14.00
C TYR A 98 -38.57 3.78 13.15
N LEU A 99 -39.25 4.10 12.04
CA LEU A 99 -38.98 5.31 11.24
C LEU A 99 -40.27 6.11 11.04
N ASN A 100 -40.29 7.37 11.49
CA ASN A 100 -41.42 8.35 11.32
C ASN A 100 -42.74 7.69 11.73
N GLY A 101 -42.75 6.96 12.86
CA GLY A 101 -43.98 6.37 13.42
C GLY A 101 -44.27 4.95 12.96
N SER A 102 -43.55 4.42 11.94
CA SER A 102 -43.75 3.05 11.39
C SER A 102 -42.79 2.04 12.04
N LEU A 103 -43.31 0.90 12.51
CA LEU A 103 -42.46 -0.28 12.79
C LEU A 103 -42.04 -0.91 11.46
N LEU A 104 -40.79 -0.74 11.02
CA LEU A 104 -40.31 -1.31 9.73
C LEU A 104 -39.94 -2.79 9.90
N LEU A 105 -39.51 -3.22 11.09
CA LEU A 105 -38.75 -4.49 11.26
C LEU A 105 -38.64 -4.87 12.73
N LYS A 106 -38.87 -6.17 13.02
CA LYS A 106 -38.52 -6.86 14.29
C LYS A 106 -37.37 -7.84 14.03
N ALA A 107 -36.13 -7.37 14.21
CA ALA A 107 -34.91 -8.11 13.84
C ALA A 107 -34.72 -9.21 14.88
N ASP A 108 -34.24 -10.39 14.46
CA ASP A 108 -34.00 -11.52 15.38
C ASP A 108 -32.77 -12.36 14.99
N ASN A 109 -31.85 -11.88 14.15
CA ASN A 109 -30.67 -12.68 13.72
C ASN A 109 -29.47 -11.77 13.45
N MET A 110 -28.46 -11.84 14.31
CA MET A 110 -27.23 -11.04 14.19
C MET A 110 -26.57 -11.22 12.80
N PHE A 111 -26.78 -12.35 12.14
CA PHE A 111 -25.97 -12.79 10.96
C PHE A 111 -26.69 -12.50 9.63
N VAL A 112 -27.83 -11.81 9.66
CA VAL A 112 -28.65 -11.42 8.47
C VAL A 112 -28.52 -9.91 8.21
N GLY A 113 -28.39 -9.52 6.93
CA GLY A 113 -28.64 -8.15 6.42
C GLY A 113 -30.10 -7.94 6.00
N TYR A 114 -30.68 -6.77 6.32
CA TYR A 114 -32.11 -6.46 6.03
C TYR A 114 -32.16 -5.30 5.04
N THR A 115 -32.87 -5.48 3.91
CA THR A 115 -33.14 -4.42 2.90
C THR A 115 -34.63 -4.03 2.97
N LEU A 116 -34.95 -2.78 3.31
CA LEU A 116 -36.34 -2.31 3.57
C LEU A 116 -36.74 -1.19 2.62
N PRO A 117 -37.90 -1.29 1.94
CA PRO A 117 -38.45 -0.15 1.19
C PRO A 117 -39.05 0.93 2.13
N VAL A 118 -38.63 2.19 1.97
CA VAL A 118 -39.02 3.27 2.92
C VAL A 118 -39.53 4.53 2.21
N LYS A 119 -39.67 4.56 0.88
CA LYS A 119 -40.05 5.82 0.17
C LYS A 119 -41.41 6.36 0.64
N SER A 120 -42.42 5.50 0.80
CA SER A 120 -43.79 5.91 1.23
C SER A 120 -43.78 6.35 2.71
N VAL A 121 -42.74 6.09 3.48
CA VAL A 121 -42.75 6.49 4.91
CA VAL A 121 -42.65 6.42 4.94
C VAL A 121 -41.81 7.68 5.15
N LEU A 122 -40.97 8.09 4.18
CA LEU A 122 -40.02 9.23 4.35
C LEU A 122 -40.74 10.59 4.22
N ARG A 123 -40.21 11.64 4.88
CA ARG A 123 -40.81 13.02 4.85
C ARG A 123 -39.78 14.02 4.30
N LYS A 124 -40.25 15.06 3.62
CA LYS A 124 -39.44 16.23 3.21
C LYS A 124 -39.01 16.95 4.49
N GLY A 125 -37.72 17.17 4.71
CA GLY A 125 -37.18 17.73 5.97
C GLY A 125 -36.59 16.67 6.90
N GLU A 126 -36.82 16.85 8.20
CA GLU A 126 -36.34 15.99 9.32
C GLU A 126 -37.01 14.62 9.24
N ASN A 127 -36.25 13.56 9.51
CA ASN A 127 -36.74 12.16 9.62
C ASN A 127 -36.14 11.58 10.91
N HIS A 128 -36.87 10.75 11.64
CA HIS A 128 -36.44 10.24 12.97
C HIS A 128 -36.41 8.72 12.94
N LEU A 129 -35.23 8.15 13.19
CA LEU A 129 -34.97 6.69 13.27
C LEU A 129 -34.65 6.38 14.74
N TYR A 130 -35.40 5.43 15.31
CA TYR A 130 -35.26 4.94 16.70
C TYR A 130 -35.19 3.41 16.65
N ILE A 131 -34.29 2.82 17.44
CA ILE A 131 -34.10 1.35 17.53
C ILE A 131 -34.10 0.96 19.00
N TYR A 132 -34.95 0.01 19.36
CA TYR A 132 -35.07 -0.58 20.72
C TYR A 132 -34.43 -1.97 20.71
N PHE A 133 -33.37 -2.16 21.50
CA PHE A 133 -32.63 -3.43 21.65
C PHE A 133 -33.08 -4.08 22.96
N HIS A 134 -33.89 -5.14 22.85
CA HIS A 134 -34.30 -5.97 24.01
C HIS A 134 -33.07 -6.73 24.50
N SER A 135 -32.81 -6.77 25.81
CA SER A 135 -31.75 -7.64 26.40
C SER A 135 -31.91 -9.04 25.80
N PRO A 136 -30.85 -9.65 25.22
CA PRO A 136 -30.94 -11.03 24.74
C PRO A 136 -31.07 -12.06 25.89
N ILE A 137 -30.72 -11.65 27.12
CA ILE A 137 -30.93 -12.46 28.36
C ILE A 137 -32.42 -12.44 28.73
N ARG A 138 -32.99 -11.25 28.95
CA ARG A 138 -34.39 -11.10 29.41
C ARG A 138 -35.33 -11.61 28.29
N GLN A 139 -34.95 -11.47 27.02
CA GLN A 139 -35.77 -11.93 25.88
C GLN A 139 -35.89 -13.47 25.89
N THR A 140 -34.87 -14.21 26.36
CA THR A 140 -34.80 -15.71 26.31
C THR A 140 -35.05 -16.39 27.67
N LEU A 141 -35.16 -15.66 28.79
CA LEU A 141 -35.48 -16.33 30.09
C LEU A 141 -36.83 -17.07 30.04
N PRO A 142 -37.94 -16.51 29.47
CA PRO A 142 -39.20 -17.25 29.38
C PRO A 142 -39.08 -18.48 28.47
N GLN A 143 -38.31 -18.37 27.39
CA GLN A 143 -38.02 -19.49 26.46
C GLN A 143 -37.37 -20.63 27.23
N TYR A 144 -36.37 -20.30 28.04
CA TYR A 144 -35.63 -21.28 28.87
C TYR A 144 -36.59 -21.89 29.91
N ALA A 145 -37.45 -21.06 30.51
CA ALA A 145 -38.43 -21.52 31.52
C ALA A 145 -39.33 -22.60 30.91
N SER A 146 -39.71 -22.46 29.65
CA SER A 146 -40.65 -23.38 28.95
C SER A 146 -39.96 -24.68 28.51
N ASN A 147 -38.62 -24.76 28.51
CA ASN A 147 -37.87 -25.86 27.85
C ASN A 147 -37.80 -27.14 28.69
N GLY A 148 -37.81 -27.05 30.02
CA GLY A 148 -37.77 -28.24 30.90
C GLY A 148 -36.39 -28.83 31.12
N PHE A 149 -35.37 -28.38 30.39
CA PHE A 149 -33.97 -28.84 30.59
C PHE A 149 -33.02 -27.71 30.16
N ASN A 150 -31.75 -27.82 30.58
CA ASN A 150 -30.64 -26.87 30.27
C ASN A 150 -29.70 -27.50 29.20
N TYR A 151 -29.59 -26.92 28.01
CA TYR A 151 -28.67 -27.42 26.94
C TYR A 151 -27.28 -27.46 27.54
N PRO A 152 -26.48 -28.51 27.25
CA PRO A 152 -25.14 -28.67 27.86
C PRO A 152 -24.04 -27.84 27.18
N ALA A 153 -24.14 -26.51 27.23
CA ALA A 153 -23.20 -25.56 26.59
C ALA A 153 -22.25 -24.98 27.64
N ASP A 154 -21.19 -25.73 27.96
CA ASP A 154 -20.21 -25.40 29.04
C ASP A 154 -19.43 -24.11 28.74
N ASN A 155 -19.27 -23.71 27.46
CA ASN A 155 -18.62 -22.41 27.11
C ASN A 155 -19.53 -21.20 27.38
N ASP A 156 -20.83 -21.40 27.64
CA ASP A 156 -21.80 -20.32 28.01
C ASP A 156 -21.70 -20.09 29.53
N HIS A 157 -20.98 -19.04 29.94
CA HIS A 157 -20.51 -18.82 31.34
C HIS A 157 -21.64 -18.17 32.17
N HIS A 158 -22.65 -18.99 32.51
CA HIS A 158 -23.88 -18.64 33.27
C HIS A 158 -24.53 -19.95 33.71
N GLU A 159 -25.19 -19.99 34.86
CA GLU A 159 -26.06 -21.11 35.30
C GLU A 159 -27.01 -21.52 34.16
N LYS A 160 -27.67 -20.54 33.54
CA LYS A 160 -28.66 -20.75 32.46
C LYS A 160 -27.99 -20.58 31.08
N HIS A 161 -28.04 -21.61 30.24
CA HIS A 161 -27.35 -21.64 28.92
C HIS A 161 -28.29 -21.09 27.84
N LEU A 162 -28.44 -19.76 27.78
CA LEU A 162 -29.44 -19.06 26.91
C LEU A 162 -28.86 -18.84 25.50
N SER A 163 -27.56 -19.09 25.27
CA SER A 163 -26.89 -18.85 23.97
C SER A 163 -27.62 -19.62 22.87
N VAL A 164 -28.04 -20.87 23.15
CA VAL A 164 -28.51 -21.81 22.12
C VAL A 164 -29.82 -21.33 21.49
N PHE A 165 -30.58 -20.44 22.16
CA PHE A 165 -31.91 -20.00 21.69
C PHE A 165 -31.76 -18.81 20.72
N SER A 166 -30.59 -18.14 20.73
CA SER A 166 -30.33 -16.88 20.00
C SER A 166 -29.34 -17.08 18.84
N ARG A 167 -29.71 -16.60 17.65
CA ARG A 167 -28.77 -16.51 16.50
C ARG A 167 -27.90 -15.27 16.74
N LYS A 168 -26.87 -15.46 17.55
CA LYS A 168 -25.94 -14.43 18.04
C LYS A 168 -24.59 -15.12 18.29
N ALA A 169 -23.48 -14.43 18.03
CA ALA A 169 -22.09 -14.94 18.04
C ALA A 169 -21.91 -15.77 19.31
N PRO A 170 -21.70 -17.10 19.24
CA PRO A 170 -21.60 -17.92 20.45
C PRO A 170 -20.57 -17.42 21.47
N TYR A 171 -19.38 -16.99 21.04
CA TYR A 171 -18.27 -16.63 21.96
C TYR A 171 -18.63 -15.40 22.84
N SER A 172 -19.64 -14.60 22.47
CA SER A 172 -20.09 -13.40 23.23
C SER A 172 -20.57 -13.80 24.64
N TYR A 173 -21.05 -15.03 24.82
CA TYR A 173 -21.52 -15.59 26.11
C TYR A 173 -20.35 -16.18 26.94
N GLY A 174 -19.13 -16.11 26.43
CA GLY A 174 -17.94 -16.76 27.03
C GLY A 174 -17.35 -17.80 26.09
N TRP A 175 -16.08 -18.20 26.30
CA TRP A 175 -15.42 -19.36 25.64
C TRP A 175 -14.19 -19.75 26.47
N ASP A 176 -13.56 -20.90 26.21
CA ASP A 176 -12.43 -21.40 27.04
C ASP A 176 -11.14 -20.60 26.73
N TRP A 177 -11.23 -19.52 25.93
CA TRP A 177 -10.18 -18.48 25.79
C TRP A 177 -10.79 -17.08 25.91
N GLY A 178 -12.07 -16.94 26.31
CA GLY A 178 -12.83 -15.70 26.05
C GLY A 178 -13.46 -15.06 27.30
N ILE A 179 -13.52 -13.73 27.32
CA ILE A 179 -14.29 -12.93 28.33
C ILE A 179 -15.77 -12.94 27.95
N ARG A 180 -16.68 -12.93 28.93
CA ARG A 180 -18.14 -12.83 28.69
C ARG A 180 -18.51 -11.36 28.54
N MET A 181 -18.88 -10.94 27.33
CA MET A 181 -19.38 -9.58 27.01
C MET A 181 -20.59 -9.73 26.07
N VAL A 182 -21.76 -9.95 26.66
CA VAL A 182 -23.02 -10.18 25.90
C VAL A 182 -23.56 -8.81 25.51
N THR A 183 -23.09 -8.28 24.38
CA THR A 183 -23.32 -6.88 23.92
C THR A 183 -24.53 -6.81 22.99
N SER A 184 -24.87 -5.59 22.55
CA SER A 184 -25.95 -5.24 21.60
C SER A 184 -25.50 -4.04 20.75
N GLY A 185 -26.18 -3.79 19.63
CA GLY A 185 -26.12 -2.53 18.87
C GLY A 185 -26.10 -2.72 17.36
N VAL A 186 -25.94 -1.63 16.62
CA VAL A 186 -25.81 -1.61 15.14
C VAL A 186 -24.35 -1.98 14.83
N TRP A 187 -24.06 -3.27 14.62
CA TRP A 187 -22.67 -3.81 14.58
C TRP A 187 -22.06 -3.69 13.18
N ARG A 188 -22.87 -3.42 12.13
CA ARG A 188 -22.40 -3.22 10.73
C ARG A 188 -23.09 -1.98 10.18
N PRO A 189 -22.61 -1.39 9.07
CA PRO A 189 -23.15 -0.11 8.61
C PRO A 189 -24.62 -0.07 8.18
N VAL A 190 -25.18 1.15 8.28
CA VAL A 190 -26.57 1.51 7.88
C VAL A 190 -26.44 2.50 6.72
N THR A 191 -27.15 2.24 5.61
CA THR A 191 -27.16 3.07 4.38
C THR A 191 -28.58 3.27 3.83
N LEU A 192 -28.80 4.39 3.19
CA LEU A 192 -30.04 4.77 2.49
C LEU A 192 -29.69 5.01 1.02
N ARG A 193 -30.28 4.26 0.09
CA ARG A 193 -29.99 4.36 -1.38
C ARG A 193 -31.21 4.98 -2.08
N PHE A 194 -31.02 6.12 -2.76
CA PHE A 194 -32.03 6.80 -3.60
C PHE A 194 -31.75 6.41 -5.05
N TYR A 195 -32.73 5.90 -5.82
CA TYR A 195 -32.48 5.30 -7.17
C TYR A 195 -33.67 5.39 -8.13
N ASP A 196 -33.39 5.16 -9.42
CA ASP A 196 -34.41 5.11 -10.51
C ASP A 196 -34.57 3.66 -11.02
N ILE A 197 -35.81 3.30 -11.38
CA ILE A 197 -36.25 2.06 -12.10
C ILE A 197 -36.06 0.78 -11.24
N ALA A 198 -34.83 0.44 -10.84
CA ALA A 198 -34.53 -0.91 -10.28
C ALA A 198 -33.19 -0.93 -9.53
N THR A 199 -33.02 -1.93 -8.65
CA THR A 199 -31.72 -2.35 -8.05
C THR A 199 -31.37 -3.78 -8.52
N ILE A 200 -30.08 -4.08 -8.56
CA ILE A 200 -29.55 -5.47 -8.67
C ILE A 200 -29.52 -6.05 -7.25
N SER A 201 -30.46 -6.94 -6.92
CA SER A 201 -30.54 -7.62 -5.59
CA SER A 201 -30.50 -7.56 -5.57
C SER A 201 -29.39 -8.61 -5.44
N ASP A 202 -28.97 -9.26 -6.52
CA ASP A 202 -27.91 -10.30 -6.45
C ASP A 202 -27.25 -10.45 -7.83
N TYR A 203 -25.92 -10.56 -7.83
CA TYR A 203 -25.11 -10.89 -9.02
C TYR A 203 -24.24 -12.09 -8.63
N TYR A 204 -24.46 -13.23 -9.30
CA TYR A 204 -23.69 -14.48 -9.16
C TYR A 204 -22.96 -14.81 -10.46
N VAL A 205 -21.62 -14.88 -10.41
CA VAL A 205 -20.77 -15.40 -11.52
C VAL A 205 -20.54 -16.89 -11.31
N ARG A 206 -21.32 -17.72 -12.01
CA ARG A 206 -21.25 -19.21 -11.95
C ARG A 206 -20.27 -19.71 -13.02
N GLN A 207 -19.16 -20.34 -12.56
CA GLN A 207 -18.19 -21.04 -13.42
C GLN A 207 -18.78 -22.40 -13.88
N LEU A 208 -18.99 -22.59 -15.18
CA LEU A 208 -19.59 -23.83 -15.73
C LEU A 208 -18.49 -24.85 -16.07
N SER A 209 -17.30 -24.40 -16.47
CA SER A 209 -16.15 -25.26 -16.85
C SER A 209 -14.90 -24.39 -16.93
N LEU A 210 -13.72 -25.01 -16.82
CA LEU A 210 -12.41 -24.32 -16.85
C LEU A 210 -11.39 -25.33 -17.34
N THR A 211 -10.67 -24.99 -18.41
CA THR A 211 -9.53 -25.75 -18.95
C THR A 211 -8.46 -24.70 -19.26
N ASP A 212 -7.25 -25.09 -19.62
CA ASP A 212 -6.16 -24.15 -19.99
C ASP A 212 -6.62 -23.30 -21.19
N GLU A 213 -7.50 -23.83 -22.04
CA GLU A 213 -7.89 -23.18 -23.33
C GLU A 213 -9.07 -22.23 -23.14
N ASN A 214 -10.02 -22.56 -22.27
CA ASN A 214 -11.27 -21.77 -22.15
C ASN A 214 -11.85 -21.83 -20.72
N ALA A 215 -12.44 -20.72 -20.27
CA ALA A 215 -13.34 -20.67 -19.11
C ALA A 215 -14.76 -20.28 -19.55
N ARG A 216 -15.78 -21.05 -19.17
CA ARG A 216 -17.22 -20.76 -19.47
C ARG A 216 -17.92 -20.31 -18.18
N LEU A 217 -18.48 -19.09 -18.22
CA LEU A 217 -19.22 -18.46 -17.10
C LEU A 217 -20.70 -18.28 -17.47
N SER A 218 -21.54 -18.22 -16.45
CA SER A 218 -22.96 -17.78 -16.55
C SER A 218 -23.24 -16.66 -15.53
N ASN A 219 -23.51 -15.44 -16.01
CA ASN A 219 -23.78 -14.23 -15.22
C ASN A 219 -25.27 -14.24 -14.85
N GLU A 220 -25.58 -14.51 -13.57
CA GLU A 220 -26.97 -14.66 -13.05
C GLU A 220 -27.33 -13.44 -12.21
N LEU A 221 -28.36 -12.72 -12.63
CA LEU A 221 -28.78 -11.41 -12.06
C LEU A 221 -30.21 -11.53 -11.57
N ILE A 222 -30.45 -11.09 -10.35
CA ILE A 222 -31.80 -10.84 -9.81
C ILE A 222 -31.93 -9.32 -9.73
N VAL A 223 -32.91 -8.80 -10.44
CA VAL A 223 -33.19 -7.35 -10.61
C VAL A 223 -34.59 -7.06 -10.05
N ASN A 224 -34.67 -6.14 -9.10
CA ASN A 224 -35.95 -5.75 -8.47
C ASN A 224 -36.40 -4.40 -9.02
N GLN A 225 -37.50 -4.40 -9.76
CA GLN A 225 -38.04 -3.23 -10.50
C GLN A 225 -39.16 -2.62 -9.66
N ILE A 226 -39.06 -1.34 -9.29
CA ILE A 226 -39.91 -0.70 -8.24
C ILE A 226 -41.00 0.18 -8.88
N VAL A 227 -41.01 0.37 -10.20
CA VAL A 227 -42.00 1.24 -10.92
C VAL A 227 -43.11 0.36 -11.53
N PRO A 228 -44.34 0.90 -11.73
CA PRO A 228 -45.44 0.13 -12.32
C PRO A 228 -45.42 -0.19 -13.82
N GLN A 229 -44.61 0.50 -14.60
CA GLN A 229 -44.56 0.37 -16.08
C GLN A 229 -43.70 -0.83 -16.43
N LYS A 230 -43.86 -1.36 -17.63
CA LYS A 230 -42.87 -2.19 -18.36
C LYS A 230 -41.76 -1.23 -18.82
N ILE A 231 -40.47 -1.59 -18.63
CA ILE A 231 -39.28 -0.73 -18.95
C ILE A 231 -38.33 -1.53 -19.85
N PRO A 232 -38.17 -1.14 -21.14
CA PRO A 232 -37.11 -1.65 -22.01
C PRO A 232 -35.73 -1.37 -21.40
N ALA A 233 -34.78 -2.29 -21.54
CA ALA A 233 -33.44 -2.11 -20.95
C ALA A 233 -32.43 -3.01 -21.65
N GLU A 234 -31.16 -2.65 -21.56
CA GLU A 234 -30.02 -3.47 -22.05
C GLU A 234 -29.21 -3.86 -20.81
N VAL A 235 -29.03 -5.17 -20.59
CA VAL A 235 -28.14 -5.71 -19.53
C VAL A 235 -26.77 -5.92 -20.15
N ARG A 236 -25.72 -5.35 -19.54
CA ARG A 236 -24.33 -5.45 -20.06
C ARG A 236 -23.45 -6.06 -18.99
N VAL A 237 -22.55 -6.95 -19.41
CA VAL A 237 -21.48 -7.48 -18.53
C VAL A 237 -20.13 -7.19 -19.18
N ASN A 238 -19.26 -6.53 -18.43
CA ASN A 238 -17.87 -6.19 -18.84
C ASN A 238 -16.91 -6.99 -17.96
N VAL A 239 -16.05 -7.79 -18.59
CA VAL A 239 -14.94 -8.55 -17.94
C VAL A 239 -13.65 -7.83 -18.28
N SER A 240 -12.89 -7.39 -17.28
CA SER A 240 -11.61 -6.67 -17.46
CA SER A 240 -11.61 -6.67 -17.46
C SER A 240 -10.52 -7.26 -16.56
N LEU A 241 -9.28 -7.00 -16.95
CA LEU A 241 -8.07 -7.41 -16.20
C LEU A 241 -7.17 -6.18 -16.17
N ASN A 242 -6.93 -5.67 -14.98
CA ASN A 242 -5.98 -4.55 -14.76
C ASN A 242 -6.46 -3.34 -15.58
N GLY A 243 -7.77 -3.10 -15.67
CA GLY A 243 -8.36 -1.93 -16.36
C GLY A 243 -8.55 -2.10 -17.87
N THR A 244 -8.22 -3.25 -18.49
CA THR A 244 -8.37 -3.47 -19.95
C THR A 244 -9.42 -4.55 -20.22
N THR A 245 -10.38 -4.26 -21.09
CA THR A 245 -11.49 -5.18 -21.46
C THR A 245 -10.92 -6.46 -22.08
N VAL A 246 -11.32 -7.61 -21.53
CA VAL A 246 -11.10 -8.99 -22.07
C VAL A 246 -12.32 -9.38 -22.92
N THR A 247 -13.54 -9.25 -22.41
CA THR A 247 -14.76 -9.60 -23.19
C THR A 247 -15.96 -8.81 -22.67
N GLU A 248 -16.95 -8.64 -23.51
CA GLU A 248 -18.13 -7.78 -23.24
C GLU A 248 -19.33 -8.45 -23.89
N VAL A 249 -20.43 -8.61 -23.16
CA VAL A 249 -21.67 -9.26 -23.68
C VAL A 249 -22.87 -8.38 -23.31
N LYS A 250 -23.96 -8.51 -24.06
CA LYS A 250 -25.19 -7.71 -23.82
C LYS A 250 -26.43 -8.49 -24.24
N GLN A 251 -27.58 -8.11 -23.68
CA GLN A 251 -28.88 -8.76 -23.92
C GLN A 251 -30.01 -7.71 -23.80
N GLN A 252 -30.95 -7.72 -24.73
CA GLN A 252 -32.14 -6.81 -24.66
C GLN A 252 -33.21 -7.49 -23.82
N VAL A 253 -33.82 -6.71 -22.92
CA VAL A 253 -34.99 -7.17 -22.13
C VAL A 253 -36.00 -6.03 -22.00
N THR A 254 -37.21 -6.39 -21.60
CA THR A 254 -38.20 -5.45 -21.03
C THR A 254 -38.43 -5.90 -19.59
N LEU A 255 -38.15 -5.05 -18.61
CA LEU A 255 -38.24 -5.41 -17.18
C LEU A 255 -39.70 -5.23 -16.71
N GLN A 256 -40.25 -6.23 -16.04
CA GLN A 256 -41.63 -6.23 -15.51
C GLN A 256 -41.55 -5.74 -14.07
N PRO A 257 -42.64 -5.22 -13.48
CA PRO A 257 -42.65 -4.84 -12.07
C PRO A 257 -42.36 -6.06 -11.19
N GLY A 258 -41.53 -5.87 -10.15
CA GLY A 258 -41.08 -6.92 -9.23
C GLY A 258 -39.81 -7.62 -9.69
N ILE A 259 -39.70 -8.90 -9.36
CA ILE A 259 -38.42 -9.65 -9.53
C ILE A 259 -38.30 -10.05 -11.00
N ASN A 260 -37.08 -9.93 -11.55
CA ASN A 260 -36.69 -10.38 -12.90
C ASN A 260 -35.42 -11.23 -12.79
N HIS A 261 -35.38 -12.38 -13.48
CA HIS A 261 -34.20 -13.27 -13.56
C HIS A 261 -33.55 -13.10 -14.93
N ILE A 262 -32.28 -12.69 -14.97
CA ILE A 262 -31.54 -12.49 -16.24
C ILE A 262 -30.26 -13.32 -16.20
N THR A 263 -30.00 -14.08 -17.26
CA THR A 263 -28.78 -14.92 -17.42
C THR A 263 -28.08 -14.55 -18.74
N LEU A 264 -26.81 -14.12 -18.65
CA LEU A 264 -25.89 -13.84 -19.78
C LEU A 264 -24.67 -14.76 -19.68
N PRO A 265 -24.45 -15.64 -20.70
CA PRO A 265 -23.18 -16.34 -20.82
C PRO A 265 -21.98 -15.47 -21.24
N ALA A 266 -20.79 -15.89 -20.87
CA ALA A 266 -19.53 -15.21 -21.24
C ALA A 266 -18.42 -16.25 -21.20
N GLU A 267 -17.39 -16.06 -22.03
CA GLU A 267 -16.25 -17.00 -22.09
C GLU A 267 -14.97 -16.18 -22.01
N VAL A 268 -13.93 -16.79 -21.45
CA VAL A 268 -12.56 -16.21 -21.43
C VAL A 268 -11.62 -17.27 -21.99
N THR A 269 -11.04 -17.00 -23.16
CA THR A 269 -10.12 -17.92 -23.86
C THR A 269 -8.75 -17.74 -23.20
N ASN A 270 -7.93 -18.79 -23.10
CA ASN A 270 -6.58 -18.72 -22.46
C ASN A 270 -6.66 -18.01 -21.10
N PRO A 271 -7.51 -18.48 -20.18
CA PRO A 271 -7.70 -17.80 -18.88
C PRO A 271 -6.45 -17.79 -17.99
N VAL A 272 -6.24 -16.70 -17.25
CA VAL A 272 -5.15 -16.57 -16.23
C VAL A 272 -5.71 -17.05 -14.89
N ARG A 273 -5.24 -18.20 -14.41
CA ARG A 273 -5.80 -18.90 -13.22
C ARG A 273 -5.37 -18.24 -11.92
N TRP A 274 -6.29 -18.17 -10.97
CA TRP A 274 -6.02 -17.88 -9.53
C TRP A 274 -5.26 -19.06 -8.92
N MET A 275 -4.12 -18.81 -8.26
CA MET A 275 -3.29 -19.83 -7.56
C MET A 275 -3.16 -19.47 -6.09
N PRO A 276 -3.12 -20.46 -5.17
CA PRO A 276 -2.90 -20.20 -3.76
C PRO A 276 -1.46 -19.81 -3.40
N ASN A 277 -1.30 -19.28 -2.20
CA ASN A 277 -0.02 -18.69 -1.69
C ASN A 277 1.05 -19.78 -1.72
N GLY A 278 2.17 -19.53 -2.39
CA GLY A 278 3.28 -20.49 -2.59
C GLY A 278 3.26 -21.08 -4.01
N TRP A 279 2.12 -21.10 -4.71
CA TRP A 279 2.03 -21.78 -6.04
C TRP A 279 1.97 -20.80 -7.18
N GLY A 280 1.91 -19.50 -6.92
CA GLY A 280 1.83 -18.48 -7.97
C GLY A 280 1.03 -17.24 -7.53
N THR A 281 0.49 -16.52 -8.52
CA THR A 281 -0.20 -15.21 -8.37
C THR A 281 -1.70 -15.46 -8.14
N PRO A 282 -2.34 -14.77 -7.16
CA PRO A 282 -3.80 -14.85 -6.96
C PRO A 282 -4.54 -13.88 -7.89
N THR A 283 -4.46 -14.11 -9.19
CA THR A 283 -5.00 -13.24 -10.27
C THR A 283 -6.50 -13.04 -10.06
N LEU A 284 -7.00 -11.80 -10.07
CA LEU A 284 -8.45 -11.45 -9.97
C LEU A 284 -8.91 -10.63 -11.19
N TYR A 285 -9.95 -11.11 -11.86
CA TYR A 285 -10.70 -10.42 -12.95
C TYR A 285 -11.75 -9.49 -12.31
N ASP A 286 -12.05 -8.38 -12.98
CA ASP A 286 -13.18 -7.49 -12.57
C ASP A 286 -14.40 -7.77 -13.48
N PHE A 287 -15.46 -8.32 -12.90
CA PHE A 287 -16.76 -8.60 -13.57
C PHE A 287 -17.75 -7.50 -13.13
N SER A 288 -18.19 -6.65 -14.06
CA SER A 288 -19.16 -5.55 -13.84
C SER A 288 -20.49 -5.82 -14.59
N ALA A 289 -21.63 -5.79 -13.90
CA ALA A 289 -22.97 -5.86 -14.55
C ALA A 289 -23.68 -4.50 -14.47
N GLN A 290 -24.24 -4.06 -15.60
CA GLN A 290 -24.99 -2.79 -15.74
C GLN A 290 -26.41 -3.03 -16.30
N ILE A 291 -27.38 -2.28 -15.78
CA ILE A 291 -28.76 -2.12 -16.34
C ILE A 291 -28.84 -0.70 -16.94
N ALA A 292 -28.96 -0.61 -18.27
CA ALA A 292 -29.03 0.65 -19.04
C ALA A 292 -30.46 0.84 -19.59
N CYS A 293 -31.10 1.95 -19.20
CA CYS A 293 -32.39 2.45 -19.76
C CYS A 293 -32.14 3.78 -20.48
N GLY A 294 -32.01 3.74 -21.80
CA GLY A 294 -31.67 4.91 -22.64
C GLY A 294 -30.22 5.33 -22.43
N ASP A 295 -30.02 6.63 -22.18
CA ASP A 295 -28.69 7.24 -21.86
C ASP A 295 -28.12 6.62 -20.56
N ARG A 296 -28.97 6.31 -19.58
CA ARG A 296 -28.56 6.25 -18.14
C ARG A 296 -28.38 4.82 -17.62
N ILE A 297 -27.34 4.65 -16.80
CA ILE A 297 -27.03 3.39 -16.06
C ILE A 297 -27.72 3.49 -14.69
N VAL A 298 -28.85 2.79 -14.53
CA VAL A 298 -29.72 2.91 -13.32
C VAL A 298 -29.19 2.00 -12.21
N ALA A 299 -28.52 0.90 -12.54
CA ALA A 299 -27.92 0.01 -11.52
C ALA A 299 -26.64 -0.60 -12.05
N GLU A 300 -25.67 -0.85 -11.16
CA GLU A 300 -24.35 -1.49 -11.43
C GLU A 300 -23.92 -2.27 -10.20
N GLN A 301 -23.34 -3.45 -10.42
CA GLN A 301 -22.71 -4.31 -9.39
C GLN A 301 -21.49 -4.99 -10.01
N SER A 302 -20.37 -4.97 -9.29
CA SER A 302 -19.09 -5.63 -9.65
CA SER A 302 -19.07 -5.62 -9.64
C SER A 302 -18.69 -6.68 -8.61
N HIS A 303 -17.94 -7.69 -9.04
CA HIS A 303 -17.19 -8.60 -8.14
C HIS A 303 -15.79 -8.79 -8.71
N ARG A 304 -14.79 -8.99 -7.83
CA ARG A 304 -13.50 -9.58 -8.17
C ARG A 304 -13.68 -11.09 -8.24
N ILE A 305 -13.21 -11.71 -9.34
CA ILE A 305 -13.46 -13.13 -9.70
C ILE A 305 -12.10 -13.80 -9.99
N GLY A 306 -11.83 -14.89 -9.29
CA GLY A 306 -10.69 -15.79 -9.53
C GLY A 306 -11.13 -17.05 -10.27
N LEU A 307 -10.46 -17.36 -11.38
CA LEU A 307 -10.75 -18.56 -12.21
C LEU A 307 -9.87 -19.72 -11.71
N ARG A 308 -10.50 -20.69 -11.05
CA ARG A 308 -9.74 -21.84 -10.51
C ARG A 308 -10.70 -23.00 -10.29
N THR A 309 -10.18 -24.20 -10.11
CA THR A 309 -11.02 -25.31 -9.61
C THR A 309 -10.55 -25.68 -8.21
N ILE A 310 -11.53 -25.96 -7.35
CA ILE A 310 -11.32 -26.53 -5.99
C ILE A 310 -12.22 -27.75 -5.83
N ARG A 311 -11.59 -28.91 -5.63
CA ARG A 311 -12.27 -30.19 -5.31
C ARG A 311 -11.74 -30.71 -3.97
N VAL A 312 -12.65 -30.94 -3.02
CA VAL A 312 -12.36 -31.68 -1.76
C VAL A 312 -12.56 -33.15 -2.10
N VAL A 313 -11.52 -33.95 -1.93
CA VAL A 313 -11.52 -35.41 -2.18
C VAL A 313 -11.73 -36.11 -0.83
N ASN A 314 -12.85 -36.79 -0.66
CA ASN A 314 -13.23 -37.51 0.58
C ASN A 314 -13.76 -38.89 0.15
N GLU A 315 -12.87 -39.87 -0.04
CA GLU A 315 -13.18 -41.20 -0.63
C GLU A 315 -12.56 -42.31 0.24
N LYS A 316 -13.21 -43.48 0.29
CA LYS A 316 -12.64 -44.71 0.92
C LYS A 316 -11.36 -45.11 0.17
N ASP A 317 -10.34 -45.56 0.90
CA ASP A 317 -9.06 -46.02 0.31
C ASP A 317 -8.45 -47.08 1.25
N LYS A 318 -7.22 -47.53 0.96
CA LYS A 318 -6.55 -48.65 1.69
C LYS A 318 -6.28 -48.22 3.14
N ASP A 319 -6.24 -46.91 3.45
CA ASP A 319 -5.95 -46.40 4.82
C ASP A 319 -7.23 -45.99 5.59
N GLY A 320 -8.41 -45.95 4.93
CA GLY A 320 -9.72 -45.61 5.54
C GLY A 320 -10.53 -44.65 4.67
N GLU A 321 -10.59 -43.36 5.05
CA GLU A 321 -11.21 -42.29 4.21
C GLU A 321 -10.24 -41.09 4.06
N SER A 322 -9.84 -40.75 2.83
CA SER A 322 -9.04 -39.55 2.47
C SER A 322 -9.79 -38.26 2.87
N PHE A 323 -9.04 -37.17 3.08
CA PHE A 323 -9.61 -35.80 3.23
C PHE A 323 -8.59 -34.77 2.79
N TYR A 324 -8.68 -34.29 1.54
CA TYR A 324 -7.66 -33.34 1.01
C TYR A 324 -8.27 -32.44 -0.08
N PHE A 325 -7.53 -31.40 -0.39
CA PHE A 325 -7.91 -30.35 -1.37
C PHE A 325 -7.09 -30.52 -2.63
N GLU A 326 -7.76 -30.55 -3.79
N GLU A 326 -7.75 -30.63 -3.80
CA GLU A 326 -7.16 -30.50 -5.14
CA GLU A 326 -7.14 -30.52 -5.16
C GLU A 326 -7.44 -29.13 -5.76
C GLU A 326 -7.44 -29.12 -5.70
N VAL A 327 -6.39 -28.37 -6.07
CA VAL A 327 -6.49 -26.95 -6.56
C VAL A 327 -5.89 -26.89 -7.96
N ASN A 328 -6.71 -26.51 -8.93
CA ASN A 328 -6.35 -26.47 -10.38
C ASN A 328 -5.76 -27.84 -10.75
N GLY A 329 -6.30 -28.92 -10.18
CA GLY A 329 -5.99 -30.28 -10.62
C GLY A 329 -4.87 -30.92 -9.81
N ILE A 330 -4.21 -30.19 -8.92
CA ILE A 330 -3.00 -30.66 -8.17
C ILE A 330 -3.31 -30.79 -6.68
N PRO A 331 -3.12 -31.98 -6.05
CA PRO A 331 -3.32 -32.14 -4.60
C PRO A 331 -2.44 -31.16 -3.80
N MET A 332 -3.03 -30.39 -2.88
CA MET A 332 -2.36 -29.26 -2.17
C MET A 332 -2.36 -29.57 -0.66
N PHE A 333 -1.17 -29.84 -0.10
CA PHE A 333 -0.99 -29.99 1.36
C PHE A 333 -1.40 -28.67 2.01
N ALA A 334 -2.34 -28.73 2.96
CA ALA A 334 -2.92 -27.53 3.60
C ALA A 334 -2.03 -27.11 4.77
N LYS A 335 -1.74 -25.81 4.84
CA LYS A 335 -0.95 -25.16 5.92
C LYS A 335 -1.62 -23.86 6.41
N GLY A 336 -2.12 -23.87 7.65
CA GLY A 336 -2.66 -22.67 8.30
C GLY A 336 -3.14 -22.94 9.71
N ALA A 337 -4.20 -22.23 10.09
CA ALA A 337 -4.69 -22.17 11.48
C ALA A 337 -6.19 -21.87 11.52
N ASN A 338 -6.78 -22.12 12.69
CA ASN A 338 -8.14 -21.72 13.08
C ASN A 338 -8.16 -20.23 13.50
N TYR A 339 -9.08 -19.49 12.93
CA TYR A 339 -9.34 -18.06 13.19
C TYR A 339 -10.57 -17.92 14.09
N ILE A 340 -10.40 -17.09 15.12
CA ILE A 340 -11.44 -16.65 16.10
C ILE A 340 -11.62 -15.14 15.92
N PRO A 341 -12.73 -14.55 16.44
CA PRO A 341 -12.90 -13.09 16.45
C PRO A 341 -11.71 -12.32 17.02
N GLN A 342 -11.38 -11.16 16.40
CA GLN A 342 -10.20 -10.34 16.77
C GLN A 342 -10.49 -9.46 18.01
N ASP A 343 -11.74 -9.42 18.49
CA ASP A 343 -12.13 -8.57 19.64
C ASP A 343 -13.47 -9.04 20.25
N ALA A 344 -13.58 -8.92 21.59
CA ALA A 344 -14.82 -8.95 22.37
C ALA A 344 -15.86 -8.01 21.73
N LEU A 345 -15.42 -6.89 21.17
CA LEU A 345 -16.30 -5.86 20.57
C LEU A 345 -16.02 -5.73 19.06
N LEU A 346 -16.83 -6.40 18.24
CA LEU A 346 -16.49 -6.69 16.82
C LEU A 346 -16.21 -5.39 16.04
N PRO A 347 -17.02 -4.32 16.18
CA PRO A 347 -16.81 -3.10 15.39
C PRO A 347 -15.54 -2.32 15.76
N ASN A 348 -14.87 -2.65 16.88
CA ASN A 348 -13.59 -1.98 17.26
C ASN A 348 -12.47 -2.52 16.36
N VAL A 349 -12.72 -3.61 15.63
CA VAL A 349 -11.67 -4.22 14.77
C VAL A 349 -11.64 -3.38 13.50
N THR A 350 -10.51 -2.73 13.26
CA THR A 350 -10.30 -1.70 12.20
C THR A 350 -9.80 -2.35 10.91
N THR A 351 -9.89 -1.64 9.78
CA THR A 351 -9.37 -2.07 8.46
C THR A 351 -7.90 -2.46 8.58
N GLU A 352 -7.09 -1.63 9.25
CA GLU A 352 -5.63 -1.84 9.46
C GLU A 352 -5.35 -3.19 10.14
N ARG A 353 -6.17 -3.53 11.13
CA ARG A 353 -6.00 -4.77 11.93
C ARG A 353 -6.32 -5.98 11.04
N TYR A 354 -7.38 -5.93 10.22
CA TYR A 354 -7.63 -6.99 9.21
C TYR A 354 -6.45 -7.10 8.22
N GLN A 355 -5.94 -6.00 7.68
CA GLN A 355 -4.82 -6.06 6.69
C GLN A 355 -3.56 -6.69 7.32
N THR A 356 -3.23 -6.32 8.57
CA THR A 356 -2.05 -6.83 9.33
C THR A 356 -2.20 -8.34 9.61
N LEU A 357 -3.40 -8.81 9.99
CA LEU A 357 -3.60 -10.28 10.23
C LEU A 357 -3.32 -11.05 8.93
N PHE A 358 -3.77 -10.58 7.77
CA PHE A 358 -3.52 -11.32 6.49
C PHE A 358 -2.05 -11.27 6.13
N ARG A 359 -1.36 -10.19 6.50
CA ARG A 359 0.10 -10.07 6.33
C ARG A 359 0.77 -11.13 7.21
N ASP A 360 0.29 -11.32 8.44
CA ASP A 360 0.82 -12.30 9.43
C ASP A 360 0.63 -13.73 8.85
N MET A 361 -0.50 -14.03 8.20
CA MET A 361 -0.74 -15.38 7.60
C MET A 361 0.19 -15.60 6.39
N LYS A 362 0.24 -14.62 5.48
CA LYS A 362 1.00 -14.77 4.21
C LYS A 362 2.50 -14.91 4.51
N GLU A 363 3.04 -14.15 5.47
CA GLU A 363 4.48 -14.15 5.84
C GLU A 363 4.84 -15.48 6.52
N ALA A 364 3.86 -16.17 7.12
CA ALA A 364 4.08 -17.47 7.79
C ALA A 364 3.88 -18.64 6.82
N ASN A 365 3.88 -18.37 5.51
CA ASN A 365 3.81 -19.38 4.41
C ASN A 365 2.47 -20.13 4.45
N MET A 366 1.42 -19.53 4.98
CA MET A 366 0.09 -20.18 5.08
C MET A 366 -0.68 -20.17 3.75
N ASN A 367 -1.51 -21.20 3.51
CA ASN A 367 -2.38 -21.31 2.30
C ASN A 367 -3.84 -21.57 2.66
N MET A 368 -4.22 -21.62 3.96
CA MET A 368 -5.60 -21.91 4.38
C MET A 368 -5.86 -21.35 5.78
N VAL A 369 -7.10 -20.91 6.01
CA VAL A 369 -7.62 -20.44 7.34
C VAL A 369 -9.00 -21.08 7.53
N ARG A 370 -9.26 -21.63 8.70
CA ARG A 370 -10.61 -22.07 9.08
C ARG A 370 -11.30 -20.96 9.90
N ILE A 371 -12.45 -20.47 9.45
CA ILE A 371 -13.29 -19.52 10.25
C ILE A 371 -14.19 -20.38 11.12
N TRP A 372 -13.77 -20.51 12.37
CA TRP A 372 -14.33 -21.50 13.33
C TRP A 372 -15.72 -21.06 13.78
N GLY A 373 -16.63 -22.01 14.05
CA GLY A 373 -18.09 -21.82 14.14
C GLY A 373 -18.62 -21.24 15.46
N GLY A 374 -17.78 -20.80 16.39
CA GLY A 374 -18.23 -20.00 17.55
C GLY A 374 -18.06 -18.48 17.39
N GLY A 375 -17.67 -18.00 16.20
CA GLY A 375 -17.44 -16.56 15.95
C GLY A 375 -18.58 -15.90 15.19
N THR A 376 -18.25 -15.30 14.04
CA THR A 376 -19.20 -14.72 13.05
C THR A 376 -18.86 -15.23 11.63
N TYR A 377 -19.82 -15.11 10.70
CA TYR A 377 -19.54 -15.07 9.24
C TYR A 377 -18.82 -13.72 9.02
N GLU A 378 -17.55 -13.72 8.60
CA GLU A 378 -16.74 -12.48 8.68
C GLU A 378 -17.22 -11.46 7.63
N ASN A 379 -16.72 -10.24 7.75
CA ASN A 379 -17.13 -9.10 6.91
C ASN A 379 -16.56 -9.28 5.50
N ASN A 380 -17.08 -8.53 4.53
CA ASN A 380 -16.63 -8.65 3.11
C ASN A 380 -15.12 -8.39 2.96
N LEU A 381 -14.54 -7.51 3.76
CA LEU A 381 -13.08 -7.20 3.73
C LEU A 381 -12.24 -8.45 4.02
N PHE A 382 -12.61 -9.29 5.00
CA PHE A 382 -11.84 -10.49 5.38
C PHE A 382 -11.66 -11.37 4.13
N TYR A 383 -12.76 -11.57 3.41
N TYR A 383 -12.77 -11.60 3.41
CA TYR A 383 -12.84 -12.45 2.22
CA TYR A 383 -12.80 -12.45 2.21
C TYR A 383 -12.15 -11.79 1.00
C TYR A 383 -12.05 -11.77 1.05
N ASP A 384 -12.20 -10.45 0.87
CA ASP A 384 -11.43 -9.73 -0.18
C ASP A 384 -9.91 -9.90 0.04
N LEU A 385 -9.45 -9.84 1.29
CA LEU A 385 -8.03 -9.99 1.66
C LEU A 385 -7.59 -11.44 1.45
N ALA A 386 -8.44 -12.41 1.81
CA ALA A 386 -8.17 -13.84 1.51
C ALA A 386 -7.97 -13.99 -0.02
N ASP A 387 -8.88 -13.43 -0.83
CA ASP A 387 -8.81 -13.51 -2.32
C ASP A 387 -7.45 -12.97 -2.82
N GLU A 388 -7.06 -11.78 -2.38
CA GLU A 388 -5.86 -11.12 -2.95
C GLU A 388 -4.54 -11.62 -2.29
N ASN A 389 -4.59 -12.45 -1.25
CA ASN A 389 -3.38 -13.06 -0.63
C ASN A 389 -3.26 -14.57 -0.92
N GLY A 390 -4.17 -15.17 -1.67
CA GLY A 390 -4.09 -16.60 -2.06
C GLY A 390 -4.31 -17.55 -0.89
N ILE A 391 -5.20 -17.25 0.03
CA ILE A 391 -5.48 -18.12 1.20
C ILE A 391 -6.88 -18.74 1.05
N LEU A 392 -6.97 -20.07 0.92
CA LEU A 392 -8.27 -20.79 0.87
C LEU A 392 -9.01 -20.58 2.21
N VAL A 393 -10.33 -20.41 2.16
CA VAL A 393 -11.17 -20.31 3.38
C VAL A 393 -12.01 -21.58 3.57
N TRP A 394 -11.94 -22.20 4.75
CA TRP A 394 -12.90 -23.22 5.27
C TRP A 394 -13.94 -22.50 6.15
N GLN A 395 -15.21 -22.44 5.75
CA GLN A 395 -16.27 -21.68 6.47
C GLN A 395 -17.16 -22.64 7.26
N ASP A 396 -17.11 -22.59 8.60
CA ASP A 396 -18.09 -23.26 9.49
C ASP A 396 -19.38 -22.42 9.44
N PHE A 397 -20.54 -23.04 9.55
CA PHE A 397 -21.77 -22.33 9.98
C PHE A 397 -21.56 -22.04 11.49
N MET A 398 -22.31 -21.13 12.09
CA MET A 398 -22.01 -20.60 13.43
C MET A 398 -22.72 -21.46 14.51
N PHE A 399 -22.28 -22.72 14.63
CA PHE A 399 -22.74 -23.71 15.65
C PHE A 399 -21.49 -24.41 16.20
N ALA A 400 -21.38 -24.56 17.54
CA ALA A 400 -20.15 -25.07 18.18
C ALA A 400 -20.42 -25.67 19.57
N CYS A 401 -20.01 -26.93 19.75
CA CYS A 401 -19.73 -27.62 21.03
C CYS A 401 -20.98 -27.89 21.90
N THR A 402 -22.18 -27.51 21.45
CA THR A 402 -23.45 -27.94 22.11
C THR A 402 -24.41 -28.42 21.03
N PRO A 403 -25.32 -29.36 21.34
CA PRO A 403 -26.52 -29.51 20.51
C PRO A 403 -27.32 -28.20 20.55
N TYR A 404 -28.13 -27.96 19.53
CA TYR A 404 -29.04 -26.78 19.41
C TYR A 404 -30.49 -27.24 19.35
N PRO A 405 -31.48 -26.34 19.56
CA PRO A 405 -32.88 -26.61 19.21
C PRO A 405 -33.04 -26.93 17.73
N SER A 406 -34.19 -27.51 17.34
CA SER A 406 -34.53 -27.79 15.93
C SER A 406 -36.03 -27.61 15.68
N ASP A 407 -36.71 -26.76 16.44
CA ASP A 407 -38.16 -26.50 16.25
C ASP A 407 -38.33 -25.69 14.96
N PRO A 408 -39.53 -25.72 14.34
CA PRO A 408 -39.79 -24.94 13.13
C PRO A 408 -39.40 -23.45 13.09
N THR A 409 -39.70 -22.67 14.12
CA THR A 409 -39.33 -21.22 14.14
C THR A 409 -37.80 -21.04 14.08
N PHE A 410 -37.07 -21.80 14.91
CA PHE A 410 -35.59 -21.76 15.00
C PHE A 410 -35.01 -22.13 13.64
N LEU A 411 -35.51 -23.18 12.99
CA LEU A 411 -34.94 -23.63 11.70
C LEU A 411 -35.18 -22.56 10.63
N LYS A 412 -36.28 -21.82 10.69
CA LYS A 412 -36.64 -20.73 9.73
C LYS A 412 -35.64 -19.57 9.87
N ARG A 413 -35.29 -19.18 11.10
CA ARG A 413 -34.19 -18.21 11.38
C ARG A 413 -32.88 -18.71 10.74
N VAL A 414 -32.54 -19.98 10.93
CA VAL A 414 -31.24 -20.54 10.44
C VAL A 414 -31.26 -20.51 8.91
N GLU A 415 -32.37 -20.88 8.29
CA GLU A 415 -32.51 -20.89 6.81
C GLU A 415 -32.24 -19.49 6.26
N ALA A 416 -32.75 -18.45 6.93
CA ALA A 416 -32.57 -17.03 6.53
C ALA A 416 -31.09 -16.67 6.59
N GLU A 417 -30.37 -16.97 7.67
CA GLU A 417 -28.90 -16.70 7.77
C GLU A 417 -28.12 -17.52 6.70
N ALA A 418 -28.50 -18.77 6.39
CA ALA A 418 -27.77 -19.66 5.47
C ALA A 418 -27.86 -19.10 4.06
N VAL A 419 -29.07 -18.74 3.62
CA VAL A 419 -29.30 -18.15 2.27
C VAL A 419 -28.59 -16.78 2.20
N TYR A 420 -28.74 -15.91 3.22
CA TYR A 420 -28.08 -14.58 3.21
C TYR A 420 -26.56 -14.74 3.06
N ASN A 421 -25.90 -15.54 3.91
CA ASN A 421 -24.42 -15.60 3.91
C ASN A 421 -23.89 -16.45 2.76
N ILE A 422 -24.63 -17.45 2.26
CA ILE A 422 -24.15 -18.19 1.04
C ILE A 422 -24.12 -17.23 -0.17
N ARG A 423 -25.17 -16.44 -0.38
CA ARG A 423 -25.19 -15.51 -1.54
C ARG A 423 -24.18 -14.38 -1.36
N ARG A 424 -23.96 -13.94 -0.12
CA ARG A 424 -22.99 -12.86 0.20
C ARG A 424 -21.57 -13.33 -0.16
N LEU A 425 -21.24 -14.61 0.04
CA LEU A 425 -19.82 -15.09 -0.01
C LEU A 425 -19.48 -15.92 -1.26
N ARG A 426 -20.46 -16.38 -2.04
CA ARG A 426 -20.25 -17.43 -3.07
C ARG A 426 -19.47 -16.93 -4.29
N ASN A 427 -19.20 -15.64 -4.42
CA ASN A 427 -18.36 -15.16 -5.57
C ASN A 427 -16.88 -15.01 -5.18
N HIS A 428 -16.48 -15.34 -3.96
CA HIS A 428 -15.05 -15.22 -3.52
C HIS A 428 -14.24 -16.42 -4.02
N ALA A 429 -13.12 -16.13 -4.68
CA ALA A 429 -12.10 -17.12 -5.11
C ALA A 429 -11.59 -17.97 -3.93
N SER A 430 -11.47 -17.36 -2.75
CA SER A 430 -10.87 -17.96 -1.53
C SER A 430 -11.78 -19.02 -0.95
N LEU A 431 -13.11 -18.88 -1.09
CA LEU A 431 -14.08 -19.77 -0.42
C LEU A 431 -13.97 -21.20 -0.99
N ALA A 432 -13.65 -22.18 -0.16
CA ALA A 432 -13.30 -23.57 -0.58
C ALA A 432 -14.31 -24.64 -0.13
N MET A 433 -14.98 -24.44 1.01
CA MET A 433 -15.88 -25.46 1.61
C MET A 433 -16.66 -24.88 2.79
N TRP A 434 -17.81 -25.49 3.05
CA TRP A 434 -18.73 -25.19 4.17
C TRP A 434 -18.69 -26.37 5.15
N CYS A 435 -18.76 -26.12 6.46
CA CYS A 435 -18.81 -27.15 7.53
C CYS A 435 -19.98 -26.87 8.48
N GLY A 436 -20.86 -27.84 8.71
CA GLY A 436 -22.10 -27.65 9.50
C GLY A 436 -21.86 -27.13 10.91
N ASN A 437 -20.79 -27.58 11.59
CA ASN A 437 -20.55 -27.21 13.01
C ASN A 437 -19.17 -27.66 13.49
N ASN A 438 -18.77 -27.15 14.65
CA ASN A 438 -17.58 -27.60 15.40
C ASN A 438 -18.02 -28.60 16.48
N GLU A 439 -17.66 -29.87 16.32
CA GLU A 439 -17.64 -30.91 17.40
C GLU A 439 -19.03 -31.31 17.93
N ILE A 440 -20.17 -31.00 17.27
CA ILE A 440 -21.47 -31.36 17.93
C ILE A 440 -21.71 -32.87 17.87
N LEU A 441 -21.40 -33.56 16.78
CA LEU A 441 -21.57 -35.04 16.74
C LEU A 441 -20.66 -35.67 17.81
N GLU A 442 -19.38 -35.31 17.85
CA GLU A 442 -18.43 -35.77 18.89
C GLU A 442 -19.09 -35.63 20.27
N ALA A 443 -19.69 -34.48 20.55
CA ALA A 443 -20.29 -34.17 21.87
C ALA A 443 -21.46 -35.13 22.11
N LEU A 444 -22.30 -35.37 21.11
CA LEU A 444 -23.49 -36.25 21.27
C LEU A 444 -23.06 -37.70 21.46
N LYS A 445 -21.98 -38.15 20.80
CA LYS A 445 -21.51 -39.55 20.90
C LYS A 445 -20.71 -39.82 22.19
N TYR A 446 -19.89 -38.88 22.66
CA TYR A 446 -18.74 -39.20 23.56
C TYR A 446 -18.61 -38.31 24.79
N TRP A 447 -19.45 -37.30 25.01
CA TRP A 447 -19.23 -36.36 26.15
C TRP A 447 -20.17 -36.69 27.31
N GLY A 448 -20.88 -37.83 27.25
CA GLY A 448 -21.59 -38.41 28.40
C GLY A 448 -22.99 -37.83 28.60
N PHE A 449 -23.67 -37.42 27.52
CA PHE A 449 -25.05 -36.85 27.56
C PHE A 449 -26.06 -37.96 27.86
N GLU A 450 -25.79 -39.22 27.48
CA GLU A 450 -26.64 -40.41 27.81
C GLU A 450 -27.10 -40.33 29.29
N LYS A 451 -26.21 -39.84 30.17
CA LYS A 451 -26.28 -39.86 31.65
C LYS A 451 -26.87 -38.55 32.22
N LYS A 452 -26.87 -37.45 31.45
CA LYS A 452 -27.22 -36.10 31.96
C LYS A 452 -28.71 -35.83 31.75
N PHE A 453 -29.34 -36.49 30.76
CA PHE A 453 -30.74 -36.24 30.31
C PHE A 453 -31.48 -37.57 30.25
N THR A 454 -32.81 -37.49 30.30
CA THR A 454 -33.74 -38.63 30.10
C THR A 454 -33.51 -39.24 28.72
N PRO A 455 -33.84 -40.54 28.54
CA PRO A 455 -33.91 -41.16 27.22
C PRO A 455 -34.68 -40.37 26.15
N GLU A 456 -35.80 -39.75 26.54
CA GLU A 456 -36.72 -39.09 25.57
C GLU A 456 -36.09 -37.76 25.09
N VAL A 457 -35.39 -37.05 25.96
CA VAL A 457 -34.69 -35.76 25.63
C VAL A 457 -33.45 -36.07 24.77
N TYR A 458 -32.61 -37.03 25.17
CA TYR A 458 -31.42 -37.46 24.38
C TYR A 458 -31.87 -37.81 22.96
N GLN A 459 -32.94 -38.61 22.84
CA GLN A 459 -33.56 -38.98 21.54
C GLN A 459 -33.93 -37.73 20.74
N GLY A 460 -34.55 -36.75 21.41
CA GLY A 460 -34.94 -35.47 20.78
C GLY A 460 -33.75 -34.73 20.23
N LEU A 461 -32.65 -34.69 20.99
CA LEU A 461 -31.36 -34.04 20.61
C LEU A 461 -30.83 -34.71 19.33
N MET A 462 -30.87 -36.05 19.27
CA MET A 462 -30.30 -36.83 18.13
C MET A 462 -31.11 -36.56 16.85
N HIS A 463 -32.45 -36.63 16.89
N HIS A 463 -32.44 -36.63 16.90
CA HIS A 463 -33.32 -36.33 15.72
CA HIS A 463 -33.31 -36.35 15.73
C HIS A 463 -33.09 -34.88 15.30
C HIS A 463 -33.11 -34.89 15.30
N GLY A 464 -32.92 -33.99 16.29
CA GLY A 464 -32.67 -32.55 16.07
C GLY A 464 -31.38 -32.31 15.30
N TYR A 465 -30.31 -33.02 15.64
CA TYR A 465 -29.02 -32.93 14.94
C TYR A 465 -29.27 -33.17 13.44
N ASP A 466 -29.95 -34.26 13.07
CA ASP A 466 -30.14 -34.59 11.62
C ASP A 466 -30.95 -33.51 10.88
N LYS A 467 -32.02 -32.99 11.47
CA LYS A 467 -32.90 -32.00 10.82
C LYS A 467 -32.08 -30.77 10.40
N LEU A 468 -31.18 -30.33 11.28
CA LEU A 468 -30.36 -29.12 11.06
C LEU A 468 -29.15 -29.45 10.18
N PHE A 469 -28.32 -30.42 10.55
CA PHE A 469 -26.96 -30.61 9.97
C PHE A 469 -26.92 -31.64 8.84
N ARG A 470 -27.90 -32.56 8.75
CA ARG A 470 -27.94 -33.53 7.63
C ARG A 470 -29.09 -33.22 6.66
N GLU A 471 -29.93 -32.22 6.87
CA GLU A 471 -31.06 -31.89 5.95
C GLU A 471 -30.98 -30.41 5.54
N LEU A 472 -31.36 -29.48 6.41
CA LEU A 472 -31.52 -28.04 6.07
C LEU A 472 -30.20 -27.47 5.49
N LEU A 473 -29.09 -27.54 6.22
CA LEU A 473 -27.83 -26.87 5.77
C LEU A 473 -27.33 -27.50 4.46
N PRO A 474 -27.16 -28.85 4.33
CA PRO A 474 -26.78 -29.44 3.04
C PRO A 474 -27.72 -29.14 1.86
N SER A 475 -29.06 -29.13 2.02
CA SER A 475 -30.00 -28.72 0.93
CA SER A 475 -29.97 -28.74 0.91
C SER A 475 -29.74 -27.27 0.50
N THR A 476 -29.54 -26.35 1.44
CA THR A 476 -29.31 -24.91 1.14
C THR A 476 -27.98 -24.80 0.36
N VAL A 477 -26.94 -25.55 0.71
CA VAL A 477 -25.64 -25.49 -0.01
C VAL A 477 -25.86 -26.05 -1.42
N LYS A 478 -26.58 -27.18 -1.55
CA LYS A 478 -26.88 -27.80 -2.87
C LYS A 478 -27.63 -26.79 -3.74
N GLU A 479 -28.52 -25.99 -3.18
CA GLU A 479 -29.40 -25.08 -3.97
C GLU A 479 -28.64 -23.82 -4.42
N PHE A 480 -27.83 -23.22 -3.55
CA PHE A 480 -27.25 -21.86 -3.72
C PHE A 480 -25.74 -21.90 -3.99
N ASP A 481 -25.02 -23.01 -3.75
CA ASP A 481 -23.56 -23.13 -3.96
C ASP A 481 -23.17 -24.56 -4.37
N SER A 482 -23.74 -25.04 -5.47
CA SER A 482 -23.87 -26.48 -5.79
C SER A 482 -22.52 -27.10 -6.18
N ASP A 483 -21.49 -26.30 -6.46
CA ASP A 483 -20.16 -26.88 -6.81
C ASP A 483 -19.18 -26.75 -5.64
N ARG A 484 -19.64 -26.39 -4.43
CA ARG A 484 -18.77 -26.29 -3.23
C ARG A 484 -19.07 -27.44 -2.27
N PHE A 485 -18.04 -28.01 -1.66
CA PHE A 485 -18.16 -29.16 -0.73
C PHE A 485 -18.82 -28.67 0.57
N TYR A 486 -19.66 -29.55 1.16
CA TYR A 486 -20.26 -29.46 2.51
C TYR A 486 -19.95 -30.77 3.27
N VAL A 487 -19.55 -30.65 4.54
CA VAL A 487 -19.45 -31.78 5.52
C VAL A 487 -20.27 -31.38 6.75
N HIS A 488 -21.00 -32.31 7.37
CA HIS A 488 -21.95 -32.00 8.47
C HIS A 488 -21.23 -31.56 9.78
N SER A 489 -19.99 -31.98 10.02
CA SER A 489 -19.28 -31.65 11.29
C SER A 489 -17.78 -31.82 11.14
N SER A 490 -17.00 -31.08 11.93
CA SER A 490 -15.54 -31.26 12.14
C SER A 490 -15.30 -31.59 13.62
N PRO A 491 -14.74 -32.75 14.00
CA PRO A 491 -14.43 -33.86 13.10
C PRO A 491 -15.65 -34.74 12.81
N TYR A 492 -15.75 -35.29 11.60
CA TYR A 492 -16.98 -35.99 11.13
C TYR A 492 -17.02 -37.42 11.67
N LEU A 493 -15.89 -38.10 11.93
CA LEU A 493 -15.94 -39.45 12.61
C LEU A 493 -14.78 -39.71 13.60
N ALA A 494 -13.53 -39.32 13.27
CA ALA A 494 -12.34 -39.60 14.10
C ALA A 494 -12.51 -38.99 15.51
N ASN A 495 -12.13 -39.76 16.54
CA ASN A 495 -12.07 -39.35 17.97
C ASN A 495 -10.63 -39.49 18.50
N TRP A 496 -10.09 -38.47 19.18
CA TRP A 496 -8.70 -38.52 19.69
C TRP A 496 -8.49 -39.73 20.62
N GLY A 497 -9.53 -40.21 21.31
CA GLY A 497 -9.43 -41.33 22.26
C GLY A 497 -9.52 -42.71 21.61
N ARG A 498 -9.61 -42.81 20.28
CA ARG A 498 -9.94 -44.09 19.58
C ARG A 498 -9.06 -44.28 18.35
N PRO A 499 -7.86 -44.87 18.50
CA PRO A 499 -6.89 -45.05 17.41
C PRO A 499 -7.37 -45.76 16.13
N GLU A 500 -8.33 -46.68 16.25
CA GLU A 500 -9.00 -47.38 15.11
C GLU A 500 -9.65 -46.34 14.16
N SER A 501 -9.95 -45.13 14.63
CA SER A 501 -10.77 -44.12 13.91
C SER A 501 -9.88 -43.08 13.19
N TRP A 502 -8.58 -43.01 13.50
CA TRP A 502 -7.65 -41.93 13.04
C TRP A 502 -7.46 -41.99 11.50
N GLY A 503 -7.76 -43.11 10.86
CA GLY A 503 -7.58 -43.29 9.40
C GLY A 503 -8.79 -42.77 8.61
N THR A 504 -9.79 -42.21 9.29
CA THR A 504 -11.11 -41.83 8.71
C THR A 504 -11.39 -40.33 8.88
N GLY A 505 -11.15 -39.54 7.82
CA GLY A 505 -11.49 -38.11 7.75
C GLY A 505 -10.52 -37.23 8.52
N ASP A 506 -10.98 -36.06 8.96
CA ASP A 506 -10.15 -35.09 9.70
C ASP A 506 -10.12 -35.47 11.19
N SER A 507 -9.13 -34.99 11.94
CA SER A 507 -8.97 -35.19 13.41
C SER A 507 -8.90 -33.85 14.15
N HIS A 508 -9.50 -33.81 15.34
CA HIS A 508 -9.18 -32.83 16.41
C HIS A 508 -8.39 -33.59 17.51
N ASN A 509 -7.07 -33.50 17.49
CA ASN A 509 -6.21 -34.26 18.45
C ASN A 509 -6.10 -33.48 19.76
N TRP A 510 -7.02 -33.74 20.69
CA TRP A 510 -7.00 -33.24 22.10
C TRP A 510 -5.96 -33.97 22.96
N GLY A 511 -5.21 -34.93 22.41
CA GLY A 511 -4.18 -35.69 23.15
C GLY A 511 -3.16 -34.77 23.82
N VAL A 512 -2.67 -33.80 23.06
CA VAL A 512 -1.76 -32.73 23.56
C VAL A 512 -2.66 -31.65 24.16
N TRP A 513 -2.30 -31.19 25.37
CA TRP A 513 -3.12 -30.33 26.27
C TRP A 513 -4.10 -31.19 27.08
N TYR A 514 -5.37 -31.35 26.68
CA TYR A 514 -6.41 -32.05 27.49
C TYR A 514 -5.95 -33.47 27.88
N GLY A 515 -5.25 -34.21 27.03
CA GLY A 515 -4.83 -35.61 27.34
C GLY A 515 -3.47 -35.69 28.03
N LYS A 516 -2.77 -34.57 28.20
CA LYS A 516 -1.44 -34.48 28.86
C LYS A 516 -0.37 -35.26 28.08
N LYS A 517 -0.64 -35.72 26.85
CA LYS A 517 0.37 -36.48 26.08
C LYS A 517 1.58 -35.59 25.78
N PRO A 518 2.78 -36.16 25.69
CA PRO A 518 3.94 -35.38 25.26
C PRO A 518 3.88 -35.02 23.76
N PHE A 519 4.63 -33.99 23.34
CA PHE A 519 4.71 -33.51 21.95
C PHE A 519 5.17 -34.65 21.02
N GLU A 520 5.97 -35.58 21.55
CA GLU A 520 6.53 -36.73 20.79
C GLU A 520 5.40 -37.66 20.32
N SER A 521 4.25 -37.71 21.01
CA SER A 521 3.06 -38.50 20.60
C SER A 521 2.60 -38.09 19.18
N LEU A 522 2.94 -36.88 18.71
CA LEU A 522 2.48 -36.37 17.39
C LEU A 522 3.23 -37.06 16.23
N ASP A 523 4.35 -37.72 16.51
CA ASP A 523 5.16 -38.46 15.52
C ASP A 523 4.47 -39.79 15.21
N THR A 524 3.71 -40.33 16.17
CA THR A 524 3.06 -41.68 16.08
C THR A 524 1.54 -41.55 15.89
N ASP A 525 0.85 -40.59 16.51
CA ASP A 525 -0.64 -40.50 16.44
C ASP A 525 -1.04 -39.61 15.24
N LEU A 526 -1.03 -40.19 14.04
CA LEU A 526 -1.15 -39.46 12.76
C LEU A 526 -2.60 -39.44 12.29
N PRO A 527 -3.09 -38.29 11.77
CA PRO A 527 -4.36 -38.21 11.06
C PRO A 527 -4.22 -38.11 9.52
N ARG A 528 -5.35 -38.25 8.83
CA ARG A 528 -5.45 -38.03 7.36
C ARG A 528 -5.45 -36.52 7.07
N PHE A 529 -5.92 -35.71 8.02
CA PHE A 529 -5.97 -34.22 7.97
C PHE A 529 -6.20 -33.72 9.39
N MET A 530 -5.27 -32.96 9.95
CA MET A 530 -5.46 -32.33 11.30
C MET A 530 -6.17 -30.97 11.18
N SER A 531 -7.43 -30.89 11.56
CA SER A 531 -8.23 -29.62 11.52
C SER A 531 -8.20 -28.89 12.87
N GLU A 532 -7.76 -29.53 13.95
CA GLU A 532 -7.48 -28.83 15.24
C GLU A 532 -6.43 -29.60 16.07
N PHE A 533 -5.39 -28.89 16.55
CA PHE A 533 -4.50 -29.34 17.67
C PHE A 533 -3.71 -28.14 18.21
N GLY A 534 -3.24 -28.18 19.46
CA GLY A 534 -2.67 -26.95 20.04
C GLY A 534 -2.10 -27.09 21.45
N PHE A 535 -1.47 -26.01 21.91
CA PHE A 535 -0.82 -25.88 23.24
C PHE A 535 -0.76 -24.39 23.64
N GLN A 536 -1.03 -24.12 24.93
CA GLN A 536 -1.17 -22.74 25.48
C GLN A 536 0.18 -22.09 25.79
N SER A 537 0.18 -20.76 25.89
CA SER A 537 1.28 -19.94 26.45
C SER A 537 0.70 -18.67 27.11
N PHE A 538 1.32 -18.23 28.21
CA PHE A 538 1.24 -16.82 28.66
C PHE A 538 1.73 -15.94 27.51
N PRO A 539 1.11 -14.78 27.25
CA PRO A 539 1.68 -13.78 26.32
C PRO A 539 2.85 -13.03 26.95
N GLU A 540 3.71 -12.39 26.15
CA GLU A 540 4.93 -11.70 26.65
C GLU A 540 4.57 -10.57 27.64
N MET A 541 5.59 -10.06 28.35
CA MET A 541 5.39 -9.23 29.57
C MET A 541 4.68 -7.91 29.24
N LYS A 542 4.90 -7.30 28.07
CA LYS A 542 4.23 -5.99 27.76
C LYS A 542 2.71 -6.16 27.61
N THR A 543 2.23 -7.37 27.30
CA THR A 543 0.77 -7.68 27.24
C THR A 543 0.22 -7.99 28.65
N ILE A 544 0.98 -8.74 29.46
CA ILE A 544 0.59 -9.07 30.86
C ILE A 544 0.42 -7.76 31.63
N ALA A 545 1.26 -6.74 31.36
CA ALA A 545 1.25 -5.44 32.09
C ALA A 545 0.03 -4.61 31.66
N ALA A 546 -0.64 -5.00 30.57
CA ALA A 546 -1.89 -4.35 30.12
C ALA A 546 -3.09 -4.85 30.95
N PHE A 547 -2.99 -6.01 31.62
CA PHE A 547 -4.12 -6.57 32.42
C PHE A 547 -3.73 -6.85 33.88
N ALA A 548 -2.48 -6.62 34.31
CA ALA A 548 -1.97 -7.09 35.63
C ALA A 548 -0.87 -6.17 36.19
N ALA A 549 -0.65 -6.28 37.52
CA ALA A 549 0.38 -5.55 38.30
C ALA A 549 1.43 -6.53 38.82
N PRO A 550 2.64 -6.05 39.18
CA PRO A 550 3.71 -6.91 39.70
C PRO A 550 3.33 -7.78 40.93
N GLU A 551 2.41 -7.30 41.77
CA GLU A 551 1.80 -8.07 42.90
C GLU A 551 1.21 -9.41 42.43
N ASP A 552 0.78 -9.50 41.15
CA ASP A 552 -0.02 -10.62 40.56
C ASP A 552 0.88 -11.60 39.78
N TYR A 553 2.20 -11.38 39.74
CA TYR A 553 3.15 -12.16 38.92
C TYR A 553 3.44 -13.50 39.60
N GLN A 554 2.46 -14.40 39.51
CA GLN A 554 2.52 -15.81 40.00
C GLN A 554 1.62 -16.66 39.08
N ILE A 555 2.03 -17.87 38.75
CA ILE A 555 1.34 -18.71 37.71
C ILE A 555 -0.12 -18.90 38.11
N GLU A 556 -0.44 -19.03 39.41
CA GLU A 556 -1.85 -19.27 39.87
C GLU A 556 -2.33 -18.17 40.82
N SER A 557 -1.91 -16.91 40.64
CA SER A 557 -2.55 -15.76 41.32
C SER A 557 -4.02 -15.68 40.92
N GLU A 558 -4.80 -14.90 41.66
CA GLU A 558 -6.24 -14.64 41.42
C GLU A 558 -6.38 -14.04 40.01
N VAL A 559 -5.53 -13.07 39.67
CA VAL A 559 -5.63 -12.30 38.38
C VAL A 559 -5.24 -13.20 37.19
N MET A 560 -4.14 -13.97 37.27
CA MET A 560 -3.72 -14.85 36.14
C MET A 560 -4.75 -15.97 35.94
N ASN A 561 -5.38 -16.46 37.01
CA ASN A 561 -6.48 -17.45 36.94
C ASN A 561 -7.71 -16.83 36.28
N ALA A 562 -7.95 -15.52 36.47
CA ALA A 562 -9.04 -14.73 35.85
C ALA A 562 -8.79 -14.53 34.34
N HIS A 563 -7.56 -14.71 33.86
CA HIS A 563 -7.14 -14.59 32.44
C HIS A 563 -6.70 -15.99 31.93
N GLN A 564 -7.31 -17.04 32.51
CA GLN A 564 -7.26 -18.45 32.07
C GLN A 564 -8.69 -19.01 32.11
N LYS A 565 -9.18 -19.59 31.01
CA LYS A 565 -10.59 -20.03 30.91
C LYS A 565 -10.68 -21.52 30.57
N SER A 566 -9.55 -22.25 30.53
CA SER A 566 -9.51 -23.73 30.37
C SER A 566 -9.58 -24.41 31.73
N SER A 567 -10.23 -25.58 31.82
CA SER A 567 -10.27 -26.49 33.02
C SER A 567 -8.84 -26.67 33.54
N ILE A 568 -8.00 -27.43 32.82
CA ILE A 568 -6.57 -27.73 33.16
C ILE A 568 -5.93 -26.50 33.84
N GLY A 569 -5.84 -25.38 33.13
CA GLY A 569 -5.35 -24.11 33.69
C GLY A 569 -3.84 -23.95 33.57
N ASN A 570 -3.31 -22.98 34.31
CA ASN A 570 -1.93 -22.43 34.21
C ASN A 570 -0.90 -23.44 34.73
N SER A 571 -1.27 -24.30 35.67
CA SER A 571 -0.31 -25.24 36.29
C SER A 571 0.10 -26.30 35.25
N LEU A 572 -0.81 -26.68 34.34
CA LEU A 572 -0.49 -27.65 33.25
C LEU A 572 0.70 -27.16 32.43
N ILE A 573 0.86 -25.85 32.22
CA ILE A 573 2.02 -25.29 31.46
C ILE A 573 3.30 -25.64 32.24
N ARG A 574 3.29 -25.42 33.56
CA ARG A 574 4.41 -25.79 34.48
C ARG A 574 4.73 -27.28 34.32
N THR A 575 3.71 -28.14 34.35
CA THR A 575 3.86 -29.61 34.19
C THR A 575 4.60 -29.94 32.90
N TYR A 576 4.19 -29.36 31.77
CA TYR A 576 4.83 -29.61 30.47
C TYR A 576 6.25 -29.02 30.48
N MET A 577 6.42 -27.81 30.99
CA MET A 577 7.75 -27.12 31.00
C MET A 577 8.79 -28.03 31.67
N GLU A 578 8.43 -28.63 32.82
CA GLU A 578 9.34 -29.47 33.64
C GLU A 578 9.88 -30.63 32.80
N ARG A 579 9.12 -31.18 31.86
CA ARG A 579 9.58 -32.38 31.09
C ARG A 579 10.75 -32.01 30.19
N ASP A 580 10.92 -30.72 29.84
CA ASP A 580 11.87 -30.32 28.76
C ASP A 580 12.85 -29.23 29.18
N TYR A 581 12.51 -28.42 30.18
CA TYR A 581 13.25 -27.21 30.59
C TYR A 581 13.41 -27.22 32.12
N ILE A 582 14.50 -26.64 32.59
CA ILE A 582 14.63 -26.18 34.01
C ILE A 582 13.62 -25.04 34.25
N ILE A 583 12.77 -25.16 35.28
CA ILE A 583 11.72 -24.17 35.65
C ILE A 583 12.40 -22.97 36.30
N PRO A 584 12.37 -21.75 35.70
CA PRO A 584 12.97 -20.58 36.34
C PRO A 584 12.17 -20.12 37.57
N GLU A 585 12.83 -19.36 38.46
CA GLU A 585 12.21 -18.82 39.69
C GLU A 585 11.46 -17.52 39.40
N SER A 586 12.06 -16.62 38.60
CA SER A 586 11.45 -15.35 38.13
C SER A 586 10.16 -15.69 37.33
N PHE A 587 9.02 -15.05 37.61
CA PHE A 587 7.81 -15.08 36.74
C PHE A 587 8.16 -14.62 35.31
N GLU A 588 8.81 -13.46 35.16
CA GLU A 588 9.26 -12.93 33.85
C GLU A 588 10.01 -14.01 33.06
N ASP A 589 10.94 -14.71 33.69
CA ASP A 589 11.77 -15.75 33.02
C ASP A 589 10.88 -16.95 32.68
N PHE A 590 9.91 -17.27 33.54
CA PHE A 590 9.00 -18.42 33.31
C PHE A 590 8.21 -18.16 32.01
N VAL A 591 7.72 -16.93 31.84
CA VAL A 591 6.90 -16.49 30.67
C VAL A 591 7.75 -16.65 29.41
N TYR A 592 8.98 -16.15 29.42
CA TYR A 592 9.90 -16.27 28.26
C TYR A 592 10.02 -17.76 27.91
N VAL A 593 10.23 -18.64 28.89
CA VAL A 593 10.47 -20.09 28.60
C VAL A 593 9.14 -20.72 28.12
N GLY A 594 7.98 -20.31 28.65
CA GLY A 594 6.68 -20.78 28.18
C GLY A 594 6.49 -20.49 26.69
N LEU A 595 6.92 -19.32 26.21
CA LEU A 595 6.83 -18.97 24.75
C LEU A 595 7.72 -19.94 23.98
N VAL A 596 8.95 -20.16 24.43
CA VAL A 596 9.90 -21.09 23.76
C VAL A 596 9.27 -22.49 23.70
N LEU A 597 8.72 -22.98 24.82
CA LEU A 597 8.03 -24.31 25.00
C LEU A 597 6.94 -24.52 23.94
N GLN A 598 5.95 -23.61 23.89
CA GLN A 598 4.81 -23.68 22.94
C GLN A 598 5.37 -23.76 21.51
N GLY A 599 6.39 -22.96 21.18
CA GLY A 599 6.90 -22.85 19.82
C GLY A 599 7.51 -24.17 19.34
N GLN A 600 8.42 -24.72 20.16
CA GLN A 600 9.23 -25.92 19.85
C GLN A 600 8.32 -27.16 19.83
N GLY A 601 7.38 -27.26 20.76
CA GLY A 601 6.49 -28.42 20.84
C GLY A 601 5.51 -28.46 19.66
N MET A 602 4.83 -27.36 19.40
CA MET A 602 3.91 -27.28 18.24
C MET A 602 4.65 -27.48 16.91
N ARG A 603 5.82 -26.86 16.71
N ARG A 603 5.81 -26.85 16.70
CA ARG A 603 6.63 -26.99 15.45
CA ARG A 603 6.59 -27.00 15.45
C ARG A 603 6.92 -28.48 15.20
C ARG A 603 6.89 -28.49 15.20
N HIS A 604 7.15 -29.25 16.26
CA HIS A 604 7.38 -30.72 16.17
C HIS A 604 6.18 -31.45 15.51
N GLY A 605 4.97 -31.08 15.90
CA GLY A 605 3.72 -31.59 15.31
C GLY A 605 3.57 -31.21 13.85
N LEU A 606 3.65 -29.91 13.53
CA LEU A 606 3.59 -29.36 12.15
C LEU A 606 4.57 -30.14 11.24
N GLU A 607 5.78 -30.41 11.73
CA GLU A 607 6.81 -31.19 10.98
C GLU A 607 6.38 -32.65 10.78
N ALA A 608 5.87 -33.31 11.82
CA ALA A 608 5.36 -34.70 11.70
C ALA A 608 4.28 -34.75 10.61
N HIS A 609 3.37 -33.76 10.58
CA HIS A 609 2.22 -33.76 9.63
C HIS A 609 2.75 -33.64 8.19
N ARG A 610 3.60 -32.66 7.91
CA ARG A 610 4.19 -32.54 6.54
C ARG A 610 5.01 -33.81 6.23
N ARG A 611 5.84 -34.31 7.16
CA ARG A 611 6.76 -35.46 6.92
C ARG A 611 5.94 -36.68 6.41
N ASN A 612 4.69 -36.83 6.88
CA ASN A 612 3.87 -38.04 6.70
C ASN A 612 2.88 -37.87 5.54
N ARG A 613 3.13 -36.94 4.63
CA ARG A 613 2.36 -36.86 3.37
C ARG A 613 2.81 -38.00 2.46
N PRO A 614 1.93 -38.74 1.73
CA PRO A 614 0.51 -38.39 1.56
C PRO A 614 -0.53 -38.98 2.51
N TYR A 615 -0.17 -39.82 3.50
CA TYR A 615 -1.12 -40.32 4.52
C TYR A 615 -1.86 -39.12 5.14
N CYS A 616 -1.09 -38.14 5.63
CA CYS A 616 -1.56 -36.80 6.11
C CYS A 616 -1.53 -35.78 4.96
N MET A 617 -2.62 -35.05 4.75
CA MET A 617 -2.68 -34.02 3.68
C MET A 617 -2.98 -32.60 4.23
N GLY A 618 -2.91 -32.33 5.53
CA GLY A 618 -2.94 -30.92 5.97
C GLY A 618 -2.90 -30.74 7.47
N THR A 619 -2.64 -29.51 7.93
CA THR A 619 -2.55 -29.20 9.39
C THR A 619 -2.98 -27.73 9.61
N LEU A 620 -4.02 -27.54 10.42
CA LEU A 620 -4.58 -26.23 10.85
C LEU A 620 -4.47 -26.20 12.37
N TYR A 621 -3.48 -25.50 12.93
CA TYR A 621 -3.28 -25.49 14.41
C TYR A 621 -4.34 -24.61 15.07
N TRP A 622 -4.60 -24.90 16.33
CA TRP A 622 -5.43 -24.11 17.26
C TRP A 622 -4.49 -23.34 18.18
N GLN A 623 -4.46 -21.99 18.13
CA GLN A 623 -5.32 -21.13 17.31
C GLN A 623 -4.46 -19.98 16.77
N LEU A 624 -4.95 -19.21 15.78
CA LEU A 624 -4.11 -18.11 15.21
C LEU A 624 -4.00 -16.93 16.18
N ASN A 625 -5.12 -16.48 16.77
CA ASN A 625 -5.25 -15.08 17.26
C ASN A 625 -6.05 -15.03 18.58
N ASP A 626 -6.16 -13.84 19.15
CA ASP A 626 -6.79 -13.64 20.48
C ASP A 626 -7.84 -12.53 20.38
N SER A 627 -8.92 -12.60 21.16
CA SER A 627 -9.98 -11.56 21.22
C SER A 627 -9.73 -10.55 22.35
N TRP A 628 -8.79 -10.85 23.25
CA TRP A 628 -8.53 -10.02 24.46
C TRP A 628 -7.19 -10.42 25.08
N PRO A 629 -6.68 -9.66 26.07
CA PRO A 629 -5.44 -10.04 26.76
C PRO A 629 -5.70 -11.28 27.64
N VAL A 630 -5.05 -12.41 27.31
CA VAL A 630 -5.46 -13.74 27.86
C VAL A 630 -4.29 -14.72 27.70
N VAL A 631 -4.29 -15.76 28.54
CA VAL A 631 -3.44 -16.98 28.37
C VAL A 631 -4.24 -17.94 27.47
N SER A 632 -3.67 -18.39 26.34
CA SER A 632 -4.41 -19.17 25.31
C SER A 632 -3.47 -19.92 24.35
N TRP A 633 -4.08 -20.59 23.37
CA TRP A 633 -3.40 -21.42 22.35
C TRP A 633 -2.89 -20.56 21.18
N SER A 634 -3.07 -19.23 21.22
CA SER A 634 -2.71 -18.29 20.12
C SER A 634 -1.20 -18.30 19.76
N SER A 635 -0.89 -18.06 18.48
CA SER A 635 0.48 -17.76 17.96
C SER A 635 0.72 -16.24 17.89
N ILE A 636 -0.35 -15.44 17.95
CA ILE A 636 -0.30 -13.95 17.95
C ILE A 636 -1.21 -13.45 19.08
N ASP A 637 -0.68 -12.66 20.02
CA ASP A 637 -1.45 -12.11 21.17
C ASP A 637 -2.42 -11.04 20.66
N TYR A 638 -3.28 -10.53 21.55
CA TYR A 638 -4.33 -9.52 21.24
C TYR A 638 -3.73 -8.26 20.61
N TYR A 639 -2.51 -7.86 20.98
CA TYR A 639 -1.91 -6.55 20.55
C TYR A 639 -1.18 -6.73 19.21
N GLY A 640 -1.22 -7.93 18.60
CA GLY A 640 -0.58 -8.17 17.30
C GLY A 640 0.86 -8.66 17.47
N ASN A 641 1.35 -8.90 18.69
CA ASN A 641 2.74 -9.41 18.89
C ASN A 641 2.87 -10.90 18.50
N TRP A 642 3.83 -11.24 17.65
CA TRP A 642 4.17 -12.64 17.34
C TRP A 642 4.73 -13.30 18.60
N LYS A 643 4.14 -14.41 18.99
CA LYS A 643 4.77 -15.35 19.96
C LYS A 643 5.81 -16.16 19.20
N ALA A 644 6.64 -16.93 19.91
CA ALA A 644 7.65 -17.85 19.32
C ALA A 644 6.94 -18.80 18.33
N LEU A 645 5.77 -19.32 18.68
CA LEU A 645 4.99 -20.23 17.78
C LEU A 645 4.87 -19.67 16.34
N HIS A 646 4.67 -18.37 16.17
CA HIS A 646 4.36 -17.79 14.83
C HIS A 646 5.63 -17.87 13.97
N TYR A 647 6.79 -17.54 14.54
CA TYR A 647 8.10 -17.67 13.85
C TYR A 647 8.30 -19.15 13.53
N GLN A 648 7.94 -20.05 14.45
CA GLN A 648 8.15 -21.52 14.28
C GLN A 648 7.18 -22.08 13.19
N ALA A 649 5.93 -21.62 13.14
CA ALA A 649 4.99 -21.99 12.06
C ALA A 649 5.56 -21.55 10.69
N LYS A 650 6.08 -20.33 10.60
CA LYS A 650 6.69 -19.79 9.37
C LYS A 650 7.80 -20.74 8.90
N ARG A 651 8.69 -21.17 9.82
CA ARG A 651 9.83 -22.08 9.51
C ARG A 651 9.30 -23.48 9.13
N ALA A 652 8.38 -24.04 9.90
CA ALA A 652 7.82 -25.38 9.64
C ALA A 652 7.03 -25.40 8.32
N PHE A 653 6.56 -24.26 7.80
CA PHE A 653 5.68 -24.22 6.60
C PHE A 653 6.47 -23.74 5.36
N ALA A 654 7.79 -23.57 5.49
CA ALA A 654 8.66 -23.15 4.37
C ALA A 654 8.41 -24.08 3.18
N PRO A 655 8.31 -23.52 1.95
CA PRO A 655 8.10 -24.35 0.75
C PRO A 655 9.14 -25.47 0.65
N VAL A 656 10.42 -25.22 0.96
CA VAL A 656 11.40 -26.34 1.11
C VAL A 656 11.87 -26.41 2.56
N LEU A 657 11.82 -27.62 3.14
CA LEU A 657 12.12 -27.88 4.58
C LEU A 657 13.05 -29.09 4.69
N ILE A 658 14.17 -28.91 5.38
CA ILE A 658 15.04 -30.00 5.90
C ILE A 658 14.52 -30.35 7.28
N ASN A 659 14.14 -31.61 7.50
CA ASN A 659 13.49 -32.10 8.74
C ASN A 659 14.32 -33.25 9.33
N PRO A 660 15.26 -32.96 10.25
CA PRO A 660 15.95 -34.01 10.99
C PRO A 660 14.99 -34.51 12.06
N ILE A 661 14.86 -35.82 12.20
CA ILE A 661 13.99 -36.45 13.24
C ILE A 661 14.77 -37.56 13.93
N GLN A 662 14.77 -37.55 15.25
CA GLN A 662 15.59 -38.44 16.13
C GLN A 662 14.62 -39.32 16.94
N GLN A 663 14.72 -40.63 16.75
CA GLN A 663 13.85 -41.64 17.37
C GLN A 663 14.68 -42.91 17.59
N ASN A 664 14.60 -43.54 18.78
CA ASN A 664 15.19 -44.87 19.05
C ASN A 664 16.72 -44.80 18.85
N ASP A 665 17.34 -43.70 19.29
CA ASP A 665 18.82 -43.49 19.29
C ASP A 665 19.37 -43.53 17.85
N SER A 666 18.56 -43.12 16.86
CA SER A 666 18.97 -42.91 15.45
C SER A 666 18.41 -41.57 14.93
N LEU A 667 19.11 -40.98 13.96
CA LEU A 667 18.72 -39.76 13.23
C LEU A 667 18.34 -40.11 11.77
N SER A 668 17.13 -39.74 11.32
CA SER A 668 16.74 -39.66 9.88
C SER A 668 16.64 -38.19 9.44
N VAL A 669 16.95 -37.90 8.18
CA VAL A 669 16.77 -36.54 7.57
C VAL A 669 15.85 -36.66 6.36
N TYR A 670 14.70 -35.96 6.41
CA TYR A 670 13.72 -35.90 5.29
C TYR A 670 13.84 -34.55 4.58
N LEU A 671 13.74 -34.56 3.25
CA LEU A 671 13.58 -33.33 2.43
C LEU A 671 12.10 -33.20 2.05
N ILE A 672 11.49 -32.07 2.40
CA ILE A 672 10.03 -31.82 2.21
C ILE A 672 9.84 -30.60 1.28
N SER A 673 9.10 -30.76 0.18
CA SER A 673 8.83 -29.71 -0.83
C SER A 673 7.31 -29.63 -1.10
N ASP A 674 6.75 -28.41 -1.03
CA ASP A 674 5.45 -28.03 -1.63
C ASP A 674 5.67 -27.20 -2.90
N ARG A 675 6.82 -27.30 -3.55
CA ARG A 675 7.03 -26.67 -4.89
C ARG A 675 6.31 -27.46 -5.98
N LEU A 676 5.92 -26.77 -7.06
CA LEU A 676 5.32 -27.32 -8.31
C LEU A 676 6.40 -27.93 -9.22
N ASP A 677 7.65 -27.45 -9.14
CA ASP A 677 8.81 -27.96 -9.92
C ASP A 677 9.62 -28.97 -9.07
N THR A 678 10.25 -29.94 -9.74
CA THR A 678 11.23 -30.92 -9.17
C THR A 678 12.61 -30.26 -9.06
N MET A 679 13.40 -30.62 -8.05
CA MET A 679 14.79 -30.10 -7.85
C MET A 679 15.76 -31.27 -8.04
N GLU A 680 16.80 -31.08 -8.86
CA GLU A 680 17.72 -32.15 -9.32
C GLU A 680 19.18 -31.82 -8.95
N GLN A 681 19.98 -32.86 -8.70
CA GLN A 681 21.46 -32.80 -8.54
C GLN A 681 21.77 -31.99 -7.28
N MET A 682 21.04 -32.24 -6.21
CA MET A 682 21.13 -31.45 -4.96
C MET A 682 22.16 -32.13 -4.05
N THR A 683 22.78 -31.36 -3.17
CA THR A 683 23.67 -31.85 -2.09
C THR A 683 23.13 -31.41 -0.72
N LEU A 684 22.98 -32.39 0.17
CA LEU A 684 22.78 -32.17 1.62
C LEU A 684 24.18 -32.17 2.24
N GLU A 685 24.46 -31.23 3.13
CA GLU A 685 25.75 -31.13 3.86
C GLU A 685 25.47 -30.89 5.35
N MET A 686 26.15 -31.64 6.22
CA MET A 686 25.92 -31.61 7.69
C MET A 686 27.26 -31.55 8.44
N LYS A 687 27.25 -31.12 9.68
CA LYS A 687 28.50 -30.77 10.40
C LYS A 687 28.16 -30.59 11.88
N VAL A 688 28.83 -31.36 12.74
CA VAL A 688 28.64 -31.28 14.21
C VAL A 688 29.56 -30.17 14.73
N VAL A 689 29.02 -29.26 15.54
CA VAL A 689 29.71 -28.02 16.00
C VAL A 689 29.44 -27.92 17.50
N ASP A 690 30.47 -27.68 18.32
CA ASP A 690 30.29 -27.61 19.80
C ASP A 690 29.89 -26.16 20.15
N PHE A 691 29.48 -25.91 21.38
CA PHE A 691 28.90 -24.61 21.81
C PHE A 691 29.98 -23.50 21.84
N ASP A 692 31.18 -23.76 21.33
CA ASP A 692 32.29 -22.77 21.17
C ASP A 692 32.54 -22.46 19.70
N GLY A 693 32.14 -23.34 18.77
CA GLY A 693 32.25 -23.08 17.33
C GLY A 693 33.27 -23.97 16.65
N LYS A 694 33.68 -25.05 17.32
CA LYS A 694 34.69 -26.04 16.83
C LYS A 694 33.98 -27.22 16.19
N THR A 695 34.30 -27.51 14.92
CA THR A 695 33.81 -28.71 14.18
C THR A 695 34.32 -30.00 14.83
N LEU A 696 33.41 -30.90 15.26
CA LEU A 696 33.75 -32.29 15.73
C LEU A 696 33.63 -33.26 14.55
N GLY A 697 34.75 -33.90 14.16
CA GLY A 697 34.85 -34.75 12.96
C GLY A 697 34.92 -33.92 11.70
N LYS A 698 34.73 -34.54 10.55
CA LYS A 698 34.68 -33.85 9.23
C LYS A 698 33.22 -33.61 8.83
N LYS A 699 33.01 -32.75 7.83
CA LYS A 699 31.70 -32.53 7.15
C LYS A 699 31.23 -33.88 6.57
N ILE A 700 29.91 -34.08 6.54
CA ILE A 700 29.21 -35.26 5.94
C ILE A 700 28.41 -34.76 4.73
N GLN A 701 28.62 -35.35 3.55
CA GLN A 701 28.05 -34.84 2.27
C GLN A 701 27.26 -35.96 1.58
N VAL A 702 26.05 -35.65 1.12
CA VAL A 702 25.16 -36.61 0.41
C VAL A 702 24.77 -35.95 -0.91
N HIS A 703 25.29 -36.48 -2.03
CA HIS A 703 25.20 -35.88 -3.39
C HIS A 703 24.10 -36.57 -4.21
N SER A 704 23.84 -36.05 -5.40
CA SER A 704 22.98 -36.64 -6.45
C SER A 704 21.54 -36.84 -5.93
N LEU A 705 21.05 -35.89 -5.13
CA LEU A 705 19.72 -35.99 -4.49
C LEU A 705 18.67 -35.29 -5.35
N GLU A 706 17.53 -35.93 -5.55
CA GLU A 706 16.33 -35.38 -6.26
C GLU A 706 15.27 -35.01 -5.21
N VAL A 707 14.71 -33.81 -5.25
CA VAL A 707 13.56 -33.42 -4.37
C VAL A 707 12.36 -33.16 -5.27
N PRO A 708 11.52 -34.18 -5.55
CA PRO A 708 10.39 -34.03 -6.47
C PRO A 708 9.27 -33.12 -5.93
N ALA A 709 8.50 -32.53 -6.83
CA ALA A 709 7.41 -31.59 -6.49
C ALA A 709 6.47 -32.27 -5.49
N ASN A 710 6.04 -31.56 -4.43
CA ASN A 710 4.92 -32.02 -3.57
C ASN A 710 5.21 -33.39 -2.94
N THR A 711 6.42 -33.62 -2.42
CA THR A 711 6.82 -34.90 -1.76
C THR A 711 7.62 -34.67 -0.46
N SER A 712 7.61 -35.69 0.40
CA SER A 712 8.46 -35.87 1.59
C SER A 712 9.22 -37.19 1.42
N LYS A 713 10.57 -37.18 1.45
CA LYS A 713 11.43 -38.39 1.22
C LYS A 713 12.58 -38.41 2.23
N CYS A 714 12.89 -39.59 2.79
CA CYS A 714 14.12 -39.82 3.61
C CYS A 714 15.32 -39.93 2.68
N VAL A 715 16.41 -39.23 2.96
CA VAL A 715 17.65 -39.26 2.14
C VAL A 715 18.87 -39.60 3.02
N TYR A 716 18.72 -39.84 4.32
CA TYR A 716 19.86 -40.14 5.22
C TYR A 716 19.36 -40.73 6.53
N ARG A 717 20.02 -41.81 7.02
CA ARG A 717 19.81 -42.42 8.36
C ARG A 717 21.19 -42.81 8.95
N ALA A 718 21.35 -42.71 10.27
CA ALA A 718 22.59 -43.08 11.02
C ALA A 718 22.29 -43.32 12.50
N LYS A 719 22.74 -44.47 13.03
CA LYS A 719 22.76 -44.77 14.49
C LYS A 719 23.56 -43.66 15.20
N LEU A 720 23.21 -43.35 16.45
CA LEU A 720 23.98 -42.38 17.27
C LEU A 720 25.20 -43.09 17.91
N ASP A 721 25.03 -44.29 18.49
CA ASP A 721 26.15 -45.10 19.03
C ASP A 721 27.13 -45.40 17.89
N GLY A 722 28.38 -44.92 18.03
CA GLY A 722 29.47 -45.07 17.03
C GLY A 722 29.83 -43.75 16.36
N TRP A 723 29.08 -42.67 16.64
CA TRP A 723 29.19 -41.38 15.93
C TRP A 723 29.46 -40.27 16.94
N LEU A 724 28.55 -40.10 17.90
CA LEU A 724 28.63 -39.09 18.98
C LEU A 724 28.77 -39.83 20.31
N THR A 725 29.65 -39.32 21.18
CA THR A 725 29.75 -39.67 22.62
C THR A 725 28.48 -39.17 23.31
N PRO A 726 27.98 -39.81 24.39
CA PRO A 726 26.84 -39.26 25.13
C PRO A 726 27.16 -37.86 25.68
N GLU A 727 28.43 -37.64 26.01
CA GLU A 727 29.00 -36.35 26.50
C GLU A 727 28.91 -35.30 25.38
N ASP A 728 29.22 -35.68 24.12
CA ASP A 728 29.12 -34.81 22.91
C ASP A 728 27.65 -34.41 22.62
N CYS A 729 26.69 -35.30 22.84
CA CYS A 729 25.24 -35.05 22.59
C CYS A 729 24.75 -33.91 23.49
N ARG A 730 25.43 -33.67 24.62
CA ARG A 730 25.10 -32.62 25.60
C ARG A 730 25.80 -31.30 25.24
N ARG A 731 26.78 -31.33 24.33
CA ARG A 731 27.74 -30.19 24.19
C ARG A 731 27.89 -29.73 22.72
N SER A 732 27.07 -30.27 21.81
CA SER A 732 27.17 -30.00 20.34
C SER A 732 25.78 -29.93 19.69
N PHE A 733 25.73 -29.52 18.42
CA PHE A 733 24.50 -29.40 17.61
C PHE A 733 24.90 -29.71 16.18
N LEU A 734 23.95 -30.20 15.39
CA LEU A 734 24.10 -30.48 13.95
C LEU A 734 23.61 -29.27 13.15
N LYS A 735 24.47 -28.74 12.27
CA LYS A 735 24.14 -27.78 11.18
C LYS A 735 23.83 -28.58 9.91
N LEU A 736 22.66 -28.35 9.29
CA LEU A 736 22.25 -28.96 7.99
C LEU A 736 21.99 -27.85 6.96
N ILE A 737 22.39 -28.10 5.71
CA ILE A 737 22.25 -27.12 4.58
C ILE A 737 21.96 -27.91 3.31
N LEU A 738 21.12 -27.36 2.42
CA LEU A 738 20.76 -27.96 1.10
C LEU A 738 21.18 -26.99 -0.02
N LYS A 739 21.97 -27.46 -0.98
CA LYS A 739 22.52 -26.60 -2.08
C LYS A 739 22.20 -27.23 -3.43
N ASP A 740 22.10 -26.42 -4.48
CA ASP A 740 21.77 -26.87 -5.86
C ASP A 740 23.08 -27.36 -6.53
N LYS A 741 23.06 -27.70 -7.82
CA LYS A 741 24.25 -28.23 -8.56
C LYS A 741 25.42 -27.22 -8.43
N SER A 742 25.13 -25.91 -8.53
CA SER A 742 26.09 -24.77 -8.54
C SER A 742 26.59 -24.40 -7.13
N GLY A 743 25.97 -24.94 -6.07
CA GLY A 743 26.40 -24.73 -4.67
C GLY A 743 25.65 -23.59 -3.99
N HIS A 744 24.58 -23.03 -4.59
CA HIS A 744 23.70 -22.00 -3.96
C HIS A 744 22.80 -22.65 -2.90
N GLN A 745 22.68 -22.01 -1.74
CA GLN A 745 21.93 -22.54 -0.57
C GLN A 745 20.43 -22.24 -0.72
N VAL A 746 19.57 -23.26 -0.65
CA VAL A 746 18.08 -23.11 -0.80
C VAL A 746 17.37 -23.42 0.52
N ALA A 747 18.07 -23.96 1.53
CA ALA A 747 17.49 -24.26 2.87
C ALA A 747 18.58 -24.59 3.91
N GLU A 748 18.24 -24.46 5.19
CA GLU A 748 19.13 -24.90 6.31
C GLU A 748 18.34 -25.13 7.59
N SER A 749 18.94 -25.88 8.50
CA SER A 749 18.29 -26.38 9.72
C SER A 749 19.36 -26.57 10.81
N VAL A 750 18.94 -26.53 12.08
CA VAL A 750 19.78 -26.80 13.29
C VAL A 750 19.11 -27.93 14.08
N HIS A 751 19.88 -28.92 14.55
CA HIS A 751 19.41 -30.08 15.38
C HIS A 751 20.18 -30.20 16.71
N PHE A 752 19.45 -30.35 17.80
CA PHE A 752 19.96 -30.68 19.15
C PHE A 752 19.60 -32.14 19.45
N PHE A 753 20.54 -32.89 20.05
CA PHE A 753 20.44 -34.36 20.26
C PHE A 753 19.81 -34.70 21.62
N ARG A 754 19.60 -33.73 22.50
CA ARG A 754 18.99 -33.99 23.83
C ARG A 754 18.10 -32.81 24.22
N LYS A 755 17.15 -33.05 25.11
CA LYS A 755 16.22 -32.02 25.61
C LYS A 755 17.03 -30.84 26.15
N THR A 756 16.52 -29.61 26.02
CA THR A 756 17.20 -28.36 26.44
C THR A 756 17.70 -28.48 27.91
N LYS A 757 16.92 -29.03 28.83
CA LYS A 757 17.29 -29.09 30.27
C LYS A 757 18.52 -30.00 30.50
N ASP A 758 18.82 -30.91 29.58
CA ASP A 758 19.98 -31.83 29.68
C ASP A 758 21.15 -31.27 28.88
N LEU A 759 21.06 -30.06 28.33
CA LEU A 759 22.20 -29.41 27.60
C LEU A 759 23.16 -28.77 28.61
N GLN A 760 24.46 -28.82 28.34
CA GLN A 760 25.52 -28.12 29.13
C GLN A 760 25.77 -26.75 28.49
N LEU A 761 24.84 -25.83 28.67
CA LEU A 761 24.93 -24.48 28.07
C LEU A 761 25.96 -23.63 28.82
N PRO A 762 27.00 -23.12 28.12
CA PRO A 762 27.94 -22.18 28.70
C PRO A 762 27.31 -20.83 29.06
N PRO A 763 27.60 -20.24 30.25
CA PRO A 763 27.18 -18.88 30.53
C PRO A 763 27.80 -17.98 29.45
N THR A 764 27.05 -16.97 29.01
CA THR A 764 27.45 -16.07 27.90
C THR A 764 26.59 -14.82 27.99
N SER A 765 26.99 -13.79 27.26
CA SER A 765 26.29 -12.50 27.09
C SER A 765 26.19 -12.21 25.59
N VAL A 766 25.04 -11.71 25.14
CA VAL A 766 24.83 -11.28 23.74
C VAL A 766 25.12 -9.78 23.67
N SER A 767 26.14 -9.39 22.92
CA SER A 767 26.46 -7.97 22.61
C SER A 767 25.72 -7.58 21.32
N TYR A 768 25.31 -6.32 21.17
CA TYR A 768 24.68 -5.83 19.92
C TYR A 768 25.06 -4.37 19.66
N GLN A 769 25.28 -4.03 18.40
CA GLN A 769 25.33 -2.63 17.87
C GLN A 769 23.93 -2.29 17.35
N MET A 770 23.49 -1.04 17.48
CA MET A 770 22.14 -0.57 17.08
C MET A 770 22.25 0.68 16.20
N LYS A 771 21.60 0.67 15.04
CA LYS A 771 21.44 1.85 14.16
C LYS A 771 19.95 2.17 13.99
N GLN A 772 19.49 3.26 14.59
CA GLN A 772 18.06 3.64 14.72
C GLN A 772 17.77 4.86 13.84
N THR A 773 16.81 4.73 12.92
CA THR A 773 16.30 5.84 12.06
C THR A 773 14.79 6.02 12.35
N ASP A 774 14.07 6.82 11.56
CA ASP A 774 12.61 6.99 11.74
C ASP A 774 11.90 5.70 11.26
N GLY A 775 11.10 5.09 12.13
CA GLY A 775 10.30 3.90 11.81
C GLY A 775 11.10 2.61 11.82
N LYS A 776 12.37 2.61 12.26
CA LYS A 776 13.29 1.46 12.06
C LYS A 776 14.49 1.40 13.04
N CYS A 777 14.88 0.17 13.40
CA CYS A 777 16.08 -0.14 14.21
CA CYS A 777 16.08 -0.16 14.22
C CYS A 777 16.74 -1.41 13.64
N GLU A 778 17.99 -1.29 13.18
CA GLU A 778 18.83 -2.42 12.65
C GLU A 778 19.81 -2.86 13.75
N LEU A 779 19.64 -4.07 14.30
CA LEU A 779 20.56 -4.67 15.31
C LEU A 779 21.50 -5.67 14.63
N THR A 780 22.79 -5.67 14.98
CA THR A 780 23.75 -6.77 14.70
C THR A 780 24.11 -7.48 16.02
N LEU A 781 23.82 -8.78 16.12
CA LEU A 781 23.97 -9.57 17.38
C LEU A 781 25.24 -10.43 17.29
N PHE A 782 25.94 -10.59 18.42
CA PHE A 782 27.17 -11.43 18.52
C PHE A 782 27.32 -12.02 19.92
N SER A 783 27.62 -13.32 19.96
CA SER A 783 28.08 -14.12 21.11
C SER A 783 29.10 -15.12 20.60
N SER A 784 30.22 -15.30 21.32
CA SER A 784 31.31 -16.22 20.90
C SER A 784 30.90 -17.65 21.22
N MET A 785 29.95 -17.84 22.14
CA MET A 785 29.35 -19.15 22.51
C MET A 785 27.87 -19.18 22.09
N LEU A 786 27.33 -20.39 21.86
CA LEU A 786 25.88 -20.57 21.58
C LEU A 786 25.05 -19.86 22.64
N ALA A 787 24.05 -19.09 22.20
CA ALA A 787 22.94 -18.62 23.06
C ALA A 787 21.65 -19.29 22.56
N LYS A 788 20.88 -19.88 23.47
CA LYS A 788 19.79 -20.81 23.09
C LYS A 788 18.47 -20.04 23.03
N ASP A 789 17.77 -20.09 21.89
CA ASP A 789 16.35 -19.62 21.79
C ASP A 789 16.27 -18.15 22.21
N ILE A 790 17.06 -17.25 21.61
CA ILE A 790 17.12 -15.85 22.16
C ILE A 790 15.76 -15.16 21.91
N PHE A 791 15.35 -14.29 22.83
CA PHE A 791 14.17 -13.42 22.70
C PHE A 791 14.66 -11.96 22.74
N ILE A 792 14.57 -11.24 21.62
CA ILE A 792 14.81 -9.76 21.58
C ILE A 792 13.51 -9.04 21.98
N GLU A 793 13.46 -8.52 23.19
CA GLU A 793 12.26 -7.94 23.85
C GLU A 793 12.41 -6.41 23.88
N THR A 794 11.32 -5.71 23.54
CA THR A 794 11.20 -4.23 23.43
C THR A 794 9.85 -3.84 24.00
N PRO A 795 9.73 -2.67 24.67
CA PRO A 795 8.45 -2.26 25.24
C PRO A 795 7.36 -1.85 24.23
N LEU A 796 7.71 -1.59 22.97
CA LEU A 796 6.82 -0.99 21.92
C LEU A 796 5.77 -2.01 21.43
N GLN A 797 4.46 -1.78 21.70
CA GLN A 797 3.37 -2.73 21.31
C GLN A 797 3.34 -2.85 19.77
N GLY A 798 3.19 -4.07 19.25
CA GLY A 798 3.03 -4.37 17.80
C GLY A 798 4.30 -4.17 16.97
N ALA A 799 5.46 -4.08 17.60
CA ALA A 799 6.76 -3.96 16.90
C ALA A 799 6.97 -5.22 16.06
N ARG A 800 7.36 -5.10 14.79
CA ARG A 800 7.59 -6.29 13.92
C ARG A 800 9.08 -6.55 13.81
N TYR A 801 9.46 -7.83 13.72
CA TYR A 801 10.87 -8.31 13.68
C TYR A 801 11.09 -9.10 12.39
N SER A 802 12.21 -8.89 11.67
CA SER A 802 12.65 -9.80 10.57
C SER A 802 12.81 -11.23 11.12
N ASP A 803 13.23 -11.39 12.38
CA ASP A 803 13.33 -12.73 13.04
C ASP A 803 13.44 -12.51 14.55
N ASN A 804 13.18 -13.59 15.31
CA ASN A 804 13.17 -13.61 16.80
C ASN A 804 12.99 -15.09 17.24
N PHE A 805 13.28 -15.42 18.50
CA PHE A 805 13.07 -16.78 19.04
C PHE A 805 13.87 -17.78 18.19
N PHE A 806 15.17 -17.50 18.03
CA PHE A 806 16.11 -18.32 17.23
C PHE A 806 17.40 -18.58 18.03
N ASP A 807 18.13 -19.66 17.68
CA ASP A 807 19.45 -19.97 18.30
C ASP A 807 20.52 -19.08 17.67
N LEU A 808 21.22 -18.26 18.47
CA LEU A 808 22.40 -17.47 18.01
C LEU A 808 23.65 -18.35 18.11
N LEU A 809 24.18 -18.74 16.95
CA LEU A 809 25.27 -19.74 16.84
C LEU A 809 26.61 -19.10 17.16
N PRO A 810 27.57 -19.91 17.66
CA PRO A 810 28.79 -19.38 18.28
C PRO A 810 29.61 -18.63 17.22
N GLY A 811 29.91 -17.35 17.48
CA GLY A 811 30.68 -16.46 16.58
C GLY A 811 30.12 -16.40 15.17
N GLU A 812 28.80 -16.27 15.01
CA GLU A 812 28.11 -16.01 13.72
C GLU A 812 27.23 -14.78 13.92
N ARG A 813 27.70 -13.61 13.46
CA ARG A 813 27.01 -12.30 13.58
C ARG A 813 25.65 -12.43 12.86
N LYS A 814 24.63 -11.80 13.43
CA LYS A 814 23.24 -12.01 12.97
C LYS A 814 22.54 -10.65 12.93
N LYS A 815 22.03 -10.27 11.77
CA LYS A 815 21.31 -9.00 11.51
C LYS A 815 19.80 -9.20 11.74
N VAL A 816 19.16 -8.30 12.50
CA VAL A 816 17.69 -8.32 12.83
C VAL A 816 17.21 -6.90 12.58
N ILE A 817 16.07 -6.72 11.92
CA ILE A 817 15.46 -5.38 11.68
C ILE A 817 14.14 -5.30 12.44
N ILE A 818 13.93 -4.22 13.21
CA ILE A 818 12.68 -4.00 13.99
C ILE A 818 11.98 -2.80 13.35
N THR A 819 10.70 -2.93 12.99
CA THR A 819 9.96 -1.81 12.37
C THR A 819 8.72 -1.50 13.22
N SER A 820 8.40 -0.20 13.31
CA SER A 820 7.19 0.36 13.99
C SER A 820 7.04 1.83 13.62
N PRO A 821 5.83 2.27 13.19
CA PRO A 821 5.63 3.67 12.86
C PRO A 821 5.95 4.58 14.07
N ARG A 822 5.99 4.03 15.29
CA ARG A 822 6.25 4.76 16.56
C ARG A 822 7.75 4.92 16.87
N ILE A 823 8.66 4.42 16.03
CA ILE A 823 10.15 4.47 16.26
C ILE A 823 10.69 5.80 15.73
N LYS A 824 11.28 6.65 16.59
CA LYS A 824 11.75 8.01 16.22
C LYS A 824 13.28 8.07 16.33
N LYS A 825 13.97 8.60 15.31
CA LYS A 825 15.44 8.88 15.28
C LYS A 825 15.83 9.71 16.52
N GLY A 826 16.85 9.26 17.27
CA GLY A 826 17.35 9.96 18.47
C GLY A 826 16.57 9.65 19.73
N GLU A 827 15.68 8.63 19.72
CA GLU A 827 14.89 8.19 20.92
C GLU A 827 15.13 6.68 21.16
N GLU A 828 16.40 6.31 21.42
CA GLU A 828 16.91 4.91 21.54
C GLU A 828 15.81 3.97 22.04
N LEU A 829 15.43 2.96 21.24
CA LEU A 829 14.46 1.91 21.62
C LEU A 829 15.12 1.02 22.67
N PRO A 830 14.51 0.83 23.86
CA PRO A 830 15.00 -0.14 24.83
C PRO A 830 14.90 -1.54 24.24
N VAL A 831 15.97 -2.31 24.42
CA VAL A 831 16.16 -3.69 23.91
C VAL A 831 16.65 -4.53 25.10
N ASN A 832 16.03 -5.70 25.33
CA ASN A 832 16.43 -6.68 26.36
C ASN A 832 16.51 -8.06 25.69
N ILE A 833 17.71 -8.65 25.66
CA ILE A 833 17.98 -9.94 24.97
C ILE A 833 18.02 -11.05 26.03
N LYS A 834 17.10 -12.01 25.96
CA LYS A 834 17.03 -13.17 26.90
C LYS A 834 17.51 -14.42 26.17
N HIS A 835 17.93 -15.44 26.94
CA HIS A 835 18.34 -16.78 26.45
C HIS A 835 18.33 -17.80 27.61
N ILE A 836 18.24 -19.08 27.29
CA ILE A 836 17.88 -20.17 28.27
C ILE A 836 18.86 -20.13 29.46
N ARG A 837 20.16 -20.14 29.18
CA ARG A 837 21.24 -20.25 30.20
C ARG A 837 21.01 -19.18 31.29
N GLU A 838 20.54 -17.98 30.91
CA GLU A 838 20.33 -16.82 31.83
C GLU A 838 19.25 -17.11 32.87
N THR A 839 18.35 -18.07 32.65
CA THR A 839 17.14 -18.28 33.51
C THR A 839 17.48 -19.09 34.78
N TYR A 840 18.70 -19.63 34.88
CA TYR A 840 19.16 -20.36 36.08
C TYR A 840 20.64 -19.99 36.33
N ASN B 5 14.42 -14.24 -16.40
CA ASN B 5 14.20 -15.54 -17.04
C ASN B 5 15.34 -15.82 -18.03
N ASP B 6 16.56 -16.10 -17.54
CA ASP B 6 17.73 -16.60 -18.34
C ASP B 6 18.71 -17.32 -17.39
N THR B 7 19.76 -17.94 -17.92
CA THR B 7 20.71 -18.79 -17.13
C THR B 7 21.74 -17.92 -16.42
N SER B 8 21.76 -16.60 -16.65
CA SER B 8 22.74 -15.68 -15.99
C SER B 8 22.49 -15.65 -14.47
N GLU B 9 23.54 -15.52 -13.67
CA GLU B 9 23.45 -15.24 -12.22
C GLU B 9 23.92 -13.81 -11.94
N VAL B 10 23.20 -13.10 -11.08
CA VAL B 10 23.47 -11.68 -10.76
C VAL B 10 23.68 -11.59 -9.25
N MET B 11 24.83 -11.11 -8.77
N MET B 11 24.83 -11.10 -8.82
CA MET B 11 25.03 -10.93 -7.30
CA MET B 11 25.19 -10.88 -7.40
C MET B 11 25.31 -9.45 -6.96
C MET B 11 25.16 -9.36 -7.16
N LEU B 12 24.42 -8.91 -6.14
CA LEU B 12 24.39 -7.47 -5.73
C LEU B 12 25.50 -7.28 -4.71
N LEU B 13 26.35 -6.26 -4.89
CA LEU B 13 27.45 -5.91 -3.95
C LEU B 13 26.94 -4.76 -3.08
N ASP B 14 26.08 -5.08 -2.12
CA ASP B 14 25.28 -4.10 -1.33
C ASP B 14 25.50 -4.30 0.17
N THR B 15 26.50 -5.08 0.59
CA THR B 15 26.85 -5.32 2.02
C THR B 15 28.37 -5.40 2.18
N GLY B 16 28.84 -5.18 3.40
CA GLY B 16 30.28 -5.30 3.74
C GLY B 16 31.12 -4.11 3.29
N TRP B 17 30.52 -3.01 2.86
CA TRP B 17 31.32 -1.81 2.45
C TRP B 17 31.80 -1.03 3.67
N GLU B 18 32.98 -0.40 3.56
CA GLU B 18 33.59 0.51 4.58
C GLU B 18 34.12 1.75 3.87
N PHE B 19 34.26 2.86 4.59
CA PHE B 19 34.76 4.16 4.05
C PHE B 19 35.84 4.74 4.99
N SER B 20 36.71 5.57 4.40
CA SER B 20 37.81 6.29 5.09
C SER B 20 37.98 7.68 4.47
N GLN B 21 38.11 8.71 5.29
CA GLN B 21 38.74 9.99 4.87
C GLN B 21 40.19 9.68 4.50
N SER B 22 40.56 9.92 3.23
CA SER B 22 41.91 9.64 2.65
C SER B 22 43.00 10.21 3.55
N GLY B 23 43.98 9.40 3.91
CA GLY B 23 45.17 9.86 4.65
C GLY B 23 45.07 9.64 6.13
N THR B 24 43.89 9.22 6.66
CA THR B 24 43.67 8.97 8.12
C THR B 24 43.92 7.49 8.48
N GLU B 25 43.83 6.59 7.50
CA GLU B 25 43.96 5.11 7.68
C GLU B 25 42.88 4.58 8.65
N LYS B 26 41.77 5.32 8.89
CA LYS B 26 40.64 4.90 9.78
C LYS B 26 39.41 4.52 8.93
N TRP B 27 38.90 3.29 9.13
CA TRP B 27 37.83 2.66 8.33
C TRP B 27 36.57 2.45 9.19
N MET B 28 35.37 2.64 8.61
CA MET B 28 34.06 2.52 9.31
C MET B 28 33.00 2.00 8.35
N PRO B 29 31.97 1.27 8.86
CA PRO B 29 30.93 0.72 7.99
C PRO B 29 30.24 1.85 7.20
N ALA B 30 29.91 1.54 5.96
CA ALA B 30 29.17 2.40 5.02
C ALA B 30 27.95 1.64 4.53
N THR B 31 26.99 2.41 4.01
CA THR B 31 25.79 1.94 3.28
C THR B 31 25.98 2.30 1.79
N VAL B 32 25.78 1.33 0.90
CA VAL B 32 25.88 1.44 -0.59
C VAL B 32 24.67 0.76 -1.22
N PRO B 33 23.91 1.42 -2.13
CA PRO B 33 24.17 2.80 -2.57
C PRO B 33 24.08 3.85 -1.44
N GLY B 34 24.80 4.97 -1.56
CA GLY B 34 24.92 5.95 -0.46
C GLY B 34 25.72 7.18 -0.84
N THR B 35 26.03 7.99 0.16
CA THR B 35 26.81 9.27 0.05
C THR B 35 27.77 9.35 1.23
N VAL B 36 28.88 10.07 1.04
CA VAL B 36 29.87 10.40 2.09
C VAL B 36 29.13 11.08 3.26
N HIS B 37 28.30 12.08 2.96
CA HIS B 37 27.59 12.88 4.01
C HIS B 37 26.75 11.94 4.90
N GLN B 38 26.00 11.00 4.32
CA GLN B 38 25.09 10.09 5.10
C GLN B 38 25.92 9.07 5.89
N ASP B 39 27.03 8.59 5.32
CA ASP B 39 27.96 7.69 6.05
C ASP B 39 28.49 8.42 7.30
N LEU B 40 28.88 9.69 7.18
CA LEU B 40 29.36 10.49 8.34
C LEU B 40 28.22 10.74 9.35
N ILE B 41 27.04 11.18 8.88
CA ILE B 41 25.86 11.50 9.75
C ILE B 41 25.55 10.25 10.59
N SER B 42 25.62 9.07 10.00
CA SER B 42 25.19 7.81 10.64
C SER B 42 26.21 7.42 11.73
N HIS B 43 27.39 8.05 11.79
CA HIS B 43 28.40 7.81 12.87
C HIS B 43 28.58 9.07 13.72
N GLU B 44 27.68 10.04 13.57
CA GLU B 44 27.69 11.33 14.31
C GLU B 44 29.04 12.04 14.11
N LEU B 45 29.56 11.99 12.89
CA LEU B 45 30.76 12.74 12.47
C LEU B 45 30.32 14.02 11.73
N LEU B 46 29.02 14.19 11.53
CA LEU B 46 28.40 15.46 11.04
C LEU B 46 27.17 15.75 11.89
N PRO B 47 26.83 17.02 12.14
CA PRO B 47 25.54 17.34 12.73
C PRO B 47 24.47 17.20 11.64
N ASN B 48 23.19 17.32 12.01
CA ASN B 48 22.05 17.36 11.05
C ASN B 48 22.27 18.54 10.11
N PRO B 49 22.52 18.30 8.80
CA PRO B 49 22.85 19.39 7.87
C PRO B 49 21.73 20.44 7.66
N PHE B 50 20.48 20.04 7.90
CA PHE B 50 19.25 20.81 7.63
C PHE B 50 18.83 21.66 8.84
N TYR B 51 19.45 21.50 10.02
CA TYR B 51 19.03 22.19 11.28
C TYR B 51 19.78 23.52 11.42
N GLY B 52 19.06 24.59 11.74
CA GLY B 52 19.63 25.88 12.19
C GLY B 52 20.64 26.46 11.21
N MET B 53 21.87 26.71 11.68
CA MET B 53 22.97 27.33 10.92
C MET B 53 23.97 26.24 10.50
N ASN B 54 23.57 24.96 10.40
CA ASN B 54 24.55 23.85 10.25
C ASN B 54 25.20 23.87 8.85
N GLU B 55 24.62 24.56 7.85
CA GLU B 55 25.14 24.54 6.45
C GLU B 55 26.65 24.88 6.46
N LYS B 56 27.06 25.91 7.20
CA LYS B 56 28.49 26.34 7.32
C LYS B 56 29.33 25.20 7.91
N LYS B 57 28.77 24.38 8.81
CA LYS B 57 29.55 23.39 9.60
C LYS B 57 29.82 22.08 8.83
N ILE B 58 29.30 21.91 7.61
CA ILE B 58 29.46 20.63 6.85
C ILE B 58 30.25 20.86 5.55
N GLN B 59 30.68 22.11 5.29
CA GLN B 59 31.37 22.46 4.03
C GLN B 59 32.72 21.75 3.94
N TRP B 60 33.36 21.43 5.08
CA TRP B 60 34.73 20.84 5.10
C TRP B 60 34.82 19.56 4.27
N VAL B 61 33.73 18.80 4.15
CA VAL B 61 33.68 17.45 3.50
C VAL B 61 34.13 17.57 2.03
N GLU B 62 33.77 18.66 1.34
CA GLU B 62 33.96 18.82 -0.14
C GLU B 62 35.44 19.07 -0.49
N ASN B 63 36.31 19.25 0.50
CA ASN B 63 37.76 19.51 0.30
C ASN B 63 38.58 18.24 0.58
N GLU B 64 37.97 17.19 1.14
CA GLU B 64 38.68 15.92 1.43
C GLU B 64 38.47 14.94 0.28
N ASP B 65 39.35 13.96 0.15
CA ASP B 65 39.19 12.77 -0.72
C ASP B 65 38.64 11.64 0.17
N TRP B 66 37.88 10.71 -0.43
CA TRP B 66 37.15 9.63 0.29
C TRP B 66 37.37 8.29 -0.41
N GLU B 67 37.65 7.25 0.39
CA GLU B 67 37.94 5.89 -0.11
C GLU B 67 36.85 4.94 0.42
N TYR B 68 36.45 3.98 -0.44
CA TYR B 68 35.42 2.94 -0.21
C TYR B 68 36.01 1.57 -0.58
N ARG B 69 35.76 0.54 0.21
CA ARG B 69 36.21 -0.86 -0.11
C ARG B 69 35.17 -1.87 0.33
N THR B 70 35.19 -3.04 -0.30
CA THR B 70 34.45 -4.27 0.09
C THR B 70 35.17 -5.50 -0.50
N SER B 71 34.92 -6.67 0.09
CA SER B 71 35.40 -8.00 -0.33
C SER B 71 34.19 -8.87 -0.72
N PHE B 72 34.39 -9.88 -1.57
CA PHE B 72 33.33 -10.82 -2.05
C PHE B 72 33.98 -12.14 -2.48
N ILE B 73 33.23 -13.24 -2.37
CA ILE B 73 33.69 -14.62 -2.74
C ILE B 73 33.25 -14.98 -4.16
N VAL B 74 34.15 -15.56 -4.95
CA VAL B 74 33.83 -16.20 -6.26
C VAL B 74 34.20 -17.69 -6.23
N SER B 75 33.24 -18.52 -6.64
CA SER B 75 33.30 -20.01 -6.66
C SER B 75 33.94 -20.49 -7.96
N GLU B 76 34.39 -21.75 -7.97
CA GLU B 76 34.99 -22.39 -9.16
C GLU B 76 33.94 -22.42 -10.26
N GLU B 77 32.70 -22.75 -9.86
CA GLU B 77 31.49 -22.79 -10.73
C GLU B 77 31.32 -21.42 -11.40
N GLN B 78 31.39 -20.34 -10.62
CA GLN B 78 31.19 -18.94 -11.10
C GLN B 78 32.32 -18.56 -12.08
N LEU B 79 33.58 -18.80 -11.72
CA LEU B 79 34.78 -18.53 -12.55
C LEU B 79 34.74 -19.28 -13.89
N ASN B 80 33.91 -20.32 -14.04
CA ASN B 80 33.92 -21.15 -15.27
C ASN B 80 32.76 -20.77 -16.19
N ARG B 81 32.02 -19.69 -15.89
CA ARG B 81 31.04 -19.09 -16.83
C ARG B 81 31.84 -18.43 -17.98
N ASP B 82 31.23 -18.27 -19.16
CA ASP B 82 31.89 -17.72 -20.37
C ASP B 82 32.29 -16.27 -20.15
N GLY B 83 31.47 -15.47 -19.44
CA GLY B 83 31.74 -14.03 -19.23
C GLY B 83 31.31 -13.57 -17.84
N ILE B 84 32.00 -12.58 -17.28
CA ILE B 84 31.66 -11.95 -15.96
C ILE B 84 31.84 -10.43 -16.07
N GLN B 85 30.77 -9.70 -15.74
CA GLN B 85 30.64 -8.23 -15.90
C GLN B 85 30.46 -7.57 -14.54
N LEU B 86 31.11 -6.44 -14.31
CA LEU B 86 30.94 -5.58 -13.11
C LEU B 86 30.24 -4.31 -13.60
N ILE B 87 29.07 -4.03 -13.03
CA ILE B 87 28.19 -2.93 -13.51
C ILE B 87 28.05 -1.89 -12.39
N PHE B 88 28.45 -0.66 -12.67
CA PHE B 88 28.20 0.55 -11.84
C PHE B 88 27.12 1.40 -12.50
N GLU B 89 25.93 1.50 -11.90
CA GLU B 89 24.79 2.31 -12.43
C GLU B 89 25.07 3.81 -12.14
N GLY B 90 25.95 4.14 -11.20
CA GLY B 90 26.31 5.54 -10.87
C GLY B 90 27.46 5.69 -9.90
N LEU B 91 28.44 6.54 -10.29
CA LEU B 91 29.61 6.96 -9.48
C LEU B 91 29.66 8.49 -9.46
N ASP B 92 29.64 9.13 -8.27
CA ASP B 92 29.67 10.60 -8.12
C ASP B 92 31.01 10.98 -7.48
N THR B 93 32.01 11.46 -8.24
CA THR B 93 32.04 11.64 -9.70
C THR B 93 33.42 11.22 -10.28
N TYR B 94 34.52 11.76 -9.77
CA TYR B 94 35.91 11.42 -10.17
C TYR B 94 36.37 10.22 -9.35
N ALA B 95 36.15 9.02 -9.87
CA ALA B 95 36.32 7.74 -9.12
C ALA B 95 37.27 6.80 -9.88
N ASP B 96 38.35 6.39 -9.19
CA ASP B 96 39.33 5.38 -9.65
C ASP B 96 38.94 4.03 -9.04
N VAL B 97 38.56 3.08 -9.87
CA VAL B 97 38.03 1.75 -9.46
C VAL B 97 39.14 0.70 -9.61
N TYR B 98 39.55 0.08 -8.51
CA TYR B 98 40.58 -0.98 -8.47
C TYR B 98 39.94 -2.31 -8.06
N LEU B 99 40.25 -3.39 -8.80
CA LEU B 99 39.88 -4.79 -8.46
C LEU B 99 41.11 -5.70 -8.56
N ASN B 100 41.54 -6.28 -7.42
CA ASN B 100 42.61 -7.31 -7.38
C ASN B 100 43.88 -6.77 -8.05
N GLY B 101 44.26 -5.52 -7.76
CA GLY B 101 45.48 -4.88 -8.29
C GLY B 101 45.33 -4.30 -9.70
N SER B 102 44.14 -4.37 -10.33
CA SER B 102 43.86 -3.77 -11.67
C SER B 102 43.08 -2.46 -11.59
N LEU B 103 43.52 -1.39 -12.28
CA LEU B 103 42.65 -0.20 -12.51
C LEU B 103 41.67 -0.49 -13.63
N LEU B 104 40.38 -0.63 -13.32
CA LEU B 104 39.35 -1.00 -14.33
C LEU B 104 38.87 0.25 -15.09
N LEU B 105 38.92 1.41 -14.46
CA LEU B 105 38.08 2.57 -14.84
C LEU B 105 38.54 3.80 -14.06
N LYS B 106 38.68 4.92 -14.78
CA LYS B 106 38.79 6.28 -14.18
C LYS B 106 37.49 7.02 -14.54
N ALA B 107 36.48 6.99 -13.67
CA ALA B 107 35.13 7.52 -13.99
C ALA B 107 35.11 9.06 -13.86
N ASP B 108 34.20 9.75 -14.55
CA ASP B 108 34.25 11.24 -14.68
C ASP B 108 32.88 11.79 -15.10
N ASN B 109 31.78 11.10 -14.77
CA ASN B 109 30.42 11.51 -15.21
C ASN B 109 29.40 10.78 -14.33
N MET B 110 28.83 11.52 -13.39
CA MET B 110 27.81 11.04 -12.42
C MET B 110 26.61 10.47 -13.21
N PHE B 111 26.41 10.89 -14.45
CA PHE B 111 25.17 10.58 -15.21
C PHE B 111 25.34 9.38 -16.14
N VAL B 112 26.47 8.66 -16.08
CA VAL B 112 26.77 7.53 -17.01
C VAL B 112 26.78 6.21 -16.23
N GLY B 113 26.21 5.15 -16.80
CA GLY B 113 26.36 3.77 -16.30
C GLY B 113 27.54 3.08 -16.95
N TYR B 114 28.37 2.39 -16.18
CA TYR B 114 29.62 1.71 -16.65
C TYR B 114 29.45 0.19 -16.59
N THR B 115 29.67 -0.52 -17.70
CA THR B 115 29.75 -2.01 -17.78
C THR B 115 31.19 -2.48 -18.10
N LEU B 116 31.85 -3.22 -17.21
CA LEU B 116 33.29 -3.62 -17.30
C LEU B 116 33.46 -5.14 -17.35
N PRO B 117 34.13 -5.71 -18.38
CA PRO B 117 34.50 -7.13 -18.35
C PRO B 117 35.58 -7.41 -17.29
N VAL B 118 35.39 -8.40 -16.41
CA VAL B 118 36.34 -8.68 -15.28
C VAL B 118 36.65 -10.18 -15.09
N LYS B 119 36.18 -11.11 -15.94
CA LYS B 119 36.48 -12.55 -15.74
C LYS B 119 37.99 -12.79 -15.57
N SER B 120 38.83 -12.17 -16.42
CA SER B 120 40.28 -12.44 -16.45
C SER B 120 40.97 -11.89 -15.19
N VAL B 121 40.38 -10.94 -14.45
CA VAL B 121 41.04 -10.40 -13.21
C VAL B 121 40.42 -10.98 -11.92
N LEU B 122 39.31 -11.74 -11.99
CA LEU B 122 38.71 -12.36 -10.77
C LEU B 122 39.54 -13.57 -10.32
N ARG B 123 39.49 -13.90 -9.01
CA ARG B 123 40.18 -15.07 -8.42
C ARG B 123 39.19 -15.94 -7.62
N LYS B 124 39.45 -17.25 -7.54
CA LYS B 124 38.70 -18.23 -6.70
C LYS B 124 38.93 -17.83 -5.24
N GLY B 125 37.86 -17.66 -4.45
CA GLY B 125 37.95 -17.17 -3.05
C GLY B 125 37.73 -15.66 -2.92
N GLU B 126 38.46 -15.01 -2.01
CA GLU B 126 38.31 -13.58 -1.59
C GLU B 126 38.80 -12.68 -2.73
N ASN B 127 37.99 -11.71 -3.15
CA ASN B 127 38.33 -10.64 -4.13
C ASN B 127 38.15 -9.27 -3.42
N HIS B 128 38.93 -8.25 -3.81
CA HIS B 128 38.97 -6.93 -3.12
C HIS B 128 38.70 -5.81 -4.12
N LEU B 129 37.61 -5.06 -3.93
CA LEU B 129 37.20 -3.88 -4.72
C LEU B 129 37.50 -2.64 -3.88
N TYR B 130 38.26 -1.66 -4.41
CA TYR B 130 38.58 -0.36 -3.77
C TYR B 130 38.24 0.78 -4.75
N ILE B 131 37.62 1.86 -4.26
CA ILE B 131 37.23 3.05 -5.08
C ILE B 131 37.75 4.30 -4.37
N TYR B 132 38.52 5.12 -5.10
CA TYR B 132 39.12 6.39 -4.63
C TYR B 132 38.34 7.53 -5.27
N PHE B 133 37.64 8.32 -4.45
CA PHE B 133 36.82 9.47 -4.92
C PHE B 133 37.64 10.74 -4.72
N HIS B 134 38.11 11.32 -5.82
CA HIS B 134 38.80 12.64 -5.81
C HIS B 134 37.74 13.70 -5.44
N SER B 135 38.05 14.57 -4.47
CA SER B 135 37.28 15.84 -4.28
C SER B 135 37.01 16.44 -5.65
N PRO B 136 35.73 16.71 -6.00
CA PRO B 136 35.41 17.42 -7.24
C PRO B 136 35.83 18.90 -7.23
N ILE B 137 35.98 19.49 -6.03
CA ILE B 137 36.61 20.84 -5.81
C ILE B 137 38.12 20.79 -6.16
N ARG B 138 38.90 19.95 -5.49
CA ARG B 138 40.38 19.90 -5.66
C ARG B 138 40.75 19.43 -7.08
N GLN B 139 39.90 18.60 -7.71
CA GLN B 139 40.12 18.05 -9.07
C GLN B 139 40.03 19.20 -10.09
N THR B 140 39.15 20.19 -9.87
CA THR B 140 38.82 21.24 -10.88
C THR B 140 39.45 22.63 -10.56
N LEU B 141 40.07 22.86 -9.41
CA LEU B 141 40.78 24.16 -9.15
C LEU B 141 41.82 24.45 -10.24
N PRO B 142 42.73 23.49 -10.59
CA PRO B 142 43.69 23.71 -11.68
C PRO B 142 43.04 24.01 -13.03
N GLN B 143 41.93 23.34 -13.35
CA GLN B 143 41.12 23.59 -14.58
C GLN B 143 40.63 25.05 -14.54
N TYR B 144 40.14 25.50 -13.39
CA TYR B 144 39.63 26.89 -13.20
C TYR B 144 40.79 27.89 -13.39
N ALA B 145 41.90 27.67 -12.68
CA ALA B 145 43.13 28.50 -12.77
C ALA B 145 43.54 28.64 -14.25
N SER B 146 43.42 27.58 -15.06
CA SER B 146 43.82 27.59 -16.49
C SER B 146 42.83 28.41 -17.35
N ASN B 147 41.65 28.81 -16.85
CA ASN B 147 40.54 29.29 -17.71
C ASN B 147 40.62 30.80 -17.99
N GLY B 148 41.19 31.58 -17.06
CA GLY B 148 41.33 33.04 -17.19
C GLY B 148 40.01 33.81 -17.09
N PHE B 149 38.95 33.20 -16.57
CA PHE B 149 37.67 33.89 -16.27
C PHE B 149 36.81 32.97 -15.37
N ASN B 150 35.88 33.57 -14.61
CA ASN B 150 34.87 32.87 -13.77
C ASN B 150 33.56 32.79 -14.58
N TYR B 151 33.07 31.59 -14.91
CA TYR B 151 31.73 31.40 -15.52
C TYR B 151 30.67 32.03 -14.59
N PRO B 152 29.62 32.68 -15.14
CA PRO B 152 28.58 33.32 -14.32
C PRO B 152 27.42 32.41 -13.86
N ALA B 153 27.74 31.38 -13.10
CA ALA B 153 26.77 30.47 -12.43
C ALA B 153 26.54 30.97 -11.01
N ASP B 154 25.62 31.93 -10.86
CA ASP B 154 25.27 32.61 -9.57
C ASP B 154 24.78 31.57 -8.55
N ASN B 155 24.19 30.47 -9.00
CA ASN B 155 23.60 29.42 -8.12
C ASN B 155 24.70 28.52 -7.53
N ASP B 156 25.94 28.61 -8.01
CA ASP B 156 27.10 27.90 -7.42
C ASP B 156 27.64 28.75 -6.26
N HIS B 157 27.42 28.32 -5.00
CA HIS B 157 27.67 29.12 -3.76
C HIS B 157 29.12 28.97 -3.30
N HIS B 158 30.05 29.49 -4.11
CA HIS B 158 31.53 29.54 -3.88
C HIS B 158 32.04 30.76 -4.66
N GLU B 159 33.15 31.39 -4.24
CA GLU B 159 33.82 32.47 -5.03
C GLU B 159 34.13 31.95 -6.45
N LYS B 160 34.57 30.68 -6.53
CA LYS B 160 34.95 30.02 -7.80
C LYS B 160 33.78 29.14 -8.28
N HIS B 161 33.28 29.37 -9.49
CA HIS B 161 32.14 28.63 -10.06
C HIS B 161 32.68 27.37 -10.78
N LEU B 162 33.03 26.37 -9.97
CA LEU B 162 33.69 25.09 -10.38
C LEU B 162 32.68 24.11 -10.98
N SER B 163 31.38 24.37 -10.80
CA SER B 163 30.29 23.44 -11.20
C SER B 163 30.33 23.16 -12.70
N VAL B 164 30.54 24.18 -13.53
CA VAL B 164 30.43 24.06 -15.01
C VAL B 164 31.49 23.11 -15.57
N PHE B 165 32.56 22.80 -14.85
CA PHE B 165 33.65 21.90 -15.35
C PHE B 165 33.29 20.41 -15.14
N SER B 166 32.41 20.07 -14.18
CA SER B 166 32.06 18.66 -13.84
C SER B 166 30.67 18.28 -14.36
N ARG B 167 30.55 17.08 -14.94
CA ARG B 167 29.24 16.47 -15.22
C ARG B 167 28.72 15.82 -13.93
N LYS B 168 27.99 16.62 -13.13
CA LYS B 168 27.58 16.31 -11.74
C LYS B 168 26.36 17.18 -11.47
N ALA B 169 25.40 16.69 -10.68
CA ALA B 169 24.11 17.38 -10.41
C ALA B 169 24.39 18.84 -10.07
N PRO B 170 24.01 19.81 -10.94
CA PRO B 170 24.24 21.23 -10.64
C PRO B 170 23.73 21.72 -9.28
N TYR B 171 22.54 21.31 -8.81
CA TYR B 171 21.93 21.73 -7.51
C TYR B 171 22.85 21.41 -6.33
N SER B 172 23.77 20.43 -6.41
CA SER B 172 24.61 19.99 -5.25
C SER B 172 25.52 21.14 -4.79
N TYR B 173 25.88 22.05 -5.70
CA TYR B 173 26.74 23.24 -5.44
C TYR B 173 25.93 24.42 -4.87
N GLY B 174 24.60 24.27 -4.81
CA GLY B 174 23.69 25.30 -4.27
C GLY B 174 22.65 25.64 -5.31
N TRP B 175 21.54 26.23 -4.87
CA TRP B 175 20.52 26.86 -5.73
C TRP B 175 19.71 27.87 -4.87
N ASP B 176 18.88 28.69 -5.50
CA ASP B 176 18.06 29.74 -4.81
C ASP B 176 16.92 29.11 -3.99
N TRP B 177 16.82 27.76 -3.93
CA TRP B 177 15.96 27.02 -2.95
C TRP B 177 16.74 25.91 -2.26
N GLY B 178 18.07 25.88 -2.39
CA GLY B 178 18.85 24.67 -2.05
C GLY B 178 20.05 24.92 -1.14
N ILE B 179 20.39 23.90 -0.37
CA ILE B 179 21.59 23.84 0.50
C ILE B 179 22.78 23.37 -0.36
N ARG B 180 23.98 23.89 -0.11
CA ARG B 180 25.23 23.37 -0.74
C ARG B 180 25.70 22.12 0.01
N MET B 181 25.61 20.96 -0.64
N MET B 181 25.65 20.96 -0.65
CA MET B 181 26.20 19.69 -0.17
CA MET B 181 26.20 19.68 -0.15
C MET B 181 26.85 19.02 -1.39
C MET B 181 26.88 18.96 -1.32
N VAL B 182 28.13 19.37 -1.63
CA VAL B 182 28.90 18.84 -2.79
C VAL B 182 29.41 17.46 -2.38
N THR B 183 28.59 16.42 -2.59
CA THR B 183 28.82 15.06 -2.04
C THR B 183 29.47 14.12 -3.08
N SER B 184 29.79 12.89 -2.66
CA SER B 184 30.51 11.87 -3.45
C SER B 184 30.01 10.49 -3.05
N GLY B 185 30.23 9.50 -3.91
CA GLY B 185 30.07 8.08 -3.55
C GLY B 185 29.39 7.27 -4.64
N VAL B 186 29.02 6.06 -4.25
CA VAL B 186 28.36 5.04 -5.11
C VAL B 186 26.87 5.27 -4.96
N TRP B 187 26.28 6.07 -5.85
CA TRP B 187 24.97 6.70 -5.65
C TRP B 187 23.85 5.86 -6.28
N ARG B 188 24.19 4.85 -7.09
CA ARG B 188 23.23 3.84 -7.67
C ARG B 188 23.89 2.46 -7.56
N PRO B 189 23.12 1.35 -7.74
CA PRO B 189 23.62 0.02 -7.41
C PRO B 189 24.82 -0.51 -8.22
N VAL B 190 25.53 -1.44 -7.59
CA VAL B 190 26.71 -2.18 -8.13
C VAL B 190 26.34 -3.66 -8.24
N THR B 191 26.50 -4.24 -9.43
CA THR B 191 26.11 -5.65 -9.74
C THR B 191 27.25 -6.43 -10.42
N LEU B 192 27.37 -7.73 -10.14
CA LEU B 192 28.26 -8.70 -10.85
C LEU B 192 27.35 -9.66 -11.62
N ARG B 193 27.46 -9.75 -12.95
CA ARG B 193 26.65 -10.68 -13.78
C ARG B 193 27.56 -11.79 -14.33
N PHE B 194 27.32 -13.05 -13.95
CA PHE B 194 27.98 -14.29 -14.47
C PHE B 194 27.07 -14.94 -15.53
N TYR B 195 27.51 -15.03 -16.80
CA TYR B 195 26.65 -15.45 -17.93
C TYR B 195 27.38 -16.39 -18.90
N ASP B 196 26.65 -17.04 -19.82
CA ASP B 196 27.27 -17.84 -20.92
C ASP B 196 26.91 -17.25 -22.28
N ILE B 197 27.85 -17.29 -23.24
CA ILE B 197 27.67 -17.04 -24.70
C ILE B 197 27.63 -15.54 -25.02
N ALA B 198 26.65 -14.80 -24.45
CA ALA B 198 26.26 -13.43 -24.88
C ALA B 198 25.42 -12.73 -23.81
N THR B 199 25.35 -11.39 -23.92
CA THR B 199 24.36 -10.50 -23.23
C THR B 199 23.65 -9.66 -24.29
N ILE B 200 22.39 -9.27 -24.04
CA ILE B 200 21.68 -8.20 -24.80
C ILE B 200 22.12 -6.87 -24.18
N SER B 201 22.99 -6.10 -24.84
CA SER B 201 23.45 -4.82 -24.25
C SER B 201 22.40 -3.74 -24.52
N ASP B 202 21.55 -3.90 -25.54
CA ASP B 202 20.39 -3.00 -25.77
C ASP B 202 19.24 -3.76 -26.43
N TYR B 203 18.01 -3.37 -26.07
CA TYR B 203 16.74 -3.77 -26.70
C TYR B 203 15.87 -2.52 -26.83
N TYR B 204 15.56 -2.14 -28.06
CA TYR B 204 14.76 -0.96 -28.41
C TYR B 204 13.57 -1.45 -29.19
N VAL B 205 12.37 -1.20 -28.66
CA VAL B 205 11.09 -1.40 -29.43
C VAL B 205 10.77 -0.12 -30.18
N ARG B 206 10.88 -0.14 -31.51
CA ARG B 206 10.64 1.04 -32.37
C ARG B 206 9.24 0.94 -32.97
N GLN B 207 8.41 1.95 -32.71
CA GLN B 207 7.04 2.04 -33.25
C GLN B 207 7.13 2.67 -34.64
N LEU B 208 6.69 1.93 -35.67
CA LEU B 208 6.79 2.33 -37.10
C LEU B 208 5.50 3.02 -37.51
N SER B 209 4.35 2.48 -37.08
CA SER B 209 3.02 3.03 -37.42
C SER B 209 2.00 2.59 -36.36
N LEU B 210 0.97 3.42 -36.11
CA LEU B 210 -0.16 3.10 -35.21
C LEU B 210 -1.48 3.61 -35.79
N THR B 211 -2.44 2.71 -35.97
CA THR B 211 -3.85 3.01 -36.32
C THR B 211 -4.75 2.27 -35.34
N ASP B 212 -6.06 2.48 -35.41
CA ASP B 212 -7.03 1.74 -34.57
C ASP B 212 -6.97 0.24 -34.94
N GLU B 213 -6.51 -0.11 -36.16
CA GLU B 213 -6.60 -1.49 -36.72
C GLU B 213 -5.28 -2.23 -36.50
N ASN B 214 -4.14 -1.55 -36.41
CA ASN B 214 -2.84 -2.25 -36.43
C ASN B 214 -1.70 -1.38 -35.87
N ALA B 215 -0.82 -1.96 -35.07
CA ALA B 215 0.46 -1.35 -34.68
C ALA B 215 1.60 -2.17 -35.29
N ARG B 216 2.54 -1.51 -35.98
CA ARG B 216 3.71 -2.15 -36.64
C ARG B 216 4.95 -1.71 -35.85
N LEU B 217 5.65 -2.69 -35.27
CA LEU B 217 6.82 -2.52 -34.38
C LEU B 217 8.06 -3.11 -35.07
N SER B 218 9.24 -2.53 -34.84
CA SER B 218 10.54 -3.09 -35.23
C SER B 218 11.34 -3.35 -33.95
N ASN B 219 11.66 -4.62 -33.65
CA ASN B 219 12.42 -4.99 -32.41
C ASN B 219 13.92 -5.03 -32.73
N GLU B 220 14.70 -4.08 -32.19
CA GLU B 220 16.14 -3.88 -32.49
C GLU B 220 16.96 -4.33 -31.29
N LEU B 221 17.80 -5.35 -31.49
CA LEU B 221 18.67 -5.92 -30.43
C LEU B 221 20.13 -5.77 -30.80
N ILE B 222 20.94 -5.40 -29.80
CA ILE B 222 22.42 -5.38 -29.88
C ILE B 222 22.90 -6.48 -28.92
N VAL B 223 23.49 -7.53 -29.49
CA VAL B 223 23.95 -8.76 -28.78
C VAL B 223 25.48 -8.84 -28.80
N ASN B 224 26.08 -8.86 -27.62
CA ASN B 224 27.54 -8.86 -27.41
C ASN B 224 27.99 -10.27 -27.01
N GLN B 225 28.54 -11.03 -27.97
CA GLN B 225 28.99 -12.43 -27.75
C GLN B 225 30.44 -12.43 -27.29
N ILE B 226 30.72 -13.13 -26.20
CA ILE B 226 32.04 -13.16 -25.50
C ILE B 226 32.91 -14.38 -25.91
N VAL B 227 32.37 -15.40 -26.60
CA VAL B 227 33.14 -16.63 -26.98
C VAL B 227 33.54 -16.57 -28.47
N PRO B 228 34.71 -17.16 -28.87
CA PRO B 228 35.25 -17.00 -30.23
C PRO B 228 34.68 -17.85 -31.39
N GLN B 229 34.09 -19.02 -31.13
CA GLN B 229 33.49 -19.85 -32.21
C GLN B 229 32.17 -19.22 -32.64
N LYS B 230 31.71 -19.50 -33.87
CA LYS B 230 30.35 -19.18 -34.39
C LYS B 230 29.33 -19.99 -33.56
N ILE B 231 28.16 -19.41 -33.24
CA ILE B 231 27.19 -20.02 -32.29
C ILE B 231 25.78 -19.96 -32.89
N PRO B 232 25.13 -21.11 -33.17
CA PRO B 232 23.75 -21.10 -33.64
C PRO B 232 22.81 -20.77 -32.48
N ALA B 233 21.80 -19.95 -32.75
CA ALA B 233 20.81 -19.52 -31.74
C ALA B 233 19.51 -19.16 -32.44
N GLU B 234 18.42 -19.06 -31.66
CA GLU B 234 17.10 -18.57 -32.13
C GLU B 234 16.77 -17.33 -31.31
N VAL B 235 16.47 -16.21 -31.99
CA VAL B 235 16.00 -14.95 -31.34
C VAL B 235 14.48 -15.01 -31.28
N ARG B 236 13.93 -14.80 -30.08
CA ARG B 236 12.47 -14.84 -29.79
C ARG B 236 12.05 -13.50 -29.19
N VAL B 237 10.94 -12.93 -29.69
CA VAL B 237 10.19 -11.81 -29.07
C VAL B 237 8.78 -12.28 -28.73
N ASN B 238 8.45 -12.32 -27.45
CA ASN B 238 7.08 -12.59 -26.97
C ASN B 238 6.42 -11.27 -26.60
N VAL B 239 5.25 -10.99 -27.16
CA VAL B 239 4.39 -9.81 -26.82
C VAL B 239 3.14 -10.34 -26.12
N SER B 240 2.90 -9.88 -24.88
N SER B 240 2.89 -9.90 -24.87
CA SER B 240 1.73 -10.23 -24.04
CA SER B 240 1.72 -10.32 -24.04
C SER B 240 1.02 -8.99 -23.49
C SER B 240 1.08 -9.11 -23.33
N LEU B 241 -0.24 -9.15 -23.15
CA LEU B 241 -1.06 -8.14 -22.42
C LEU B 241 -1.71 -8.87 -21.23
N ASN B 242 -1.31 -8.51 -20.01
CA ASN B 242 -1.95 -8.95 -18.74
C ASN B 242 -1.92 -10.49 -18.69
N GLY B 243 -0.80 -11.11 -19.06
CA GLY B 243 -0.53 -12.55 -18.86
C GLY B 243 -0.95 -13.43 -20.03
N THR B 244 -1.37 -12.86 -21.16
CA THR B 244 -1.78 -13.64 -22.36
C THR B 244 -1.00 -13.17 -23.59
N THR B 245 -0.33 -14.10 -24.28
CA THR B 245 0.42 -13.81 -25.51
C THR B 245 -0.53 -13.28 -26.58
N VAL B 246 -0.16 -12.16 -27.20
CA VAL B 246 -0.90 -11.58 -28.36
C VAL B 246 -0.12 -11.85 -29.66
N THR B 247 1.21 -11.93 -29.64
CA THR B 247 2.04 -12.44 -30.77
C THR B 247 3.45 -12.87 -30.34
N GLU B 248 4.05 -13.82 -31.06
CA GLU B 248 5.40 -14.40 -30.80
C GLU B 248 6.13 -14.51 -32.15
N VAL B 249 7.30 -13.88 -32.29
CA VAL B 249 8.06 -13.93 -33.57
C VAL B 249 9.45 -14.47 -33.22
N LYS B 250 10.09 -15.13 -34.19
CA LYS B 250 11.41 -15.78 -34.01
C LYS B 250 12.17 -15.76 -35.33
N GLN B 251 13.48 -15.94 -35.21
CA GLN B 251 14.45 -15.83 -36.32
C GLN B 251 15.67 -16.66 -35.93
N GLN B 252 16.08 -17.57 -36.81
CA GLN B 252 17.30 -18.39 -36.72
C GLN B 252 18.52 -17.51 -37.04
N VAL B 253 19.51 -17.45 -36.17
CA VAL B 253 20.75 -16.64 -36.44
C VAL B 253 21.97 -17.51 -36.17
N THR B 254 23.11 -17.08 -36.74
CA THR B 254 24.48 -17.48 -36.31
C THR B 254 25.13 -16.27 -35.67
N LEU B 255 25.52 -16.38 -34.40
CA LEU B 255 26.16 -15.26 -33.67
C LEU B 255 27.66 -15.30 -33.95
N GLN B 256 28.26 -14.14 -34.26
CA GLN B 256 29.73 -13.92 -34.37
C GLN B 256 30.24 -13.35 -33.05
N PRO B 257 31.56 -13.45 -32.75
CA PRO B 257 32.12 -12.80 -31.58
C PRO B 257 31.97 -11.28 -31.70
N GLY B 258 31.86 -10.59 -30.56
CA GLY B 258 31.62 -9.14 -30.47
C GLY B 258 30.18 -8.78 -30.75
N ILE B 259 29.98 -7.64 -31.42
CA ILE B 259 28.67 -6.96 -31.60
C ILE B 259 27.91 -7.68 -32.71
N ASN B 260 26.60 -7.89 -32.52
CA ASN B 260 25.65 -8.46 -33.50
C ASN B 260 24.41 -7.56 -33.48
N HIS B 261 23.86 -7.23 -34.66
CA HIS B 261 22.66 -6.37 -34.86
C HIS B 261 21.51 -7.21 -35.41
N ILE B 262 20.53 -7.54 -34.57
CA ILE B 262 19.36 -8.36 -34.96
C ILE B 262 18.11 -7.48 -34.91
N THR B 263 17.30 -7.53 -35.97
CA THR B 263 15.99 -6.83 -36.07
C THR B 263 14.91 -7.86 -36.41
N LEU B 264 13.83 -7.92 -35.61
CA LEU B 264 12.58 -8.69 -35.85
C LEU B 264 11.38 -7.76 -35.86
N PRO B 265 10.63 -7.74 -36.97
CA PRO B 265 9.35 -7.02 -36.99
C PRO B 265 8.30 -7.76 -36.14
N ALA B 266 7.25 -7.06 -35.70
CA ALA B 266 6.08 -7.66 -35.03
C ALA B 266 4.89 -6.73 -35.16
N GLU B 267 3.67 -7.28 -35.12
CA GLU B 267 2.41 -6.54 -35.31
C GLU B 267 1.42 -6.92 -34.22
N VAL B 268 0.65 -5.94 -33.79
CA VAL B 268 -0.46 -6.09 -32.80
C VAL B 268 -1.71 -5.54 -33.48
N THR B 269 -2.67 -6.42 -33.75
CA THR B 269 -3.98 -6.12 -34.38
C THR B 269 -4.90 -5.56 -33.30
N ASN B 270 -5.71 -4.57 -33.67
CA ASN B 270 -6.68 -3.87 -32.77
C ASN B 270 -5.95 -3.52 -31.46
N PRO B 271 -4.88 -2.70 -31.51
CA PRO B 271 -4.10 -2.38 -30.31
C PRO B 271 -4.91 -1.65 -29.22
N VAL B 272 -4.68 -1.96 -27.94
CA VAL B 272 -5.26 -1.15 -26.82
C VAL B 272 -4.28 0.00 -26.50
N ARG B 273 -4.71 1.25 -26.73
CA ARG B 273 -3.81 2.43 -26.59
C ARG B 273 -3.48 2.76 -25.12
N TRP B 274 -2.26 3.25 -24.88
CA TRP B 274 -1.85 3.98 -23.65
C TRP B 274 -2.49 5.38 -23.69
N MET B 275 -3.28 5.72 -22.68
CA MET B 275 -3.92 7.06 -22.54
C MET B 275 -3.30 7.82 -21.37
N PRO B 276 -3.18 9.17 -21.47
CA PRO B 276 -2.74 10.01 -20.36
C PRO B 276 -3.84 10.16 -19.27
N ASN B 277 -3.42 10.49 -18.04
CA ASN B 277 -4.26 10.69 -16.84
C ASN B 277 -5.43 11.62 -17.17
N GLY B 278 -6.65 11.12 -17.01
CA GLY B 278 -7.92 11.83 -17.30
C GLY B 278 -8.59 11.32 -18.58
N TRP B 279 -7.87 10.66 -19.48
CA TRP B 279 -8.42 10.19 -20.78
C TRP B 279 -8.51 8.65 -20.81
N GLY B 280 -8.27 7.96 -19.70
CA GLY B 280 -8.52 6.50 -19.60
C GLY B 280 -7.33 5.74 -19.03
N THR B 281 -7.15 4.49 -19.46
CA THR B 281 -6.18 3.50 -18.91
C THR B 281 -4.78 3.71 -19.50
N PRO B 282 -3.73 3.78 -18.64
CA PRO B 282 -2.34 3.77 -19.12
C PRO B 282 -1.87 2.34 -19.49
N THR B 283 -2.49 1.76 -20.54
CA THR B 283 -2.31 0.34 -20.95
C THR B 283 -0.83 0.05 -21.31
N LEU B 284 -0.23 -0.95 -20.68
CA LEU B 284 1.16 -1.37 -20.96
C LEU B 284 1.19 -2.85 -21.38
N TYR B 285 1.78 -3.13 -22.55
CA TYR B 285 2.14 -4.49 -23.01
C TYR B 285 3.51 -4.87 -22.42
N ASP B 286 3.75 -6.18 -22.29
CA ASP B 286 5.05 -6.77 -21.91
C ASP B 286 5.72 -7.28 -23.20
N PHE B 287 6.90 -6.72 -23.53
CA PHE B 287 7.75 -7.13 -24.68
C PHE B 287 8.99 -7.84 -24.10
N SER B 288 9.14 -9.12 -24.36
CA SER B 288 10.28 -9.96 -23.85
C SER B 288 11.08 -10.50 -25.02
N ALA B 289 12.38 -10.23 -25.07
CA ALA B 289 13.30 -10.68 -26.14
C ALA B 289 14.24 -11.72 -25.54
N GLN B 290 14.39 -12.89 -26.16
CA GLN B 290 15.24 -13.99 -25.64
C GLN B 290 16.30 -14.41 -26.69
N ILE B 291 17.53 -14.68 -26.26
CA ILE B 291 18.55 -15.45 -27.04
C ILE B 291 18.53 -16.90 -26.52
N ALA B 292 18.05 -17.84 -27.33
CA ALA B 292 17.89 -19.27 -26.95
C ALA B 292 18.88 -20.16 -27.76
N CYS B 293 19.67 -20.98 -27.06
CA CYS B 293 20.49 -22.07 -27.65
C CYS B 293 19.82 -23.40 -27.28
N GLY B 294 18.86 -23.85 -28.09
CA GLY B 294 17.94 -24.94 -27.70
C GLY B 294 17.19 -24.61 -26.43
N ASP B 295 17.27 -25.48 -25.43
CA ASP B 295 16.62 -25.34 -24.10
C ASP B 295 17.31 -24.24 -23.24
N ARG B 296 18.53 -23.83 -23.58
CA ARG B 296 19.30 -22.81 -22.81
C ARG B 296 18.91 -21.40 -23.29
N ILE B 297 18.14 -20.64 -22.49
CA ILE B 297 17.93 -19.16 -22.64
C ILE B 297 19.11 -18.46 -21.97
N VAL B 298 20.10 -18.05 -22.76
CA VAL B 298 21.42 -17.55 -22.28
C VAL B 298 21.26 -16.07 -21.86
N ALA B 299 20.33 -15.34 -22.49
CA ALA B 299 20.07 -13.90 -22.26
C ALA B 299 18.61 -13.53 -22.53
N GLU B 300 18.05 -12.68 -21.68
CA GLU B 300 16.65 -12.16 -21.78
C GLU B 300 16.60 -10.69 -21.34
N GLN B 301 15.84 -9.85 -22.03
CA GLN B 301 15.57 -8.44 -21.63
C GLN B 301 14.09 -8.14 -21.88
N SER B 302 13.40 -7.50 -20.92
CA SER B 302 11.96 -7.11 -21.02
CA SER B 302 11.98 -7.10 -21.07
C SER B 302 11.81 -5.58 -20.92
N HIS B 303 10.78 -5.03 -21.57
CA HIS B 303 10.30 -3.64 -21.37
C HIS B 303 8.78 -3.67 -21.25
N ARG B 304 8.19 -2.81 -20.42
CA ARG B 304 6.77 -2.44 -20.53
C ARG B 304 6.66 -1.41 -21.66
N ILE B 305 5.65 -1.56 -22.54
CA ILE B 305 5.48 -0.74 -23.76
C ILE B 305 4.05 -0.19 -23.82
N GLY B 306 3.91 1.11 -23.98
CA GLY B 306 2.61 1.77 -24.27
C GLY B 306 2.51 2.15 -25.74
N LEU B 307 1.44 1.77 -26.41
CA LEU B 307 1.23 2.05 -27.84
C LEU B 307 0.44 3.35 -27.92
N ARG B 308 1.10 4.44 -28.31
CA ARG B 308 0.45 5.77 -28.45
C ARG B 308 1.29 6.59 -29.43
N THR B 309 0.71 7.64 -30.00
CA THR B 309 1.46 8.70 -30.72
C THR B 309 1.51 9.94 -29.82
N ILE B 310 2.71 10.50 -29.66
CA ILE B 310 2.94 11.85 -29.09
C ILE B 310 3.62 12.70 -30.16
N ARG B 311 2.97 13.79 -30.59
CA ARG B 311 3.54 14.79 -31.50
C ARG B 311 3.56 16.17 -30.82
N VAL B 312 4.73 16.79 -30.73
CA VAL B 312 4.85 18.22 -30.33
C VAL B 312 4.70 19.12 -31.58
N VAL B 313 3.65 19.93 -31.63
CA VAL B 313 3.37 20.86 -32.76
C VAL B 313 3.95 22.23 -32.40
N ASN B 314 4.99 22.64 -33.12
CA ASN B 314 5.72 23.91 -32.96
C ASN B 314 5.81 24.55 -34.35
N GLU B 315 4.76 25.26 -34.77
CA GLU B 315 4.57 25.72 -36.17
C GLU B 315 4.16 27.20 -36.15
N LYS B 316 4.61 27.96 -37.15
CA LYS B 316 4.18 29.36 -37.42
C LYS B 316 2.67 29.36 -37.63
N ASP B 317 1.96 30.31 -37.04
CA ASP B 317 0.48 30.46 -37.16
C ASP B 317 0.16 31.95 -37.00
N LYS B 318 -1.11 32.34 -36.92
CA LYS B 318 -1.51 33.78 -36.96
C LYS B 318 -0.97 34.52 -35.73
N ASP B 319 -0.73 33.81 -34.62
CA ASP B 319 -0.49 34.42 -33.28
C ASP B 319 1.01 34.37 -32.97
N GLY B 320 1.83 33.81 -33.87
CA GLY B 320 3.29 33.74 -33.74
C GLY B 320 3.81 32.33 -34.03
N GLU B 321 4.12 31.56 -32.99
CA GLU B 321 4.47 30.11 -33.09
C GLU B 321 3.77 29.33 -31.96
N SER B 322 2.97 28.35 -32.36
CA SER B 322 2.25 27.39 -31.47
C SER B 322 3.27 26.55 -30.69
N PHE B 323 2.84 25.95 -29.57
CA PHE B 323 3.64 25.00 -28.76
C PHE B 323 2.68 24.13 -27.94
N TYR B 324 2.29 22.97 -28.49
CA TYR B 324 1.30 22.06 -27.87
C TYR B 324 1.57 20.58 -28.18
N PHE B 325 1.01 19.74 -27.31
CA PHE B 325 1.08 18.25 -27.32
C PHE B 325 -0.20 17.69 -27.93
N GLU B 326 -0.02 16.83 -28.92
CA GLU B 326 -1.07 16.04 -29.59
C GLU B 326 -0.84 14.56 -29.22
N VAL B 327 -1.81 13.93 -28.54
CA VAL B 327 -1.66 12.55 -27.99
C VAL B 327 -2.76 11.66 -28.57
N ASN B 328 -2.35 10.63 -29.30
CA ASN B 328 -3.27 9.77 -30.07
C ASN B 328 -4.12 10.63 -31.01
N GLY B 329 -3.57 11.72 -31.57
CA GLY B 329 -4.27 12.55 -32.57
C GLY B 329 -5.12 13.68 -31.99
N ILE B 330 -5.27 13.77 -30.66
CA ILE B 330 -6.14 14.78 -29.97
C ILE B 330 -5.25 15.80 -29.28
N PRO B 331 -5.41 17.11 -29.57
CA PRO B 331 -4.72 18.16 -28.82
C PRO B 331 -4.98 18.10 -27.30
N MET B 332 -3.93 18.07 -26.49
CA MET B 332 -4.01 17.77 -25.04
C MET B 332 -3.45 18.96 -24.28
N PHE B 333 -4.32 19.70 -23.58
CA PHE B 333 -3.90 20.86 -22.75
C PHE B 333 -3.09 20.31 -21.58
N ALA B 334 -1.85 20.76 -21.43
CA ALA B 334 -0.90 20.25 -20.42
C ALA B 334 -1.17 20.92 -19.06
N LYS B 335 -1.20 20.10 -18.00
CA LYS B 335 -1.44 20.50 -16.59
C LYS B 335 -0.40 19.82 -15.68
N GLY B 336 0.48 20.60 -15.07
CA GLY B 336 1.48 20.01 -14.16
C GLY B 336 2.43 21.01 -13.54
N ALA B 337 3.64 20.54 -13.29
CA ALA B 337 4.68 21.27 -12.55
C ALA B 337 6.09 20.84 -12.96
N ASN B 338 7.05 21.69 -12.56
CA ASN B 338 8.51 21.49 -12.63
C ASN B 338 8.95 20.73 -11.39
N TYR B 339 9.67 19.64 -11.62
CA TYR B 339 10.16 18.70 -10.59
C TYR B 339 11.65 18.94 -10.42
N ILE B 340 12.08 19.06 -9.15
CA ILE B 340 13.50 19.17 -8.69
C ILE B 340 13.82 17.92 -7.89
N PRO B 341 15.11 17.61 -7.60
CA PRO B 341 15.45 16.47 -6.74
C PRO B 341 14.69 16.48 -5.41
N GLN B 342 14.35 15.30 -4.88
CA GLN B 342 13.53 15.14 -3.63
C GLN B 342 14.42 15.29 -2.39
N ASP B 343 15.74 15.34 -2.56
CA ASP B 343 16.66 15.36 -1.38
C ASP B 343 18.02 15.87 -1.80
N ALA B 344 18.72 16.50 -0.86
CA ALA B 344 20.14 16.91 -0.98
C ALA B 344 21.00 15.65 -1.13
N LEU B 345 20.54 14.50 -0.61
CA LEU B 345 21.26 13.20 -0.64
C LEU B 345 20.41 12.16 -1.41
N LEU B 346 20.68 11.95 -2.70
CA LEU B 346 19.75 11.31 -3.66
C LEU B 346 19.40 9.88 -3.23
N PRO B 347 20.36 9.05 -2.77
CA PRO B 347 20.09 7.67 -2.37
C PRO B 347 19.20 7.54 -1.12
N ASN B 348 19.00 8.63 -0.37
CA ASN B 348 18.13 8.60 0.84
C ASN B 348 16.67 8.51 0.39
N VAL B 349 16.38 8.78 -0.90
CA VAL B 349 15.00 8.77 -1.44
C VAL B 349 14.57 7.32 -1.73
N THR B 350 13.62 6.81 -0.94
CA THR B 350 13.12 5.42 -0.94
C THR B 350 12.03 5.24 -2.01
N THR B 351 11.74 3.99 -2.36
CA THR B 351 10.66 3.57 -3.28
C THR B 351 9.34 4.20 -2.81
N GLU B 352 9.08 4.21 -1.50
CA GLU B 352 7.81 4.72 -0.90
C GLU B 352 7.70 6.23 -1.19
N ARG B 353 8.78 7.01 -1.07
CA ARG B 353 8.77 8.47 -1.36
C ARG B 353 8.47 8.71 -2.86
N TYR B 354 9.10 7.94 -3.77
CA TYR B 354 8.81 8.04 -5.23
C TYR B 354 7.34 7.73 -5.45
N GLN B 355 6.81 6.69 -4.79
CA GLN B 355 5.38 6.26 -4.96
C GLN B 355 4.44 7.39 -4.47
N THR B 356 4.72 8.01 -3.33
CA THR B 356 3.92 9.09 -2.71
C THR B 356 3.89 10.32 -3.65
N LEU B 357 5.01 10.68 -4.27
N LEU B 357 5.04 10.66 -4.23
CA LEU B 357 5.05 11.89 -5.13
CA LEU B 357 5.20 11.79 -5.20
C LEU B 357 4.16 11.68 -6.37
C LEU B 357 4.15 11.63 -6.31
N PHE B 358 4.12 10.47 -6.97
CA PHE B 358 3.23 10.22 -8.16
C PHE B 358 1.76 10.23 -7.72
N ARG B 359 1.46 9.74 -6.52
CA ARG B 359 0.10 9.84 -5.94
C ARG B 359 -0.31 11.33 -5.83
N ASP B 360 0.60 12.18 -5.36
CA ASP B 360 0.41 13.65 -5.21
C ASP B 360 0.11 14.29 -6.58
N MET B 361 0.82 13.93 -7.63
CA MET B 361 0.61 14.48 -8.99
C MET B 361 -0.72 13.99 -9.57
N LYS B 362 -1.02 12.70 -9.43
CA LYS B 362 -2.21 12.07 -10.05
C LYS B 362 -3.48 12.60 -9.39
N GLU B 363 -3.47 12.76 -8.06
CA GLU B 363 -4.62 13.22 -7.24
C GLU B 363 -4.86 14.71 -7.47
N ALA B 364 -3.87 15.46 -7.95
CA ALA B 364 -4.07 16.88 -8.33
C ALA B 364 -4.39 17.00 -9.83
N ASN B 365 -4.82 15.91 -10.48
CA ASN B 365 -5.35 15.94 -11.89
C ASN B 365 -4.25 16.35 -12.88
N MET B 366 -2.97 16.13 -12.57
CA MET B 366 -1.86 16.46 -13.50
C MET B 366 -1.76 15.44 -14.64
N ASN B 367 -1.25 15.87 -15.79
CA ASN B 367 -0.97 14.95 -16.93
C ASN B 367 0.46 15.19 -17.47
N MET B 368 1.27 16.02 -16.82
CA MET B 368 2.65 16.29 -17.31
C MET B 368 3.55 16.70 -16.15
N VAL B 369 4.83 16.30 -16.21
CA VAL B 369 5.92 16.77 -15.30
C VAL B 369 7.16 17.07 -16.15
N ARG B 370 7.83 18.18 -15.86
CA ARG B 370 9.12 18.58 -16.46
C ARG B 370 10.24 18.24 -15.48
N ILE B 371 11.20 17.40 -15.91
CA ILE B 371 12.40 17.10 -15.08
C ILE B 371 13.42 18.19 -15.42
N TRP B 372 13.48 19.19 -14.57
CA TRP B 372 14.27 20.43 -14.77
C TRP B 372 15.78 20.13 -14.77
N GLY B 373 16.54 20.88 -15.57
CA GLY B 373 17.95 20.56 -15.93
C GLY B 373 19.01 20.89 -14.89
N GLY B 374 18.67 21.26 -13.65
CA GLY B 374 19.67 21.38 -12.56
C GLY B 374 19.69 20.17 -11.62
N GLY B 375 18.94 19.11 -11.95
CA GLY B 375 18.84 17.90 -11.09
C GLY B 375 19.64 16.71 -11.62
N THR B 376 18.95 15.57 -11.81
CA THR B 376 19.48 14.33 -12.44
C THR B 376 18.55 13.89 -13.55
N TYR B 377 19.07 13.11 -14.51
CA TYR B 377 18.26 12.14 -15.30
C TYR B 377 17.74 11.14 -14.25
N GLU B 378 16.43 11.10 -14.01
CA GLU B 378 15.85 10.36 -12.86
C GLU B 378 15.97 8.84 -13.06
N ASN B 379 15.82 8.09 -11.98
CA ASN B 379 16.07 6.63 -11.99
C ASN B 379 14.95 5.94 -12.79
N ASN B 380 15.13 4.64 -13.04
CA ASN B 380 14.18 3.81 -13.83
C ASN B 380 12.79 3.79 -13.15
N LEU B 381 12.74 3.81 -11.80
CA LEU B 381 11.47 3.73 -11.03
C LEU B 381 10.59 4.95 -11.34
N PHE B 382 11.19 6.14 -11.35
CA PHE B 382 10.46 7.41 -11.65
C PHE B 382 9.68 7.25 -12.97
N TYR B 383 10.37 6.79 -14.02
N TYR B 383 10.34 6.81 -14.05
CA TYR B 383 9.82 6.64 -15.39
CA TYR B 383 9.72 6.69 -15.40
C TYR B 383 8.77 5.52 -15.44
C TYR B 383 8.74 5.50 -15.43
N ASP B 384 9.01 4.41 -14.70
CA ASP B 384 8.06 3.27 -14.54
C ASP B 384 6.76 3.82 -13.91
N LEU B 385 6.87 4.71 -12.91
CA LEU B 385 5.69 5.27 -12.18
C LEU B 385 4.96 6.25 -13.10
N ALA B 386 5.70 7.06 -13.85
CA ALA B 386 5.07 7.92 -14.87
C ALA B 386 4.26 7.04 -15.86
N ASP B 387 4.87 5.98 -16.41
CA ASP B 387 4.20 5.04 -17.35
C ASP B 387 2.84 4.55 -16.80
N GLU B 388 2.83 4.09 -15.55
CA GLU B 388 1.65 3.39 -15.00
C GLU B 388 0.64 4.39 -14.42
N ASN B 389 0.95 5.70 -14.33
CA ASN B 389 -0.01 6.74 -13.86
C ASN B 389 -0.42 7.71 -14.99
N GLY B 390 0.05 7.50 -16.21
CA GLY B 390 -0.39 8.29 -17.37
C GLY B 390 0.10 9.74 -17.31
N ILE B 391 1.29 9.99 -16.79
CA ILE B 391 1.89 11.34 -16.73
C ILE B 391 2.96 11.51 -17.81
N LEU B 392 2.83 12.51 -18.69
CA LEU B 392 3.85 12.78 -19.76
C LEU B 392 5.08 13.40 -19.08
N VAL B 393 6.26 13.06 -19.61
CA VAL B 393 7.56 13.56 -19.10
C VAL B 393 8.24 14.44 -20.16
N TRP B 394 8.58 15.65 -19.76
CA TRP B 394 9.47 16.58 -20.49
C TRP B 394 10.85 16.46 -19.83
N GLN B 395 11.83 15.83 -20.51
CA GLN B 395 13.19 15.63 -19.95
C GLN B 395 14.17 16.71 -20.46
N ASP B 396 14.68 17.55 -19.56
CA ASP B 396 15.79 18.49 -19.87
C ASP B 396 17.09 17.65 -19.87
N PHE B 397 18.10 18.02 -20.66
CA PHE B 397 19.52 17.63 -20.41
C PHE B 397 19.99 18.44 -19.20
N MET B 398 20.99 17.97 -18.45
CA MET B 398 21.38 18.53 -17.13
C MET B 398 22.34 19.74 -17.30
N PHE B 399 21.80 20.84 -17.81
CA PHE B 399 22.48 22.15 -18.03
C PHE B 399 21.51 23.26 -17.63
N ALA B 400 21.89 24.17 -16.73
CA ALA B 400 20.94 25.20 -16.23
C ALA B 400 21.62 26.52 -15.84
N CYS B 401 21.09 27.62 -16.40
CA CYS B 401 21.20 29.03 -15.90
C CYS B 401 22.62 29.63 -16.05
N THR B 402 23.53 29.00 -16.80
CA THR B 402 24.89 29.49 -17.11
C THR B 402 25.33 28.93 -18.46
N PRO B 403 26.17 29.64 -19.24
CA PRO B 403 26.84 29.01 -20.37
C PRO B 403 27.85 28.00 -19.80
N TYR B 404 28.20 27.00 -20.61
CA TYR B 404 29.14 25.90 -20.24
C TYR B 404 30.31 25.88 -21.20
N PRO B 405 31.43 25.22 -20.83
CA PRO B 405 32.50 24.92 -21.79
C PRO B 405 32.00 24.16 -23.03
N SER B 406 32.83 24.16 -24.09
CA SER B 406 32.53 23.48 -25.37
C SER B 406 33.82 22.93 -26.02
N ASP B 407 34.93 22.85 -25.31
CA ASP B 407 36.18 22.22 -25.80
C ASP B 407 35.89 20.75 -26.18
N PRO B 408 36.62 20.12 -27.14
CA PRO B 408 36.40 18.71 -27.51
C PRO B 408 36.32 17.66 -26.37
N THR B 409 37.20 17.70 -25.38
CA THR B 409 37.18 16.72 -24.27
C THR B 409 35.82 16.80 -23.57
N PHE B 410 35.36 18.01 -23.25
CA PHE B 410 34.08 18.25 -22.52
C PHE B 410 32.93 17.74 -23.39
N LEU B 411 32.90 18.09 -24.69
CA LEU B 411 31.79 17.65 -25.57
C LEU B 411 31.75 16.12 -25.67
N LYS B 412 32.91 15.44 -25.61
CA LYS B 412 33.00 13.95 -25.67
C LYS B 412 32.33 13.36 -24.42
N ARG B 413 32.58 13.92 -23.23
CA ARG B 413 31.94 13.50 -21.96
C ARG B 413 30.43 13.67 -22.06
N VAL B 414 29.98 14.73 -22.73
CA VAL B 414 28.53 15.04 -22.86
C VAL B 414 27.88 14.09 -23.86
N GLU B 415 28.58 13.73 -24.95
CA GLU B 415 28.10 12.69 -25.89
C GLU B 415 27.85 11.37 -25.15
N ALA B 416 28.79 10.91 -24.34
CA ALA B 416 28.64 9.62 -23.60
C ALA B 416 27.36 9.68 -22.76
N GLU B 417 27.15 10.76 -22.01
CA GLU B 417 25.97 10.90 -21.10
C GLU B 417 24.69 10.96 -21.93
N ALA B 418 24.71 11.64 -23.09
CA ALA B 418 23.52 11.75 -23.95
C ALA B 418 23.13 10.38 -24.50
N VAL B 419 24.11 9.66 -25.06
CA VAL B 419 23.82 8.33 -25.68
C VAL B 419 23.32 7.38 -24.58
N TYR B 420 23.95 7.40 -23.40
CA TYR B 420 23.59 6.47 -22.29
C TYR B 420 22.14 6.73 -21.84
N ASN B 421 21.76 7.97 -21.58
CA ASN B 421 20.43 8.30 -20.98
C ASN B 421 19.34 8.18 -22.06
N ILE B 422 19.62 8.51 -23.32
CA ILE B 422 18.63 8.32 -24.43
C ILE B 422 18.31 6.81 -24.55
N ARG B 423 19.31 5.92 -24.60
CA ARG B 423 19.06 4.46 -24.74
C ARG B 423 18.38 3.91 -23.48
N ARG B 424 18.78 4.37 -22.29
CA ARG B 424 18.16 3.98 -21.00
C ARG B 424 16.65 4.35 -20.97
N LEU B 425 16.20 5.47 -21.58
CA LEU B 425 14.83 6.05 -21.34
C LEU B 425 13.88 5.91 -22.55
N ARG B 426 14.37 5.56 -23.75
CA ARG B 426 13.62 5.72 -25.03
C ARG B 426 12.50 4.68 -25.18
N ASN B 427 12.43 3.62 -24.37
CA ASN B 427 11.28 2.66 -24.41
C ASN B 427 10.13 3.08 -23.46
N HIS B 428 10.24 4.17 -22.67
CA HIS B 428 9.15 4.62 -21.75
C HIS B 428 8.02 5.32 -22.53
N ALA B 429 6.82 4.79 -22.38
CA ALA B 429 5.59 5.43 -22.88
C ALA B 429 5.46 6.88 -22.39
N SER B 430 5.89 7.16 -21.16
CA SER B 430 5.72 8.48 -20.52
C SER B 430 6.60 9.53 -21.22
N LEU B 431 7.74 9.15 -21.82
CA LEU B 431 8.72 10.14 -22.35
C LEU B 431 8.13 10.85 -23.55
N ALA B 432 8.08 12.19 -23.53
CA ALA B 432 7.37 12.97 -24.55
C ALA B 432 8.32 13.85 -25.37
N MET B 433 9.38 14.41 -24.79
CA MET B 433 10.31 15.35 -25.50
C MET B 433 11.60 15.55 -24.70
N TRP B 434 12.65 15.99 -25.40
CA TRP B 434 13.94 16.45 -24.83
C TRP B 434 14.06 17.97 -25.00
N CYS B 435 14.76 18.61 -24.08
CA CYS B 435 15.04 20.08 -24.05
C CYS B 435 16.52 20.28 -23.69
N GLY B 436 17.25 21.04 -24.50
CA GLY B 436 18.71 21.22 -24.35
C GLY B 436 19.09 21.79 -23.00
N ASN B 437 18.32 22.74 -22.47
CA ASN B 437 18.77 23.40 -21.23
C ASN B 437 17.66 24.24 -20.62
N ASN B 438 17.87 24.66 -19.37
CA ASN B 438 17.06 25.69 -18.68
C ASN B 438 17.71 27.09 -18.80
N GLU B 439 17.07 27.99 -19.53
CA GLU B 439 17.29 29.48 -19.52
C GLU B 439 18.69 29.89 -20.01
N ILE B 440 19.46 29.05 -20.72
CA ILE B 440 20.85 29.44 -21.11
C ILE B 440 20.81 30.51 -22.20
N LEU B 441 20.01 30.38 -23.25
CA LEU B 441 20.06 31.43 -24.32
C LEU B 441 19.50 32.74 -23.75
N GLU B 442 18.54 32.67 -22.83
CA GLU B 442 17.95 33.86 -22.15
C GLU B 442 19.06 34.60 -21.39
N ALA B 443 19.84 33.89 -20.57
CA ALA B 443 20.95 34.47 -19.79
C ALA B 443 21.98 35.15 -20.72
N LEU B 444 22.29 34.56 -21.89
CA LEU B 444 23.31 35.09 -22.84
C LEU B 444 22.78 36.39 -23.48
N LYS B 445 21.47 36.50 -23.68
CA LYS B 445 20.86 37.68 -24.38
C LYS B 445 20.52 38.81 -23.42
N TYR B 446 20.08 38.54 -22.18
CA TYR B 446 19.35 39.53 -21.35
C TYR B 446 19.90 39.66 -19.94
N TRP B 447 20.86 38.86 -19.47
CA TRP B 447 21.24 38.93 -18.03
C TRP B 447 22.46 39.85 -17.85
N GLY B 448 22.95 40.45 -18.94
CA GLY B 448 23.98 41.52 -18.94
C GLY B 448 25.40 40.96 -18.85
N PHE B 449 25.68 39.88 -19.58
CA PHE B 449 27.00 39.19 -19.51
C PHE B 449 28.01 40.01 -20.31
N GLU B 450 27.56 40.63 -21.39
CA GLU B 450 28.39 41.44 -22.33
C GLU B 450 29.11 42.58 -21.57
N LYS B 451 28.64 42.99 -20.40
CA LYS B 451 29.30 44.00 -19.53
C LYS B 451 30.37 43.32 -18.67
N LYS B 452 30.24 42.01 -18.40
CA LYS B 452 31.00 41.26 -17.36
C LYS B 452 32.29 40.63 -17.95
N PHE B 453 32.37 40.53 -19.28
CA PHE B 453 33.41 39.76 -20.03
C PHE B 453 33.91 40.58 -21.22
N THR B 454 35.18 40.39 -21.59
CA THR B 454 35.79 40.90 -22.86
C THR B 454 34.93 40.45 -24.03
N PRO B 455 34.82 41.25 -25.11
CA PRO B 455 34.15 40.81 -26.35
C PRO B 455 34.63 39.46 -26.94
N GLU B 456 35.90 39.11 -26.70
CA GLU B 456 36.54 37.85 -27.16
C GLU B 456 35.87 36.67 -26.43
N VAL B 457 35.87 36.73 -25.10
CA VAL B 457 35.27 35.70 -24.21
C VAL B 457 33.77 35.58 -24.52
N TYR B 458 33.03 36.69 -24.64
CA TYR B 458 31.57 36.65 -24.90
C TYR B 458 31.30 36.03 -26.28
N GLN B 459 32.08 36.35 -27.30
CA GLN B 459 32.01 35.67 -28.63
C GLN B 459 32.26 34.15 -28.50
N GLY B 460 33.22 33.76 -27.66
CA GLY B 460 33.48 32.33 -27.33
C GLY B 460 32.27 31.65 -26.70
N LEU B 461 31.58 32.33 -25.79
CA LEU B 461 30.39 31.76 -25.10
C LEU B 461 29.29 31.53 -26.12
N MET B 462 29.13 32.44 -27.11
CA MET B 462 28.05 32.37 -28.12
C MET B 462 28.28 31.18 -29.08
N HIS B 463 29.48 31.03 -29.65
CA HIS B 463 29.86 29.88 -30.53
C HIS B 463 29.77 28.58 -29.73
N GLY B 464 30.21 28.58 -28.46
CA GLY B 464 30.12 27.44 -27.52
C GLY B 464 28.70 26.94 -27.36
N TYR B 465 27.75 27.87 -27.22
CA TYR B 465 26.31 27.59 -27.10
C TYR B 465 25.85 26.71 -28.28
N ASP B 466 26.11 27.14 -29.51
CA ASP B 466 25.63 26.42 -30.72
C ASP B 466 26.29 25.04 -30.81
N LYS B 467 27.57 24.91 -30.44
CA LYS B 467 28.30 23.62 -30.59
C LYS B 467 27.62 22.54 -29.73
N LEU B 468 27.21 22.89 -28.49
CA LEU B 468 26.53 21.97 -27.54
C LEU B 468 25.03 21.84 -27.89
N PHE B 469 24.27 22.94 -27.88
CA PHE B 469 22.78 22.90 -27.84
C PHE B 469 22.13 22.92 -29.22
N ARG B 470 22.83 23.33 -30.28
CA ARG B 470 22.24 23.37 -31.65
C ARG B 470 22.96 22.40 -32.60
N GLU B 471 24.01 21.71 -32.15
CA GLU B 471 24.65 20.68 -33.01
C GLU B 471 24.70 19.31 -32.30
N LEU B 472 25.49 19.17 -31.23
CA LEU B 472 25.78 17.84 -30.62
C LEU B 472 24.50 17.21 -30.06
N LEU B 473 23.78 17.89 -29.17
CA LEU B 473 22.59 17.29 -28.50
C LEU B 473 21.53 16.99 -29.55
N PRO B 474 21.13 17.96 -30.43
CA PRO B 474 20.14 17.67 -31.46
C PRO B 474 20.50 16.51 -32.40
N SER B 475 21.75 16.37 -32.81
CA SER B 475 22.17 15.24 -33.69
CA SER B 475 22.18 15.24 -33.69
C SER B 475 22.07 13.92 -32.92
N THR B 476 22.34 13.91 -31.61
CA THR B 476 22.28 12.67 -30.81
C THR B 476 20.82 12.19 -30.73
N VAL B 477 19.88 13.11 -30.48
CA VAL B 477 18.43 12.76 -30.41
C VAL B 477 17.95 12.23 -31.77
N LYS B 478 18.33 12.89 -32.89
CA LYS B 478 17.94 12.43 -34.25
C LYS B 478 18.47 11.01 -34.49
N GLU B 479 19.68 10.70 -34.04
CA GLU B 479 20.31 9.37 -34.24
C GLU B 479 19.61 8.28 -33.38
N PHE B 480 19.31 8.55 -32.11
CA PHE B 480 18.97 7.52 -31.10
C PHE B 480 17.50 7.57 -30.66
N ASP B 481 16.78 8.63 -31.03
CA ASP B 481 15.37 8.83 -30.60
C ASP B 481 14.67 9.61 -31.70
N SER B 482 14.71 9.09 -32.94
CA SER B 482 14.36 9.84 -34.18
CA SER B 482 14.35 9.82 -34.19
C SER B 482 12.91 10.34 -34.14
N ASP B 483 12.03 9.72 -33.34
CA ASP B 483 10.57 10.02 -33.39
C ASP B 483 10.16 10.99 -32.27
N ARG B 484 11.11 11.55 -31.51
CA ARG B 484 10.76 12.43 -30.36
C ARG B 484 11.30 13.84 -30.56
N PHE B 485 10.54 14.83 -30.14
CA PHE B 485 10.83 16.27 -30.34
C PHE B 485 12.00 16.69 -29.47
N TYR B 486 12.83 17.57 -30.01
CA TYR B 486 13.91 18.29 -29.30
C TYR B 486 13.74 19.81 -29.50
N VAL B 487 14.04 20.58 -28.46
CA VAL B 487 14.14 22.06 -28.51
C VAL B 487 15.44 22.42 -27.76
N HIS B 488 16.18 23.43 -28.23
CA HIS B 488 17.55 23.75 -27.75
C HIS B 488 17.53 24.37 -26.34
N SER B 489 16.42 24.97 -25.91
CA SER B 489 16.31 25.70 -24.61
C SER B 489 14.83 25.93 -24.23
N SER B 490 14.56 26.10 -22.94
CA SER B 490 13.29 26.63 -22.39
C SER B 490 13.62 27.87 -21.56
N PRO B 491 13.06 29.07 -21.84
CA PRO B 491 12.22 29.33 -23.01
C PRO B 491 13.13 29.56 -24.23
N TYR B 492 12.66 29.16 -25.42
CA TYR B 492 13.46 29.13 -26.68
C TYR B 492 13.58 30.53 -27.31
N LEU B 493 12.53 31.36 -27.29
CA LEU B 493 12.67 32.79 -27.69
C LEU B 493 11.99 33.75 -26.70
N ALA B 494 10.73 33.51 -26.32
CA ALA B 494 9.90 34.45 -25.53
C ALA B 494 10.63 34.91 -24.25
N ASN B 495 10.48 36.19 -23.89
CA ASN B 495 11.10 36.85 -22.69
C ASN B 495 10.02 37.66 -21.97
N TRP B 496 9.93 37.52 -20.63
CA TRP B 496 8.85 38.13 -19.81
C TRP B 496 8.88 39.66 -19.95
N GLY B 497 10.09 40.25 -20.06
CA GLY B 497 10.34 41.71 -20.20
C GLY B 497 10.27 42.20 -21.63
N ARG B 498 10.04 41.34 -22.62
CA ARG B 498 9.91 41.74 -24.06
C ARG B 498 8.51 41.34 -24.53
N PRO B 499 7.47 42.18 -24.31
CA PRO B 499 6.09 41.80 -24.64
C PRO B 499 5.81 41.37 -26.08
N GLU B 500 6.60 41.82 -27.06
CA GLU B 500 6.46 41.45 -28.51
C GLU B 500 6.76 39.94 -28.69
N SER B 501 7.43 39.31 -27.71
CA SER B 501 7.94 37.93 -27.80
C SER B 501 6.89 36.91 -27.34
N TRP B 502 5.83 37.33 -26.65
CA TRP B 502 4.95 36.41 -25.88
C TRP B 502 4.16 35.46 -26.79
N GLY B 503 3.93 35.81 -28.06
CA GLY B 503 3.16 34.95 -28.98
C GLY B 503 4.00 33.83 -29.60
N THR B 504 5.29 33.72 -29.23
CA THR B 504 6.31 32.82 -29.86
C THR B 504 6.79 31.74 -28.88
N GLY B 505 6.28 30.51 -28.98
CA GLY B 505 6.81 29.34 -28.24
C GLY B 505 6.41 29.36 -26.76
N ASP B 506 7.20 28.73 -25.90
CA ASP B 506 6.91 28.63 -24.44
C ASP B 506 7.45 29.86 -23.68
N SER B 507 6.85 30.22 -22.55
CA SER B 507 7.25 31.36 -21.67
C SER B 507 7.65 30.89 -20.27
N HIS B 508 8.70 31.49 -19.69
CA HIS B 508 8.91 31.60 -18.23
C HIS B 508 8.50 33.01 -17.76
N ASN B 509 7.25 33.19 -17.33
CA ASN B 509 6.72 34.52 -16.90
C ASN B 509 7.22 34.82 -15.49
N TRP B 510 8.36 35.49 -15.33
N TRP B 510 8.40 35.49 -15.41
CA TRP B 510 8.84 35.86 -13.97
CA TRP B 510 9.10 35.99 -14.19
C TRP B 510 8.51 37.34 -13.69
C TRP B 510 8.43 37.27 -13.66
N GLY B 511 7.54 37.89 -14.43
CA GLY B 511 6.95 39.20 -14.12
C GLY B 511 6.25 39.16 -12.77
N VAL B 512 5.49 38.09 -12.54
CA VAL B 512 4.99 37.77 -11.17
C VAL B 512 6.17 37.22 -10.36
N TRP B 513 6.38 37.73 -9.15
CA TRP B 513 7.57 37.52 -8.28
C TRP B 513 8.67 38.53 -8.66
N TYR B 514 9.62 38.20 -9.56
CA TYR B 514 10.80 39.06 -9.86
C TYR B 514 10.38 40.45 -10.39
N GLY B 515 9.39 40.55 -11.28
CA GLY B 515 8.92 41.83 -11.85
C GLY B 515 7.93 42.59 -10.95
N LYS B 516 7.48 42.00 -9.83
CA LYS B 516 6.52 42.57 -8.83
C LYS B 516 5.14 42.87 -9.43
N LYS B 517 4.80 42.30 -10.59
CA LYS B 517 3.45 42.45 -11.17
C LYS B 517 2.41 41.74 -10.29
N PRO B 518 1.18 42.29 -10.26
CA PRO B 518 0.07 41.68 -9.52
C PRO B 518 -0.46 40.42 -10.22
N PHE B 519 -1.10 39.53 -9.45
CA PHE B 519 -1.60 38.21 -9.93
C PHE B 519 -2.59 38.47 -11.08
N GLU B 520 -3.28 39.60 -11.06
CA GLU B 520 -4.25 40.02 -12.10
C GLU B 520 -3.55 40.19 -13.47
N SER B 521 -2.22 40.37 -13.53
CA SER B 521 -1.46 40.50 -14.80
C SER B 521 -1.55 39.18 -15.61
N LEU B 522 -1.63 38.03 -14.95
CA LEU B 522 -1.75 36.68 -15.58
C LEU B 522 -2.99 36.58 -16.47
N ASP B 523 -4.04 37.39 -16.24
CA ASP B 523 -5.27 37.45 -17.09
C ASP B 523 -5.04 38.17 -18.43
N THR B 524 -4.04 39.07 -18.53
CA THR B 524 -3.74 39.83 -19.80
C THR B 524 -2.39 39.42 -20.39
N ASP B 525 -1.42 38.98 -19.60
CA ASP B 525 -0.08 38.56 -20.13
C ASP B 525 -0.07 37.04 -20.42
N LEU B 526 -0.65 36.63 -21.55
CA LEU B 526 -0.89 35.20 -21.90
C LEU B 526 0.26 34.64 -22.73
N PRO B 527 0.73 33.39 -22.46
CA PRO B 527 1.71 32.74 -23.32
C PRO B 527 1.04 31.70 -24.24
N ARG B 528 1.76 31.17 -25.22
CA ARG B 528 1.27 30.03 -26.05
C ARG B 528 1.31 28.76 -25.18
N PHE B 529 2.24 28.70 -24.23
CA PHE B 529 2.46 27.58 -23.27
C PHE B 529 3.29 28.12 -22.10
N MET B 530 2.84 27.93 -20.85
CA MET B 530 3.63 28.39 -19.67
C MET B 530 4.46 27.23 -19.10
N SER B 531 5.78 27.27 -19.28
CA SER B 531 6.72 26.21 -18.81
C SER B 531 7.34 26.55 -17.44
N GLU B 532 7.24 27.81 -17.01
N GLU B 532 7.20 27.80 -16.94
CA GLU B 532 7.47 28.22 -15.59
CA GLU B 532 7.64 28.25 -15.57
C GLU B 532 6.65 29.49 -15.28
C GLU B 532 6.92 29.56 -15.17
N PHE B 533 6.18 29.56 -14.05
CA PHE B 533 5.69 30.79 -13.33
C PHE B 533 5.49 30.35 -11.89
N GLY B 534 5.66 31.25 -10.91
CA GLY B 534 5.62 30.83 -9.51
C GLY B 534 5.59 31.94 -8.49
N PHE B 535 5.51 31.56 -7.22
CA PHE B 535 5.41 32.47 -6.06
C PHE B 535 5.84 31.71 -4.81
N GLN B 536 6.63 32.33 -3.93
CA GLN B 536 7.27 31.70 -2.75
C GLN B 536 6.28 31.63 -1.56
N SER B 537 6.49 30.63 -0.70
CA SER B 537 5.83 30.55 0.63
C SER B 537 6.75 29.91 1.67
N PHE B 538 6.67 30.45 2.89
CA PHE B 538 7.11 29.76 4.12
C PHE B 538 6.30 28.48 4.23
N PRO B 539 6.93 27.36 4.62
CA PRO B 539 6.20 26.11 4.86
C PRO B 539 5.54 26.24 6.23
N GLU B 540 4.60 25.34 6.56
CA GLU B 540 3.77 25.41 7.79
C GLU B 540 4.67 25.18 9.03
N MET B 541 4.14 25.53 10.20
CA MET B 541 4.95 25.66 11.44
C MET B 541 5.64 24.34 11.80
N LYS B 542 5.04 23.16 11.55
CA LYS B 542 5.69 21.89 11.98
C LYS B 542 6.97 21.64 11.14
N THR B 543 7.07 22.15 9.92
CA THR B 543 8.31 22.08 9.11
C THR B 543 9.32 23.11 9.62
N ILE B 544 8.85 24.32 10.01
CA ILE B 544 9.75 25.37 10.57
C ILE B 544 10.35 24.86 11.88
N ALA B 545 9.56 24.20 12.74
CA ALA B 545 10.05 23.64 14.02
C ALA B 545 11.12 22.56 13.77
N ALA B 546 11.19 21.98 12.56
CA ALA B 546 12.18 20.91 12.25
C ALA B 546 13.57 21.51 12.06
N PHE B 547 13.68 22.81 11.72
CA PHE B 547 14.98 23.47 11.49
C PHE B 547 15.23 24.67 12.41
N ALA B 548 14.30 25.09 13.27
CA ALA B 548 14.43 26.35 14.05
C ALA B 548 13.77 26.22 15.43
N ALA B 549 14.38 26.80 16.46
CA ALA B 549 13.82 26.81 17.84
C ALA B 549 12.85 27.99 17.96
N PRO B 550 11.89 27.97 18.92
CA PRO B 550 10.92 29.07 19.05
C PRO B 550 11.53 30.48 19.20
N GLU B 551 12.69 30.60 19.87
CA GLU B 551 13.42 31.89 20.07
C GLU B 551 13.72 32.56 18.72
N ASP B 552 13.67 31.80 17.63
CA ASP B 552 14.13 32.23 16.28
C ASP B 552 12.93 32.37 15.34
N TYR B 553 11.69 32.28 15.85
CA TYR B 553 10.45 32.44 15.03
C TYR B 553 10.22 33.92 14.75
N GLN B 554 11.12 34.57 14.01
CA GLN B 554 10.86 35.89 13.37
C GLN B 554 11.28 35.79 11.90
N ILE B 555 10.66 36.59 11.02
CA ILE B 555 10.88 36.47 9.55
C ILE B 555 12.37 36.68 9.23
N GLU B 556 13.09 37.44 10.04
CA GLU B 556 14.49 37.84 9.71
C GLU B 556 15.47 37.34 10.77
N SER B 557 15.13 36.34 11.56
CA SER B 557 16.12 35.74 12.49
C SER B 557 17.31 35.20 11.67
N GLU B 558 18.48 35.00 12.29
CA GLU B 558 19.65 34.45 11.56
C GLU B 558 19.22 33.11 10.94
N VAL B 559 18.64 32.21 11.75
CA VAL B 559 18.27 30.83 11.33
C VAL B 559 17.23 30.89 10.21
N MET B 560 16.24 31.79 10.29
CA MET B 560 15.24 31.95 9.21
C MET B 560 15.93 32.39 7.91
N ASN B 561 16.94 33.25 7.99
CA ASN B 561 17.67 33.76 6.78
C ASN B 561 18.47 32.63 6.13
N ALA B 562 19.07 31.77 6.94
CA ALA B 562 19.80 30.56 6.52
C ALA B 562 18.87 29.62 5.74
N HIS B 563 17.54 29.78 5.84
CA HIS B 563 16.55 28.90 5.14
C HIS B 563 15.73 29.68 4.13
N GLN B 564 16.26 30.82 3.70
CA GLN B 564 15.70 31.68 2.64
C GLN B 564 16.86 32.10 1.75
N LYS B 565 16.85 31.62 0.50
CA LYS B 565 17.99 31.69 -0.45
C LYS B 565 17.62 32.62 -1.61
N SER B 566 16.47 33.31 -1.49
CA SER B 566 16.10 34.53 -2.26
C SER B 566 16.46 35.78 -1.42
N SER B 567 17.34 36.64 -1.92
CA SER B 567 17.76 37.91 -1.29
C SER B 567 16.57 38.84 -1.09
N ILE B 568 15.65 38.87 -2.06
CA ILE B 568 14.51 39.82 -2.17
C ILE B 568 13.26 39.21 -1.54
N GLY B 569 13.32 37.96 -1.06
CA GLY B 569 12.14 37.08 -0.92
C GLY B 569 11.16 37.53 0.16
N ASN B 570 11.64 37.73 1.37
CA ASN B 570 10.78 38.06 2.54
C ASN B 570 9.99 39.34 2.26
N SER B 571 10.63 40.40 1.76
CA SER B 571 9.94 41.72 1.57
C SER B 571 8.96 41.58 0.40
N LEU B 572 9.32 40.75 -0.57
CA LEU B 572 8.45 40.39 -1.71
C LEU B 572 7.15 39.76 -1.15
N ILE B 573 7.24 38.72 -0.31
CA ILE B 573 6.02 38.05 0.25
C ILE B 573 5.18 39.12 0.97
N ARG B 574 5.80 39.87 1.90
CA ARG B 574 5.16 40.96 2.68
C ARG B 574 4.45 41.96 1.75
N THR B 575 5.14 42.42 0.71
CA THR B 575 4.67 43.44 -0.27
C THR B 575 3.43 42.91 -1.00
N TYR B 576 3.48 41.66 -1.49
CA TYR B 576 2.31 41.02 -2.12
C TYR B 576 1.19 40.87 -1.08
N MET B 577 1.51 40.48 0.16
CA MET B 577 0.47 40.18 1.17
C MET B 577 -0.41 41.44 1.41
N GLU B 578 0.20 42.62 1.62
CA GLU B 578 -0.52 43.91 1.91
C GLU B 578 -1.55 44.24 0.82
N ARG B 579 -1.33 43.82 -0.42
CA ARG B 579 -2.25 44.15 -1.55
C ARG B 579 -3.58 43.41 -1.42
N ASP B 580 -3.62 42.25 -0.74
CA ASP B 580 -4.84 41.40 -0.79
C ASP B 580 -5.35 41.05 0.62
N TYR B 581 -4.51 41.12 1.65
CA TYR B 581 -4.81 40.66 3.04
C TYR B 581 -4.33 41.72 4.02
N ILE B 582 -4.87 41.69 5.23
CA ILE B 582 -4.32 42.45 6.37
C ILE B 582 -3.14 41.66 6.91
N ILE B 583 -1.99 42.32 7.06
CA ILE B 583 -0.74 41.67 7.53
C ILE B 583 -0.83 41.41 9.03
N PRO B 584 -0.82 40.14 9.49
CA PRO B 584 -0.91 39.83 10.91
C PRO B 584 0.31 40.23 11.73
N GLU B 585 0.14 40.31 13.05
CA GLU B 585 1.21 40.65 14.03
C GLU B 585 2.12 39.44 14.32
N SER B 586 1.60 38.24 14.59
CA SER B 586 2.48 37.10 15.01
C SER B 586 3.06 36.35 13.79
N PHE B 587 4.24 35.75 14.01
CA PHE B 587 4.93 34.90 13.01
C PHE B 587 3.99 33.78 12.53
N GLU B 588 3.37 33.04 13.44
CA GLU B 588 2.50 31.88 13.12
C GLU B 588 1.36 32.31 12.18
N ASP B 589 0.71 33.45 12.45
CA ASP B 589 -0.43 33.97 11.65
C ASP B 589 0.10 34.46 10.30
N PHE B 590 1.27 35.07 10.27
CA PHE B 590 1.92 35.49 8.99
C PHE B 590 2.15 34.26 8.05
N VAL B 591 2.66 33.16 8.61
CA VAL B 591 2.94 31.91 7.83
C VAL B 591 1.62 31.36 7.29
N TYR B 592 0.57 31.32 8.13
CA TYR B 592 -0.78 30.86 7.69
C TYR B 592 -1.24 31.68 6.48
N VAL B 593 -1.19 33.02 6.55
CA VAL B 593 -1.78 33.87 5.47
C VAL B 593 -0.89 33.76 4.21
N GLY B 594 0.43 33.58 4.38
CA GLY B 594 1.41 33.37 3.29
C GLY B 594 1.05 32.16 2.44
N LEU B 595 0.59 31.10 3.08
CA LEU B 595 0.18 29.83 2.42
C LEU B 595 -1.10 30.12 1.63
N VAL B 596 -2.07 30.81 2.23
CA VAL B 596 -3.35 31.14 1.55
C VAL B 596 -3.06 32.01 0.31
N LEU B 597 -2.21 33.04 0.49
CA LEU B 597 -1.74 34.00 -0.56
C LEU B 597 -1.15 33.25 -1.76
N GLN B 598 -0.14 32.41 -1.53
CA GLN B 598 0.55 31.64 -2.61
C GLN B 598 -0.51 30.84 -3.38
N GLY B 599 -1.39 30.14 -2.68
CA GLY B 599 -2.42 29.30 -3.31
C GLY B 599 -3.41 30.12 -4.13
N GLN B 600 -3.94 31.24 -3.59
CA GLN B 600 -5.03 32.02 -4.25
C GLN B 600 -4.45 32.70 -5.50
N GLY B 601 -3.24 33.27 -5.39
CA GLY B 601 -2.62 34.03 -6.49
C GLY B 601 -2.28 33.13 -7.67
N MET B 602 -1.64 32.00 -7.38
CA MET B 602 -1.18 31.04 -8.43
C MET B 602 -2.41 30.40 -9.09
N ARG B 603 -3.46 30.04 -8.32
CA ARG B 603 -4.72 29.44 -8.85
CA ARG B 603 -4.65 29.40 -8.94
C ARG B 603 -5.32 30.39 -9.89
N HIS B 604 -5.26 31.70 -9.60
CA HIS B 604 -5.72 32.76 -10.55
C HIS B 604 -4.99 32.58 -11.89
N GLY B 605 -3.68 32.39 -11.87
CA GLY B 605 -2.89 32.16 -13.09
C GLY B 605 -3.29 30.87 -13.82
N LEU B 606 -3.43 29.76 -13.08
CA LEU B 606 -3.76 28.44 -13.67
C LEU B 606 -5.11 28.56 -14.38
N GLU B 607 -6.09 29.21 -13.77
CA GLU B 607 -7.45 29.37 -14.34
C GLU B 607 -7.35 30.19 -15.64
N ALA B 608 -6.55 31.26 -15.68
CA ALA B 608 -6.43 32.14 -16.88
C ALA B 608 -5.82 31.36 -18.06
N HIS B 609 -4.82 30.50 -17.79
CA HIS B 609 -4.15 29.66 -18.83
C HIS B 609 -5.19 28.71 -19.46
N ARG B 610 -5.98 28.00 -18.64
CA ARG B 610 -7.05 27.07 -19.12
C ARG B 610 -8.19 27.84 -19.82
N ARG B 611 -8.58 29.01 -19.29
CA ARG B 611 -9.69 29.84 -19.86
C ARG B 611 -9.32 30.25 -21.28
N ASN B 612 -8.03 30.44 -21.57
CA ASN B 612 -7.53 31.08 -22.82
C ASN B 612 -7.01 30.03 -23.84
N ARG B 613 -7.53 28.81 -23.79
CA ARG B 613 -7.33 27.77 -24.82
C ARG B 613 -8.23 28.10 -26.01
N PRO B 614 -7.80 27.96 -27.30
CA PRO B 614 -6.48 27.44 -27.68
C PRO B 614 -5.26 28.37 -27.85
N TYR B 615 -5.37 29.68 -27.66
CA TYR B 615 -4.18 30.58 -27.73
C TYR B 615 -3.08 30.04 -26.80
N CYS B 616 -3.45 29.62 -25.59
CA CYS B 616 -2.61 28.92 -24.58
C CYS B 616 -2.93 27.43 -24.57
N MET B 617 -1.91 26.55 -24.58
CA MET B 617 -2.16 25.08 -24.61
C MET B 617 -1.49 24.35 -23.43
N GLY B 618 -1.06 25.03 -22.37
CA GLY B 618 -0.62 24.30 -21.16
C GLY B 618 0.05 25.17 -20.13
N THR B 619 0.16 24.68 -18.90
CA THR B 619 0.72 25.43 -17.73
C THR B 619 1.45 24.44 -16.80
N LEU B 620 2.74 24.66 -16.59
CA LEU B 620 3.60 23.92 -15.62
C LEU B 620 4.16 24.92 -14.60
N TYR B 621 3.68 24.90 -13.36
CA TYR B 621 4.10 25.93 -12.38
C TYR B 621 5.46 25.53 -11.80
N TRP B 622 6.21 26.54 -11.39
CA TRP B 622 7.44 26.42 -10.59
C TRP B 622 7.08 26.56 -9.11
N GLN B 623 7.23 25.54 -8.25
CA GLN B 623 7.82 24.22 -8.47
C GLN B 623 6.99 23.19 -7.70
N LEU B 624 7.04 21.91 -8.06
CA LEU B 624 6.22 20.89 -7.36
C LEU B 624 6.73 20.69 -5.92
N ASN B 625 8.03 20.56 -5.71
CA ASN B 625 8.60 19.85 -4.53
C ASN B 625 9.86 20.54 -3.96
N ASP B 626 10.35 20.05 -2.82
CA ASP B 626 11.52 20.61 -2.11
C ASP B 626 12.57 19.52 -1.86
N SER B 627 13.85 19.90 -1.76
CA SER B 627 15.01 18.98 -1.47
C SER B 627 15.43 18.99 0.00
N TRP B 628 14.91 19.93 0.79
CA TRP B 628 15.26 20.14 2.23
C TRP B 628 14.26 21.12 2.85
N PRO B 629 14.21 21.26 4.21
CA PRO B 629 13.33 22.24 4.87
C PRO B 629 13.77 23.70 4.58
N VAL B 630 12.94 24.45 3.85
CA VAL B 630 13.35 25.75 3.22
C VAL B 630 12.10 26.58 2.87
N VAL B 631 12.27 27.91 2.73
CA VAL B 631 11.26 28.81 2.07
C VAL B 631 11.43 28.68 0.55
N SER B 632 10.37 28.39 -0.22
CA SER B 632 10.48 28.04 -1.67
C SER B 632 9.16 28.25 -2.41
N TRP B 633 9.19 28.03 -3.71
CA TRP B 633 8.05 28.14 -4.66
C TRP B 633 7.21 26.86 -4.67
N SER B 634 7.53 25.88 -3.80
CA SER B 634 6.92 24.53 -3.82
C SER B 634 5.43 24.56 -3.49
N SER B 635 4.68 23.57 -4.01
CA SER B 635 3.29 23.25 -3.60
C SER B 635 3.29 22.15 -2.52
N ILE B 636 4.41 21.43 -2.36
CA ILE B 636 4.56 20.33 -1.34
C ILE B 636 5.91 20.53 -0.66
N ASP B 637 5.95 20.64 0.67
CA ASP B 637 7.21 20.89 1.43
C ASP B 637 8.01 19.58 1.50
N TYR B 638 9.22 19.64 2.03
CA TYR B 638 10.20 18.52 2.07
C TYR B 638 9.61 17.25 2.75
N TYR B 639 8.76 17.44 3.76
CA TYR B 639 8.20 16.35 4.61
C TYR B 639 6.95 15.79 3.92
N GLY B 640 6.55 16.37 2.79
CA GLY B 640 5.43 15.88 1.96
C GLY B 640 4.09 16.50 2.35
N ASN B 641 4.09 17.55 3.16
CA ASN B 641 2.83 18.25 3.57
C ASN B 641 2.35 19.10 2.39
N TRP B 642 1.12 18.91 1.94
CA TRP B 642 0.49 19.79 0.91
C TRP B 642 0.36 21.21 1.47
N LYS B 643 0.89 22.18 0.73
CA LYS B 643 0.59 23.62 0.99
C LYS B 643 -0.77 23.93 0.39
N ALA B 644 -1.32 25.11 0.64
CA ALA B 644 -2.63 25.51 0.07
C ALA B 644 -2.53 25.39 -1.44
N LEU B 645 -1.40 25.76 -2.04
CA LEU B 645 -1.22 25.71 -3.52
C LEU B 645 -1.49 24.29 -4.08
N HIS B 646 -1.21 23.19 -3.34
CA HIS B 646 -1.47 21.82 -3.88
C HIS B 646 -2.98 21.55 -4.01
N TYR B 647 -3.79 21.89 -3.01
CA TYR B 647 -5.27 21.74 -3.06
C TYR B 647 -5.82 22.65 -4.17
N GLN B 648 -5.29 23.87 -4.27
CA GLN B 648 -5.75 24.88 -5.29
C GLN B 648 -5.43 24.43 -6.72
N ALA B 649 -4.27 23.81 -6.96
CA ALA B 649 -3.90 23.22 -8.28
C ALA B 649 -4.85 22.06 -8.60
N LYS B 650 -5.15 21.22 -7.60
CA LYS B 650 -6.10 20.10 -7.79
C LYS B 650 -7.44 20.67 -8.29
N ARG B 651 -7.92 21.75 -7.68
CA ARG B 651 -9.26 22.29 -8.03
C ARG B 651 -9.17 22.94 -9.40
N ALA B 652 -8.09 23.67 -9.67
CA ALA B 652 -7.93 24.44 -10.93
C ALA B 652 -7.68 23.51 -12.13
N PHE B 653 -7.29 22.25 -11.87
CA PHE B 653 -6.98 21.25 -12.91
C PHE B 653 -8.11 20.22 -13.05
N ALA B 654 -9.23 20.36 -12.33
CA ALA B 654 -10.35 19.41 -12.46
C ALA B 654 -10.77 19.33 -13.93
N PRO B 655 -11.10 18.10 -14.40
CA PRO B 655 -11.56 17.88 -15.78
C PRO B 655 -12.67 18.84 -16.22
N VAL B 656 -13.68 19.08 -15.37
CA VAL B 656 -14.70 20.13 -15.61
C VAL B 656 -14.64 21.18 -14.51
N LEU B 657 -14.48 22.44 -14.93
CA LEU B 657 -14.30 23.64 -14.07
C LEU B 657 -15.29 24.73 -14.51
N ILE B 658 -16.05 25.28 -13.54
CA ILE B 658 -16.82 26.54 -13.70
C ILE B 658 -15.86 27.68 -13.30
N ASN B 659 -15.51 28.60 -14.19
CA ASN B 659 -14.52 29.68 -13.89
C ASN B 659 -15.21 31.04 -14.00
N PRO B 660 -15.67 31.62 -12.86
CA PRO B 660 -16.11 33.01 -12.83
C PRO B 660 -14.89 33.93 -12.82
N ILE B 661 -14.85 34.93 -13.73
CA ILE B 661 -13.75 35.93 -13.83
C ILE B 661 -14.36 37.34 -13.84
N GLN B 662 -13.87 38.22 -12.96
CA GLN B 662 -14.45 39.56 -12.76
C GLN B 662 -13.43 40.61 -13.20
N GLN B 663 -13.79 41.44 -14.17
CA GLN B 663 -12.92 42.53 -14.69
C GLN B 663 -13.80 43.74 -15.05
N ASN B 664 -13.25 44.95 -14.93
CA ASN B 664 -13.92 46.24 -15.33
C ASN B 664 -15.37 46.22 -14.82
N ASP B 665 -15.53 46.05 -13.49
CA ASP B 665 -16.80 45.93 -12.71
C ASP B 665 -17.88 45.18 -13.51
N SER B 666 -17.52 44.05 -14.15
CA SER B 666 -18.44 43.12 -14.87
C SER B 666 -18.00 41.66 -14.61
N LEU B 667 -18.94 40.71 -14.59
CA LEU B 667 -18.66 39.27 -14.31
C LEU B 667 -19.01 38.39 -15.53
N SER B 668 -18.05 37.56 -15.98
CA SER B 668 -18.23 36.52 -17.02
C SER B 668 -18.04 35.12 -16.39
N VAL B 669 -18.76 34.11 -16.86
CA VAL B 669 -18.61 32.70 -16.38
C VAL B 669 -18.29 31.81 -17.56
N TYR B 670 -17.08 31.20 -17.56
CA TYR B 670 -16.63 30.18 -18.55
C TYR B 670 -16.86 28.76 -18.00
N LEU B 671 -17.34 27.86 -18.86
CA LEU B 671 -17.34 26.38 -18.61
C LEU B 671 -16.11 25.78 -19.33
N ILE B 672 -15.20 25.12 -18.59
CA ILE B 672 -13.91 24.58 -19.12
C ILE B 672 -13.94 23.05 -18.99
N SER B 673 -13.73 22.33 -20.11
CA SER B 673 -13.76 20.85 -20.16
C SER B 673 -12.50 20.30 -20.86
N ASP B 674 -11.80 19.38 -20.18
CA ASP B 674 -10.71 18.54 -20.72
C ASP B 674 -11.23 17.11 -20.98
N ARG B 675 -12.55 16.91 -21.02
CA ARG B 675 -13.19 15.60 -21.32
C ARG B 675 -13.12 15.33 -22.83
N LEU B 676 -13.26 14.06 -23.23
CA LEU B 676 -13.15 13.62 -24.66
C LEU B 676 -14.53 13.64 -25.32
N ASP B 677 -15.60 13.69 -24.52
CA ASP B 677 -17.02 13.69 -24.99
C ASP B 677 -17.66 15.05 -24.67
N THR B 678 -18.61 15.47 -25.51
CA THR B 678 -19.45 16.69 -25.33
C THR B 678 -20.52 16.42 -24.27
N MET B 679 -20.89 17.46 -23.52
CA MET B 679 -21.96 17.44 -22.48
C MET B 679 -23.10 18.32 -22.99
N GLU B 680 -24.34 17.80 -22.98
CA GLU B 680 -25.52 18.42 -23.64
C GLU B 680 -26.66 18.67 -22.66
N GLN B 681 -27.39 19.76 -22.89
CA GLN B 681 -28.62 20.15 -22.16
C GLN B 681 -28.27 20.28 -20.67
N MET B 682 -27.30 21.15 -20.39
CA MET B 682 -26.79 21.43 -19.03
C MET B 682 -27.46 22.72 -18.55
N THR B 683 -27.67 22.85 -17.26
CA THR B 683 -28.13 24.08 -16.58
C THR B 683 -27.00 24.61 -15.69
N LEU B 684 -26.55 25.85 -15.93
CA LEU B 684 -25.77 26.64 -14.93
C LEU B 684 -26.77 27.30 -13.96
N GLU B 685 -26.57 27.13 -12.65
CA GLU B 685 -27.40 27.81 -11.60
C GLU B 685 -26.47 28.59 -10.67
N MET B 686 -26.83 29.84 -10.36
CA MET B 686 -26.04 30.78 -9.52
C MET B 686 -26.94 31.41 -8.45
N LYS B 687 -26.38 31.79 -7.30
CA LYS B 687 -27.12 32.63 -6.31
C LYS B 687 -26.17 33.39 -5.38
N VAL B 688 -26.56 34.62 -5.05
CA VAL B 688 -25.85 35.50 -4.07
C VAL B 688 -26.28 35.09 -2.66
N VAL B 689 -25.30 34.84 -1.78
CA VAL B 689 -25.57 34.40 -0.38
C VAL B 689 -24.73 35.25 0.58
N ASP B 690 -25.38 35.82 1.59
CA ASP B 690 -24.72 36.76 2.55
C ASP B 690 -23.87 35.90 3.50
N PHE B 691 -22.99 36.51 4.27
CA PHE B 691 -22.09 35.75 5.16
C PHE B 691 -22.85 35.05 6.29
N ASP B 692 -24.19 35.17 6.35
CA ASP B 692 -25.11 34.46 7.31
C ASP B 692 -25.93 33.36 6.65
N GLY B 693 -25.87 33.19 5.33
CA GLY B 693 -26.53 32.06 4.66
C GLY B 693 -27.86 32.42 4.04
N LYS B 694 -28.22 33.72 4.02
CA LYS B 694 -29.50 34.23 3.46
C LYS B 694 -29.28 34.64 1.98
N THR B 695 -30.12 34.12 1.09
CA THR B 695 -30.11 34.47 -0.36
C THR B 695 -30.50 35.94 -0.52
N LEU B 696 -29.72 36.71 -1.31
CA LEU B 696 -30.07 38.06 -1.83
C LEU B 696 -30.62 37.88 -3.25
N GLY B 697 -31.86 38.28 -3.49
CA GLY B 697 -32.49 38.24 -4.82
C GLY B 697 -32.89 36.84 -5.24
N LYS B 698 -33.13 36.65 -6.54
CA LYS B 698 -33.63 35.38 -7.11
C LYS B 698 -32.42 34.54 -7.55
N LYS B 699 -32.57 33.21 -7.53
CA LYS B 699 -31.66 32.27 -8.23
C LYS B 699 -31.62 32.65 -9.70
N ILE B 700 -30.46 32.53 -10.34
CA ILE B 700 -30.29 32.78 -11.81
C ILE B 700 -30.01 31.44 -12.49
N GLN B 701 -30.68 31.18 -13.62
CA GLN B 701 -30.65 29.88 -14.33
C GLN B 701 -30.30 30.11 -15.79
N VAL B 702 -29.33 29.37 -16.32
CA VAL B 702 -29.00 29.36 -17.77
C VAL B 702 -29.17 27.93 -18.28
N HIS B 703 -30.27 27.68 -19.00
CA HIS B 703 -30.70 26.35 -19.51
C HIS B 703 -30.12 26.10 -20.91
N SER B 704 -30.23 24.85 -21.39
CA SER B 704 -29.97 24.43 -22.79
C SER B 704 -28.50 24.68 -23.18
N LEU B 705 -27.52 24.35 -22.31
CA LEU B 705 -26.07 24.58 -22.56
C LEU B 705 -25.38 23.28 -22.99
N GLU B 706 -24.49 23.40 -23.97
CA GLU B 706 -23.57 22.35 -24.45
C GLU B 706 -22.16 22.67 -23.94
N VAL B 707 -21.47 21.69 -23.34
CA VAL B 707 -20.03 21.79 -22.92
C VAL B 707 -19.22 20.86 -23.81
N PRO B 708 -18.72 21.33 -24.98
CA PRO B 708 -17.97 20.49 -25.93
C PRO B 708 -16.59 20.04 -25.39
N ALA B 709 -16.18 18.84 -25.79
CA ALA B 709 -14.88 18.22 -25.48
C ALA B 709 -13.74 19.24 -25.67
N ASN B 710 -12.83 19.34 -24.69
CA ASN B 710 -11.54 20.06 -24.85
C ASN B 710 -11.77 21.51 -25.29
N THR B 711 -12.66 22.27 -24.62
CA THR B 711 -12.91 23.71 -24.91
C THR B 711 -13.21 24.53 -23.63
N SER B 712 -12.91 25.83 -23.75
CA SER B 712 -13.30 26.93 -22.82
CA SER B 712 -13.31 26.92 -22.81
C SER B 712 -14.31 27.81 -23.54
N LYS B 713 -15.53 27.96 -23.01
CA LYS B 713 -16.59 28.81 -23.62
C LYS B 713 -17.27 29.65 -22.54
N CYS B 714 -17.41 30.95 -22.80
CA CYS B 714 -18.19 31.92 -22.00
C CYS B 714 -19.69 31.63 -22.17
N VAL B 715 -20.43 31.43 -21.07
CA VAL B 715 -21.89 31.15 -21.13
C VAL B 715 -22.72 32.26 -20.43
N TYR B 716 -22.11 33.23 -19.75
CA TYR B 716 -22.86 34.27 -18.97
C TYR B 716 -22.00 35.53 -18.79
N ARG B 717 -22.64 36.71 -18.80
CA ARG B 717 -22.01 38.04 -18.57
C ARG B 717 -23.07 38.99 -17.97
N ALA B 718 -22.74 39.74 -16.91
CA ALA B 718 -23.56 40.81 -16.30
C ALA B 718 -22.67 41.87 -15.66
N LYS B 719 -23.11 43.13 -15.68
CA LYS B 719 -22.47 44.26 -14.95
C LYS B 719 -22.82 44.08 -13.47
N LEU B 720 -21.95 44.50 -12.56
CA LEU B 720 -22.23 44.55 -11.09
C LEU B 720 -23.12 45.77 -10.79
N ASP B 721 -22.87 46.88 -11.49
CA ASP B 721 -23.60 48.16 -11.35
C ASP B 721 -25.05 47.93 -11.82
N GLY B 722 -25.99 47.89 -10.86
CA GLY B 722 -27.43 47.64 -11.11
C GLY B 722 -27.86 46.25 -10.66
N TRP B 723 -26.93 45.43 -10.14
CA TRP B 723 -27.19 44.05 -9.67
C TRP B 723 -26.91 43.96 -8.15
N LEU B 724 -25.73 44.38 -7.71
CA LEU B 724 -25.31 44.39 -6.29
C LEU B 724 -24.76 45.78 -5.96
N THR B 725 -24.93 46.24 -4.72
CA THR B 725 -24.34 47.51 -4.21
C THR B 725 -22.91 47.24 -3.74
N PRO B 726 -22.00 48.24 -3.74
CA PRO B 726 -20.77 48.19 -2.95
C PRO B 726 -20.87 47.51 -1.58
N GLU B 727 -21.90 47.86 -0.80
CA GLU B 727 -22.21 47.24 0.53
C GLU B 727 -22.29 45.72 0.34
N ASP B 728 -23.08 45.25 -0.62
CA ASP B 728 -23.35 43.81 -0.90
C ASP B 728 -22.04 43.06 -1.24
N CYS B 729 -21.20 43.67 -2.07
CA CYS B 729 -19.96 43.07 -2.63
C CYS B 729 -19.00 42.73 -1.47
N ARG B 730 -19.19 43.33 -0.28
CA ARG B 730 -18.25 43.19 0.86
C ARG B 730 -18.78 42.20 1.90
N ARG B 731 -20.01 41.72 1.73
CA ARG B 731 -20.72 40.95 2.80
C ARG B 731 -21.46 39.76 2.16
N SER B 732 -21.14 39.41 0.91
CA SER B 732 -21.80 38.28 0.20
C SER B 732 -20.83 37.63 -0.81
N PHE B 733 -21.18 36.41 -1.25
CA PHE B 733 -20.46 35.62 -2.28
C PHE B 733 -21.49 35.06 -3.26
N LEU B 734 -20.99 34.59 -4.41
CA LEU B 734 -21.80 33.92 -5.47
C LEU B 734 -21.52 32.42 -5.46
N LYS B 735 -22.57 31.61 -5.30
N LYS B 735 -22.58 31.62 -5.31
CA LYS B 735 -22.52 30.13 -5.36
CA LYS B 735 -22.51 30.14 -5.37
C LYS B 735 -22.93 29.71 -6.78
C LYS B 735 -22.92 29.71 -6.79
N LEU B 736 -22.10 28.90 -7.45
CA LEU B 736 -22.33 28.42 -8.86
C LEU B 736 -22.34 26.88 -8.89
N ILE B 737 -23.29 26.27 -9.59
CA ILE B 737 -23.34 24.80 -9.82
C ILE B 737 -23.78 24.54 -11.26
N LEU B 738 -23.34 23.42 -11.82
CA LEU B 738 -23.65 22.96 -13.19
C LEU B 738 -24.26 21.57 -13.08
N LYS B 739 -25.44 21.38 -13.66
CA LYS B 739 -26.23 20.12 -13.59
C LYS B 739 -26.50 19.60 -15.00
N ASP B 740 -26.63 18.28 -15.14
CA ASP B 740 -27.00 17.57 -16.40
C ASP B 740 -28.54 17.56 -16.54
N LYS B 741 -29.05 16.97 -17.64
CA LYS B 741 -30.50 16.78 -17.94
C LYS B 741 -31.26 16.32 -16.68
N SER B 742 -30.73 15.33 -15.94
CA SER B 742 -31.42 14.71 -14.77
C SER B 742 -31.42 15.64 -13.55
N GLY B 743 -30.52 16.62 -13.47
CA GLY B 743 -30.37 17.47 -12.27
C GLY B 743 -29.26 16.98 -11.34
N HIS B 744 -28.38 16.10 -11.82
CA HIS B 744 -27.17 15.64 -11.08
C HIS B 744 -26.06 16.68 -11.22
N GLN B 745 -25.46 17.09 -10.11
CA GLN B 745 -24.42 18.15 -10.06
C GLN B 745 -23.11 17.56 -10.58
N VAL B 746 -22.48 18.24 -11.55
CA VAL B 746 -21.22 17.83 -12.22
C VAL B 746 -20.04 18.71 -11.76
N ALA B 747 -20.28 19.97 -11.39
CA ALA B 747 -19.24 20.90 -10.87
C ALA B 747 -19.88 22.00 -9.99
N GLU B 748 -19.10 22.56 -9.06
CA GLU B 748 -19.50 23.79 -8.28
C GLU B 748 -18.31 24.72 -8.11
N SER B 749 -18.59 26.01 -7.87
CA SER B 749 -17.58 27.08 -7.65
CA SER B 749 -17.55 27.04 -7.61
C SER B 749 -18.13 28.13 -6.68
N VAL B 750 -17.24 28.92 -6.07
CA VAL B 750 -17.58 30.08 -5.20
C VAL B 750 -16.76 31.29 -5.65
N HIS B 751 -17.41 32.43 -5.89
CA HIS B 751 -16.75 33.70 -6.29
C HIS B 751 -17.00 34.79 -5.23
N PHE B 752 -15.95 35.49 -4.84
CA PHE B 752 -16.00 36.71 -4.00
C PHE B 752 -15.78 37.93 -4.90
N PHE B 753 -16.45 39.05 -4.58
CA PHE B 753 -16.52 40.27 -5.42
C PHE B 753 -15.43 41.29 -5.02
N ARG B 754 -14.80 41.13 -3.87
CA ARG B 754 -13.73 42.03 -3.39
C ARG B 754 -12.56 41.21 -2.83
N LYS B 755 -11.40 41.83 -2.75
CA LYS B 755 -10.18 41.24 -2.15
C LYS B 755 -10.49 40.91 -0.68
N THR B 756 -9.80 39.95 -0.09
CA THR B 756 -10.09 39.44 1.27
C THR B 756 -9.94 40.58 2.30
N LYS B 757 -8.94 41.46 2.20
CA LYS B 757 -8.76 42.57 3.19
C LYS B 757 -9.96 43.54 3.18
N ASP B 758 -10.78 43.53 2.14
CA ASP B 758 -11.96 44.42 1.96
C ASP B 758 -13.25 43.71 2.37
N LEU B 759 -13.24 42.40 2.69
CA LEU B 759 -14.47 41.68 3.10
C LEU B 759 -14.81 42.00 4.56
N GLN B 760 -16.11 42.09 4.88
CA GLN B 760 -16.62 42.25 6.27
C GLN B 760 -16.83 40.87 6.89
N LEU B 761 -15.73 40.23 7.28
CA LEU B 761 -15.75 38.84 7.80
C LEU B 761 -16.35 38.81 9.20
N PRO B 762 -17.37 37.97 9.46
CA PRO B 762 -18.03 37.93 10.77
C PRO B 762 -17.17 37.23 11.81
N PRO B 763 -17.42 37.45 13.13
CA PRO B 763 -16.67 36.77 14.20
C PRO B 763 -17.26 35.36 14.43
N THR B 764 -17.11 34.50 13.42
CA THR B 764 -17.78 33.17 13.35
C THR B 764 -17.22 32.23 14.43
N SER B 765 -18.09 31.32 14.85
CA SER B 765 -17.84 30.20 15.78
C SER B 765 -17.79 28.90 14.94
N VAL B 766 -16.60 28.28 14.82
CA VAL B 766 -16.38 27.00 14.09
C VAL B 766 -16.34 25.85 15.11
N SER B 767 -17.23 24.88 14.98
CA SER B 767 -17.28 23.67 15.85
C SER B 767 -16.99 22.42 14.99
N TYR B 768 -16.40 21.37 15.60
CA TYR B 768 -16.11 20.08 14.91
C TYR B 768 -16.33 18.89 15.88
N GLN B 769 -16.92 17.81 15.36
CA GLN B 769 -16.91 16.44 15.95
C GLN B 769 -15.76 15.66 15.30
N MET B 770 -15.13 14.73 16.05
CA MET B 770 -14.02 13.85 15.56
C MET B 770 -14.30 12.39 15.93
N LYS B 771 -14.27 11.51 14.93
CA LYS B 771 -14.33 10.02 15.03
C LYS B 771 -12.95 9.49 14.62
N GLN B 772 -12.16 8.97 15.57
CA GLN B 772 -10.77 8.48 15.37
C GLN B 772 -10.72 6.94 15.31
N THR B 773 -9.91 6.37 14.40
CA THR B 773 -9.61 4.91 14.27
C THR B 773 -8.11 4.70 14.02
N ASP B 774 -7.70 3.50 13.66
CA ASP B 774 -6.29 3.15 13.29
C ASP B 774 -6.01 3.77 11.93
N GLY B 775 -5.06 4.71 11.87
CA GLY B 775 -4.59 5.33 10.62
C GLY B 775 -5.52 6.37 10.05
N LYS B 776 -6.62 6.73 10.75
CA LYS B 776 -7.69 7.60 10.19
C LYS B 776 -8.40 8.39 11.30
N CYS B 777 -8.59 9.68 11.06
CA CYS B 777 -9.44 10.61 11.85
CA CYS B 777 -9.43 10.61 11.86
C CYS B 777 -10.48 11.22 10.92
N GLU B 778 -11.76 11.13 11.25
CA GLU B 778 -12.86 11.76 10.46
C GLU B 778 -13.37 12.98 11.22
N LEU B 779 -13.33 14.16 10.61
CA LEU B 779 -13.85 15.41 11.18
C LEU B 779 -15.15 15.79 10.47
N THR B 780 -16.11 16.34 11.21
CA THR B 780 -17.23 17.12 10.65
C THR B 780 -17.12 18.53 11.24
N LEU B 781 -16.97 19.55 10.38
CA LEU B 781 -16.90 20.97 10.79
C LEU B 781 -18.25 21.63 10.49
N PHE B 782 -18.68 22.57 11.33
CA PHE B 782 -19.91 23.35 11.09
C PHE B 782 -19.70 24.80 11.54
N SER B 783 -20.31 25.74 10.80
N SER B 783 -20.31 25.76 10.81
CA SER B 783 -20.45 27.16 11.20
CA SER B 783 -20.40 27.19 11.17
C SER B 783 -21.70 27.79 10.57
C SER B 783 -21.68 27.80 10.58
N SER B 784 -22.46 28.55 11.38
CA SER B 784 -23.68 29.27 10.94
C SER B 784 -23.28 30.49 10.11
N MET B 785 -22.00 30.87 10.14
CA MET B 785 -21.49 32.01 9.31
CA MET B 785 -21.45 32.02 9.37
C MET B 785 -20.19 31.61 8.58
N LEU B 786 -19.90 32.30 7.46
CA LEU B 786 -18.67 32.11 6.64
C LEU B 786 -17.44 32.09 7.53
N ALA B 787 -16.58 31.08 7.36
CA ALA B 787 -15.16 31.06 7.82
C ALA B 787 -14.28 30.95 6.56
N LYS B 788 -13.36 31.90 6.39
CA LYS B 788 -12.61 32.17 5.13
C LYS B 788 -11.28 31.37 5.14
N ASP B 789 -11.00 30.67 4.04
CA ASP B 789 -9.73 29.93 3.87
C ASP B 789 -9.33 29.15 5.14
N ILE B 790 -10.19 28.25 5.63
CA ILE B 790 -9.96 27.34 6.80
C ILE B 790 -8.69 26.50 6.59
N PHE B 791 -7.79 26.48 7.58
CA PHE B 791 -6.60 25.61 7.68
C PHE B 791 -6.71 24.72 8.94
N ILE B 792 -6.82 23.40 8.71
CA ILE B 792 -6.83 22.36 9.78
C ILE B 792 -5.39 21.89 9.96
N GLU B 793 -4.75 22.35 11.03
CA GLU B 793 -3.32 22.11 11.34
C GLU B 793 -3.24 20.97 12.37
N THR B 794 -2.43 19.94 12.10
CA THR B 794 -2.04 18.87 13.06
C THR B 794 -0.52 18.82 13.13
N PRO B 795 0.06 18.29 14.23
CA PRO B 795 1.51 18.28 14.40
C PRO B 795 2.22 17.09 13.74
N LEU B 796 1.47 16.20 13.06
CA LEU B 796 1.98 14.92 12.47
C LEU B 796 2.55 15.19 11.08
N GLN B 797 3.86 14.95 10.91
CA GLN B 797 4.54 15.14 9.62
C GLN B 797 3.91 14.22 8.58
N GLY B 798 3.62 14.72 7.37
CA GLY B 798 3.17 13.89 6.25
C GLY B 798 1.72 13.43 6.37
N ALA B 799 0.94 13.95 7.33
CA ALA B 799 -0.51 13.64 7.44
C ALA B 799 -1.19 14.06 6.13
N ARG B 800 -2.04 13.21 5.54
CA ARG B 800 -2.80 13.49 4.29
C ARG B 800 -4.27 13.86 4.60
N TYR B 801 -4.84 14.82 3.87
CA TYR B 801 -6.21 15.33 4.09
C TYR B 801 -7.04 15.10 2.82
N SER B 802 -8.27 14.62 2.95
CA SER B 802 -9.29 14.64 1.85
C SER B 802 -9.41 16.07 1.30
N ASP B 803 -9.33 17.08 2.17
CA ASP B 803 -9.40 18.51 1.74
C ASP B 803 -8.87 19.41 2.85
N ASN B 804 -8.46 20.60 2.48
CA ASN B 804 -7.87 21.61 3.39
C ASN B 804 -7.82 22.95 2.62
N PHE B 805 -7.65 24.04 3.35
CA PHE B 805 -7.52 25.41 2.77
C PHE B 805 -8.76 25.71 1.91
N PHE B 806 -9.95 25.52 2.47
CA PHE B 806 -11.25 25.75 1.79
C PHE B 806 -12.08 26.79 2.55
N ASP B 807 -13.03 27.44 1.90
CA ASP B 807 -14.03 28.30 2.61
C ASP B 807 -15.08 27.39 3.24
N LEU B 808 -15.40 27.58 4.52
CA LEU B 808 -16.52 26.87 5.20
C LEU B 808 -17.77 27.74 5.12
N LEU B 809 -18.79 27.32 4.37
CA LEU B 809 -19.93 28.21 3.98
C LEU B 809 -21.02 28.19 5.06
N PRO B 810 -21.73 29.33 5.25
CA PRO B 810 -22.75 29.46 6.29
C PRO B 810 -23.75 28.29 6.25
N GLY B 811 -23.85 27.55 7.35
CA GLY B 811 -24.83 26.46 7.57
C GLY B 811 -24.56 25.18 6.77
N GLU B 812 -23.41 25.05 6.08
CA GLU B 812 -23.08 23.88 5.20
C GLU B 812 -22.00 23.00 5.87
N ARG B 813 -22.44 21.89 6.50
CA ARG B 813 -21.65 20.76 7.06
C ARG B 813 -20.49 20.41 6.12
N LYS B 814 -19.28 20.17 6.62
CA LYS B 814 -18.13 19.69 5.79
C LYS B 814 -17.37 18.57 6.53
N LYS B 815 -17.14 17.44 5.86
CA LYS B 815 -16.46 16.24 6.42
C LYS B 815 -15.03 16.17 5.88
N VAL B 816 -14.03 16.03 6.74
CA VAL B 816 -12.61 15.94 6.29
C VAL B 816 -12.01 14.65 6.86
N ILE B 817 -11.31 13.86 6.03
CA ILE B 817 -10.59 12.63 6.50
C ILE B 817 -9.08 12.92 6.52
N ILE B 818 -8.42 12.66 7.64
CA ILE B 818 -6.94 12.78 7.84
C ILE B 818 -6.38 11.36 8.01
N THR B 819 -5.43 10.96 7.17
CA THR B 819 -4.73 9.64 7.29
C THR B 819 -3.23 9.82 7.58
N SER B 820 -2.70 8.87 8.36
CA SER B 820 -1.27 8.70 8.71
C SER B 820 -1.08 7.36 9.44
N PRO B 821 0.03 6.62 9.20
CA PRO B 821 0.32 5.41 9.97
C PRO B 821 0.54 5.64 11.48
N ARG B 822 0.83 6.89 11.87
N ARG B 822 0.84 6.88 11.88
CA ARG B 822 1.09 7.29 13.28
CA ARG B 822 1.09 7.25 13.30
C ARG B 822 -0.23 7.64 14.00
C ARG B 822 -0.23 7.63 14.00
N ILE B 823 -1.38 7.62 13.31
CA ILE B 823 -2.72 7.75 13.98
C ILE B 823 -3.12 6.36 14.54
N LYS B 824 -3.21 6.26 15.86
CA LYS B 824 -3.62 5.06 16.65
C LYS B 824 -4.91 5.35 17.43
N LYS B 825 -5.98 4.57 17.21
CA LYS B 825 -7.24 4.64 18.01
C LYS B 825 -6.89 4.78 19.50
N GLY B 826 -7.32 5.87 20.17
CA GLY B 826 -7.15 6.08 21.61
C GLY B 826 -5.87 6.82 21.98
N GLU B 827 -5.20 7.48 21.02
CA GLU B 827 -4.20 8.58 21.25
C GLU B 827 -4.65 9.79 20.42
N GLU B 828 -5.38 10.73 21.04
CA GLU B 828 -6.25 11.71 20.34
C GLU B 828 -5.40 12.73 19.58
N LEU B 829 -5.64 12.89 18.28
CA LEU B 829 -4.86 13.78 17.38
C LEU B 829 -5.12 15.25 17.76
N PRO B 830 -4.09 16.06 18.14
CA PRO B 830 -4.25 17.51 18.27
C PRO B 830 -4.62 18.17 16.93
N VAL B 831 -5.62 19.05 16.98
CA VAL B 831 -6.21 19.80 15.83
C VAL B 831 -6.28 21.28 16.23
N ASN B 832 -5.84 22.19 15.35
CA ASN B 832 -5.91 23.66 15.54
C ASN B 832 -6.44 24.24 14.21
N ILE B 833 -7.62 24.85 14.24
CA ILE B 833 -8.30 25.37 13.03
C ILE B 833 -8.07 26.88 12.96
N LYS B 834 -7.49 27.37 11.85
CA LYS B 834 -7.24 28.82 11.62
C LYS B 834 -8.19 29.26 10.50
N HIS B 835 -8.64 30.51 10.55
CA HIS B 835 -9.40 31.18 9.46
C HIS B 835 -9.05 32.66 9.51
N ILE B 836 -9.31 33.39 8.41
CA ILE B 836 -8.66 34.70 8.15
C ILE B 836 -9.10 35.73 9.22
N ARG B 837 -10.39 35.80 9.55
CA ARG B 837 -10.91 36.79 10.54
C ARG B 837 -10.07 36.72 11.83
N GLU B 838 -9.49 35.57 12.18
CA GLU B 838 -8.79 35.38 13.47
C GLU B 838 -7.39 36.00 13.43
N THR B 839 -6.93 36.55 12.32
CA THR B 839 -5.51 36.92 12.16
C THR B 839 -5.30 38.41 12.41
N TYR B 840 -6.36 39.18 12.68
CA TYR B 840 -6.23 40.63 12.92
C TYR B 840 -7.23 41.14 13.97
N LYS B 841 -6.88 42.31 14.49
CA LYS B 841 -7.62 43.07 15.52
C LYS B 841 -8.09 44.36 14.84
N LEU B 842 -9.41 44.58 14.75
CA LEU B 842 -9.99 45.90 14.35
C LEU B 842 -9.80 46.94 15.49
N GLU B 843 -9.50 48.19 15.14
CA GLU B 843 -9.34 49.34 16.10
C GLU B 843 -10.25 50.50 15.68
BR BR C . -36.54 -2.71 -1.37
BR BR D . -18.65 -4.58 7.48
BR BR E . -39.39 2.13 -2.27
BR BR F . -24.62 -34.29 5.12
BR BR G . -38.23 -13.14 -15.07
BR BR H . 16.55 -40.61 20.73
C1 EDO I . -16.94 -23.61 -8.10
O1 EDO I . -15.84 -23.43 -8.98
C2 EDO I . -16.92 -22.72 -6.91
O2 EDO I . -15.84 -22.99 -6.03
C1 EDO J . -14.54 -17.00 -8.48
O1 EDO J . -14.15 -15.88 -7.72
C2 EDO J . -15.78 -17.68 -8.06
O2 EDO J . -15.62 -18.45 -6.88
C1 EDO K . -4.99 -38.28 15.39
O1 EDO K . -3.87 -37.50 15.00
C2 EDO K . -5.23 -38.20 16.86
O2 EDO K . -6.32 -37.37 17.25
C1 EDO L . -27.30 7.03 28.92
O1 EDO L . -28.54 6.66 29.51
C2 EDO L . -26.23 6.06 29.23
O2 EDO L . -26.09 5.80 30.61
C1 EDO M . -19.50 -37.63 6.42
O1 EDO M . -20.75 -37.33 5.85
C2 EDO M . -18.36 -37.21 5.57
O2 EDO M . -17.81 -38.28 4.84
C1 EDO N . 17.77 -20.59 2.94
O1 EDO N . 18.85 -20.97 3.73
C2 EDO N . 18.17 -19.83 1.74
O2 EDO N . 17.07 -19.50 0.89
C1 EDO O . -38.08 -6.96 27.23
O1 EDO O . -37.46 -5.96 26.45
C2 EDO O . -37.12 -7.94 27.77
O2 EDO O . -36.25 -7.37 28.73
C1 EDO P . -4.57 -10.64 17.07
O1 EDO P . -4.36 -11.76 17.92
C2 EDO P . -5.86 -10.63 16.29
O2 EDO P . -7.04 -11.03 16.98
C1 EDO Q . -35.06 6.22 27.30
O1 EDO Q . -34.40 5.92 28.53
C2 EDO Q . -36.49 5.85 27.35
O2 EDO Q . -36.65 4.65 28.11
C1 EDO R . 12.83 -29.04 22.70
O1 EDO R . 11.85 -28.45 23.53
C2 EDO R . 13.61 -30.05 23.45
O2 EDO R . 13.65 -29.77 24.84
C1 EDO S . -17.29 -25.42 -11.47
O1 EDO S . -17.41 -24.28 -10.64
C2 EDO S . -15.89 -25.78 -11.76
O2 EDO S . -15.59 -25.83 -13.14
C1 EDO T . 2.65 -32.97 -7.96
O1 EDO T . 2.61 -31.57 -8.18
C2 EDO T . 1.35 -33.59 -7.64
O2 EDO T . 0.58 -33.87 -8.80
C1 EDO U . -30.02 -12.86 0.10
O1 EDO U . -30.34 -13.08 -1.26
C2 EDO U . -30.98 -13.53 1.00
O2 EDO U . -31.31 -12.76 2.14
C1 EDO V . -37.58 -16.74 -8.05
O1 EDO V . -36.19 -16.70 -7.86
C2 EDO V . -38.21 -15.51 -7.54
O2 EDO V . -39.57 -15.46 -7.89
C1 EDO W . -35.54 -20.99 -1.99
O1 EDO W . -35.59 -22.06 -2.93
C2 EDO W . -35.16 -21.45 -0.62
O2 EDO W . -34.78 -22.81 -0.59
CL CL X . -33.83 -34.13 30.97
CL CL Y . 24.40 -16.60 31.48
CL CL Z . 1.04 -24.05 -1.16
CL CL AA . 15.81 -29.88 18.01
CL CL BA . -32.43 0.48 -23.48
CL CL CA . 4.30 -20.49 43.46
NA NA DA . -22.22 -6.62 4.68
NA NA EA . 4.25 -30.93 2.70
C1 JIW FA . -10.80 -27.07 20.49
C2 JIW FA . -12.13 -26.39 20.23
C3 JIW FA . -12.99 -26.39 21.52
C4 JIW FA . -12.23 -25.67 22.63
C5 JIW FA . -10.83 -26.22 22.92
C6 JIW FA . -10.82 -27.51 23.79
C7 JIW FA . -10.04 -26.38 21.62
O8 JIW FA . -12.80 -26.98 19.08
O9 JIW FA . -13.37 -27.72 21.94
O10 JIW FA . -12.08 -24.29 22.25
O11 JIW FA . -9.53 -28.19 23.72
N12 JIW FA . -8.75 -27.13 21.83
C1 JIT GA . 14.25 30.29 -12.95
C2 JIT GA . 14.04 28.76 -12.76
C3 JIT GA . 15.01 28.13 -11.73
C4 JIT GA . 15.23 29.03 -10.51
C5 JIT GA . 14.22 30.20 -10.50
C6 JIT GA . 14.03 31.00 -9.21
C7 JIT GA . 14.52 31.12 -11.69
N8 JIT GA . 15.60 30.83 -12.68
O2 JIT GA . 14.12 28.14 -14.04
O3 JIT GA . 16.29 27.80 -12.34
O4 JIT GA . 15.13 28.25 -9.30
O6 JIT GA . 14.95 32.10 -9.09
BR BR HA . 34.48 -11.17 -19.31
BR BR IA . 18.18 22.86 -32.55
BR BR JA . -13.64 44.56 -11.07
BR BR KA . 18.41 3.32 -9.14
C1 EDO LA . 3.66 35.60 -20.92
O1 EDO LA . 2.87 35.10 -19.87
C2 EDO LA . 4.72 36.55 -20.48
O2 EDO LA . 5.65 36.04 -19.52
C1 EDO MA . 36.59 7.31 8.70
C1 EDO MA . 36.41 9.19 8.64
O1 EDO MA . 35.87 6.15 8.34
O1 EDO MA . 35.61 8.01 8.63
C2 EDO MA . 35.71 8.43 9.13
C2 EDO MA . 37.86 8.90 8.83
O2 EDO MA . 36.33 9.28 10.08
O2 EDO MA . 38.33 7.85 8.03
C1 EDO NA . -5.31 36.49 -5.42
O1 EDO NA . -4.56 36.99 -4.32
C2 EDO NA . -5.44 37.48 -6.52
O2 EDO NA . -6.05 36.96 -7.67
C1 EDO OA . 6.81 2.48 -26.10
O1 EDO OA . 6.54 2.51 -24.69
C2 EDO OA . 7.15 3.79 -26.73
O2 EDO OA . 8.30 4.39 -26.12
C1 EDO PA . -4.22 24.12 -30.71
O1 EDO PA . -5.39 23.34 -30.53
C2 EDO PA . -4.22 24.97 -31.95
O2 EDO PA . -3.26 26.02 -31.86
C1 EDO QA . 15.72 33.51 -24.96
O1 EDO QA . 15.56 34.03 -26.28
C2 EDO QA . 14.49 33.44 -24.13
O2 EDO QA . 14.13 34.62 -23.38
C1 EDO RA . 42.72 5.51 3.99
O1 EDO RA . 42.61 6.56 4.93
C2 EDO RA . 44.02 5.50 3.28
O2 EDO RA . 44.48 6.81 2.93
C1 EDO SA . -12.67 39.59 -7.33
C1 EDO SA . -12.31 40.55 -6.84
O1 EDO SA . -12.16 39.44 -8.63
O1 EDO SA . -11.59 41.56 -6.17
C2 EDO SA . -11.74 39.10 -6.28
C2 EDO SA . -11.46 39.37 -7.01
O2 EDO SA . -11.69 37.68 -6.22
O2 EDO SA . -10.35 39.43 -6.15
C1 EDO TA . 42.57 16.13 -6.70
O1 EDO TA . 42.63 15.25 -7.80
C2 EDO TA . 43.08 15.51 -5.46
O2 EDO TA . 42.91 14.11 -5.44
C1 EDO UA . 12.06 26.68 -32.46
O1 EDO UA . 11.51 25.91 -31.44
C2 EDO UA . 13.26 27.29 -31.91
O2 EDO UA . 14.40 26.53 -32.19
C1 EDO VA . -8.24 23.73 -20.99
O1 EDO VA . -8.08 22.85 -19.86
C2 EDO VA . -9.60 23.85 -21.59
O2 EDO VA . -10.20 22.68 -22.20
C1 EDO WA . 42.71 3.09 -17.05
O1 EDO WA . 43.23 4.24 -17.64
C2 EDO WA . 41.50 2.58 -17.72
O2 EDO WA . 41.77 1.87 -18.92
C1 EDO XA . 5.70 7.13 -34.25
O1 EDO XA . 7.03 6.76 -34.02
C2 EDO XA . 5.00 6.12 -35.05
O2 EDO XA . 3.64 6.44 -35.23
C1 EDO YA . 43.82 11.23 -10.90
O1 EDO YA . 44.16 9.94 -11.23
C2 EDO YA . 42.68 11.76 -11.65
O2 EDO YA . 41.60 12.15 -10.83
C1 EDO ZA . 11.39 12.85 6.11
O1 EDO ZA . 10.01 12.57 6.32
C2 EDO ZA . 11.77 12.89 4.68
O2 EDO ZA . 10.65 13.01 3.81
C1 EDO AB . 8.62 16.57 -1.28
O1 EDO AB . 8.49 17.99 -1.54
C2 EDO AB . 9.38 15.79 -2.37
O2 EDO AB . 10.66 16.31 -2.76
C1 EDO BB . 24.93 3.63 -24.03
O1 EDO BB . 26.17 3.91 -23.41
C2 EDO BB . 24.24 2.45 -23.46
O2 EDO BB . 22.99 2.74 -22.86
CL CL CB . 12.55 17.96 -33.21
CL CL DB . 22.37 26.19 14.89
CL CL EB . 36.81 38.15 -19.44
CL CL FB . 8.46 38.38 12.53
CL CL GB . -12.92 34.70 -5.58
CL CL HB . -16.45 31.97 -25.76
CL CL IB . 31.40 -6.50 -21.15
CL CL JB . 40.38 1.44 11.43
NA NA KB . -19.31 18.74 -7.93
N1 VKH LB . 13.38 32.27 -11.24
C2 VKH LB . 14.41 29.53 -12.64
C4 VKH LB . 14.57 29.60 -10.10
C5 VKH LB . 13.15 30.16 -10.05
C6 VKH LB . 13.07 31.08 -8.85
O2 VKH LB . 15.41 30.55 -12.87
C7 VKH LB . 12.71 30.92 -11.30
O6 VKH LB . 14.23 31.94 -8.81
O4 VKH LB . 14.78 28.79 -8.91
C3 VKH LB . 14.82 28.79 -11.36
O3 VKH LB . 16.23 28.50 -11.41
C1 VKH LB . 12.98 30.15 -12.61
#